data_1F7A
# 
_entry.id   1F7A 
# 
_audit_conform.dict_name       mmcif_pdbx.dic 
_audit_conform.dict_version    5.376 
_audit_conform.dict_location   http://mmcif.pdb.org/dictionaries/ascii/mmcif_pdbx.dic 
# 
loop_
_database_2.database_id 
_database_2.database_code 
_database_2.pdbx_database_accession 
_database_2.pdbx_DOI 
PDB   1F7A         pdb_00001f7a 10.2210/pdb1f7a/pdb 
RCSB  RCSB011331   ?            ?                   
WWPDB D_1000011331 ?            ?                   
# 
_pdbx_database_status.status_code                     REL 
_pdbx_database_status.entry_id                        1F7A 
_pdbx_database_status.recvd_initial_deposition_date   2000-06-26 
_pdbx_database_status.deposit_site                    RCSB 
_pdbx_database_status.process_site                    RCSB 
_pdbx_database_status.SG_entry                        . 
_pdbx_database_status.status_code_sf                  ? 
_pdbx_database_status.status_code_mr                  ? 
_pdbx_database_status.pdb_format_compatible           Y 
_pdbx_database_status.status_code_cs                  ? 
_pdbx_database_status.status_code_nmr_data            ? 
_pdbx_database_status.methods_development_category    ? 
# 
_audit_author.name           'Schiffer, C.A.' 
_audit_author.pdbx_ordinal   1 
# 
_citation.id                        primary 
_citation.title                     
'How does a symmetric dimer recognize an asymmetric substrate? A substrate complex of HIV-1 protease.' 
_citation.journal_abbrev            J.Mol.Biol. 
_citation.journal_volume            301 
_citation.page_first                1207 
_citation.page_last                 1220 
_citation.year                      2000 
_citation.journal_id_ASTM           JMOBAK 
_citation.country                   UK 
_citation.journal_id_ISSN           0022-2836 
_citation.journal_id_CSD            0070 
_citation.book_publisher            ? 
_citation.pdbx_database_id_PubMed   10966816 
_citation.pdbx_database_id_DOI      10.1006/jmbi.2000.4018 
# 
loop_
_citation_author.citation_id 
_citation_author.name 
_citation_author.ordinal 
_citation_author.identifier_ORCID 
primary 'Prabu-Jeyabalan, M.' 1 ? 
primary 'Nalivaika, E.'       2 ? 
primary 'Schiffer, C.A.'      3 ? 
# 
_cell.entry_id           1F7A 
_cell.length_a           51.615 
_cell.length_b           59.043 
_cell.length_c           61.351 
_cell.angle_alpha        90.00 
_cell.angle_beta         90.00 
_cell.angle_gamma        90.00 
_cell.Z_PDB              8 
_cell.pdbx_unique_axis   ? 
_cell.length_a_esd       ? 
_cell.length_b_esd       ? 
_cell.length_c_esd       ? 
_cell.angle_alpha_esd    ? 
_cell.angle_beta_esd     ? 
_cell.angle_gamma_esd    ? 
# 
_symmetry.entry_id                         1F7A 
_symmetry.space_group_name_H-M             'P 21 21 21' 
_symmetry.pdbx_full_space_group_name_H-M   ? 
_symmetry.cell_setting                     ? 
_symmetry.Int_Tables_number                19 
_symmetry.space_group_name_Hall            ? 
# 
loop_
_entity.id 
_entity.type 
_entity.src_method 
_entity.pdbx_description 
_entity.formula_weight 
_entity.pdbx_number_of_molecules 
_entity.pdbx_ec 
_entity.pdbx_mutation 
_entity.pdbx_fragment 
_entity.details 
1 polymer     man 'POL POLYPROTEIN' 10800.777 2  3.4.23.16 'Q7K D25N' 'HIV-1 PROTEASE'  ? 
2 polymer     syn 'CA-P2 SUBSTRATE' 1077.298  1  ?         ?          'CA-P2 SUBSTRATE' ? 
3 non-polymer syn 'ACETATE ION'     59.044    6  ?         ?          ?                 ? 
4 water       nat water             18.015    96 ?         ?          ?                 ? 
# 
loop_
_entity_poly.entity_id 
_entity_poly.type 
_entity_poly.nstd_linkage 
_entity_poly.nstd_monomer 
_entity_poly.pdbx_seq_one_letter_code 
_entity_poly.pdbx_seq_one_letter_code_can 
_entity_poly.pdbx_strand_id 
_entity_poly.pdbx_target_identifier 
1 'polypeptide(L)' no no 
;PQITLWKRPLVTIRIGGQLKEALLNTGADDTVLEEMNLPGKWKPKMIGGIGGFIKVRQYDQIPVEICGHKAIGTVLVGPT
PVNIIGRNLLTQIGCTLNF
;
;PQITLWKRPLVTIRIGGQLKEALLNTGADDTVLEEMNLPGKWKPKMIGGIGGFIKVRQYDQIPVEICGHKAIGTVLVGPT
PVNIIGRNLLTQIGCTLNF
;
A,B ? 
2 'polypeptide(L)' no no KARVLAEAMS                                                                                             
KARVLAEAMS                                                                                             P   ? 
# 
loop_
_entity_poly_seq.entity_id 
_entity_poly_seq.num 
_entity_poly_seq.mon_id 
_entity_poly_seq.hetero 
1 1  PRO n 
1 2  GLN n 
1 3  ILE n 
1 4  THR n 
1 5  LEU n 
1 6  TRP n 
1 7  LYS n 
1 8  ARG n 
1 9  PRO n 
1 10 LEU n 
1 11 VAL n 
1 12 THR n 
1 13 ILE n 
1 14 ARG n 
1 15 ILE n 
1 16 GLY n 
1 17 GLY n 
1 18 GLN n 
1 19 LEU n 
1 20 LYS n 
1 21 GLU n 
1 22 ALA n 
1 23 LEU n 
1 24 LEU n 
1 25 ASN n 
1 26 THR n 
1 27 GLY n 
1 28 ALA n 
1 29 ASP n 
1 30 ASP n 
1 31 THR n 
1 32 VAL n 
1 33 LEU n 
1 34 GLU n 
1 35 GLU n 
1 36 MET n 
1 37 ASN n 
1 38 LEU n 
1 39 PRO n 
1 40 GLY n 
1 41 LYS n 
1 42 TRP n 
1 43 LYS n 
1 44 PRO n 
1 45 LYS n 
1 46 MET n 
1 47 ILE n 
1 48 GLY n 
1 49 GLY n 
1 50 ILE n 
1 51 GLY n 
1 52 GLY n 
1 53 PHE n 
1 54 ILE n 
1 55 LYS n 
1 56 VAL n 
1 57 ARG n 
1 58 GLN n 
1 59 TYR n 
1 60 ASP n 
1 61 GLN n 
1 62 ILE n 
1 63 PRO n 
1 64 VAL n 
1 65 GLU n 
1 66 ILE n 
1 67 CYS n 
1 68 GLY n 
1 69 HIS n 
1 70 LYS n 
1 71 ALA n 
1 72 ILE n 
1 73 GLY n 
1 74 THR n 
1 75 VAL n 
1 76 LEU n 
1 77 VAL n 
1 78 GLY n 
1 79 PRO n 
1 80 THR n 
1 81 PRO n 
1 82 VAL n 
1 83 ASN n 
1 84 ILE n 
1 85 ILE n 
1 86 GLY n 
1 87 ARG n 
1 88 ASN n 
1 89 LEU n 
1 90 LEU n 
1 91 THR n 
1 92 GLN n 
1 93 ILE n 
1 94 GLY n 
1 95 CYS n 
1 96 THR n 
1 97 LEU n 
1 98 ASN n 
1 99 PHE n 
2 1  LYS n 
2 2  ALA n 
2 3  ARG n 
2 4  VAL n 
2 5  LEU n 
2 6  ALA n 
2 7  GLU n 
2 8  ALA n 
2 9  MET n 
2 10 SER n 
# 
_entity_src_gen.entity_id                          1 
_entity_src_gen.pdbx_src_id                        1 
_entity_src_gen.pdbx_alt_source_flag               sample 
_entity_src_gen.pdbx_seq_type                      ? 
_entity_src_gen.pdbx_beg_seq_num                   ? 
_entity_src_gen.pdbx_end_seq_num                   ? 
_entity_src_gen.gene_src_common_name               ? 
_entity_src_gen.gene_src_genus                     Lentivirus 
_entity_src_gen.pdbx_gene_src_gene                 ? 
_entity_src_gen.gene_src_species                   ? 
_entity_src_gen.gene_src_strain                    ? 
_entity_src_gen.gene_src_tissue                    ? 
_entity_src_gen.gene_src_tissue_fraction           ? 
_entity_src_gen.gene_src_details                   ? 
_entity_src_gen.pdbx_gene_src_fragment             ? 
_entity_src_gen.pdbx_gene_src_scientific_name      'Human immunodeficiency virus 1' 
_entity_src_gen.pdbx_gene_src_ncbi_taxonomy_id     11676 
_entity_src_gen.pdbx_gene_src_variant              ? 
_entity_src_gen.pdbx_gene_src_cell_line            ? 
_entity_src_gen.pdbx_gene_src_atcc                 ? 
_entity_src_gen.pdbx_gene_src_organ                ? 
_entity_src_gen.pdbx_gene_src_organelle            ? 
_entity_src_gen.pdbx_gene_src_cell                 ? 
_entity_src_gen.pdbx_gene_src_cellular_location    ? 
_entity_src_gen.host_org_common_name               ? 
_entity_src_gen.pdbx_host_org_scientific_name      'Escherichia coli' 
_entity_src_gen.pdbx_host_org_ncbi_taxonomy_id     562 
_entity_src_gen.host_org_genus                     Escherichia 
_entity_src_gen.pdbx_host_org_gene                 ? 
_entity_src_gen.pdbx_host_org_organ                ? 
_entity_src_gen.host_org_species                   ? 
_entity_src_gen.pdbx_host_org_tissue               ? 
_entity_src_gen.pdbx_host_org_tissue_fraction      ? 
_entity_src_gen.pdbx_host_org_strain               ? 
_entity_src_gen.pdbx_host_org_variant              ? 
_entity_src_gen.pdbx_host_org_cell_line            ? 
_entity_src_gen.pdbx_host_org_atcc                 ? 
_entity_src_gen.pdbx_host_org_culture_collection   ? 
_entity_src_gen.pdbx_host_org_cell                 ? 
_entity_src_gen.pdbx_host_org_organelle            ? 
_entity_src_gen.pdbx_host_org_cellular_location    ? 
_entity_src_gen.pdbx_host_org_vector_type          ? 
_entity_src_gen.pdbx_host_org_vector               ? 
_entity_src_gen.host_org_details                   ? 
_entity_src_gen.expression_system_id               ? 
_entity_src_gen.plasmid_name                       ? 
_entity_src_gen.plasmid_details                    ? 
_entity_src_gen.pdbx_description                   ? 
# 
_pdbx_entity_src_syn.entity_id              2 
_pdbx_entity_src_syn.pdbx_src_id            1 
_pdbx_entity_src_syn.pdbx_alt_source_flag   sample 
_pdbx_entity_src_syn.pdbx_beg_seq_num       ? 
_pdbx_entity_src_syn.pdbx_end_seq_num       ? 
_pdbx_entity_src_syn.organism_scientific    ? 
_pdbx_entity_src_syn.organism_common_name   ? 
_pdbx_entity_src_syn.ncbi_taxonomy_id       ? 
_pdbx_entity_src_syn.details                'This peptide was chemically synthesized.' 
# 
loop_
_struct_ref.id 
_struct_ref.db_name 
_struct_ref.db_code 
_struct_ref.entity_id 
_struct_ref.pdbx_seq_one_letter_code 
_struct_ref.pdbx_align_begin 
_struct_ref.pdbx_db_accession 
_struct_ref.pdbx_db_isoform 
1 UNP POL_HV1A2 1 ? ? P03369 ? 
2 PDB 1F7A      2 ? ? 1F7A   ? 
# 
loop_
_struct_ref_seq.align_id 
_struct_ref_seq.ref_id 
_struct_ref_seq.pdbx_PDB_id_code 
_struct_ref_seq.pdbx_strand_id 
_struct_ref_seq.seq_align_beg 
_struct_ref_seq.pdbx_seq_align_beg_ins_code 
_struct_ref_seq.seq_align_end 
_struct_ref_seq.pdbx_seq_align_end_ins_code 
_struct_ref_seq.pdbx_db_accession 
_struct_ref_seq.db_align_beg 
_struct_ref_seq.pdbx_db_align_beg_ins_code 
_struct_ref_seq.db_align_end 
_struct_ref_seq.pdbx_db_align_end_ins_code 
_struct_ref_seq.pdbx_auth_seq_align_beg 
_struct_ref_seq.pdbx_auth_seq_align_end 
1 1 1F7A A 1 ? 99 ? P03369 57 ? 155 ? 1 99 
2 1 1F7A B 1 ? 99 ? P03369 57 ? 155 ? 1 99 
3 2 1F7A P 1 ? 10 ? 1F7A   1  ? 10  ? 1 10 
# 
loop_
_struct_ref_seq_dif.align_id 
_struct_ref_seq_dif.pdbx_pdb_id_code 
_struct_ref_seq_dif.mon_id 
_struct_ref_seq_dif.pdbx_pdb_strand_id 
_struct_ref_seq_dif.seq_num 
_struct_ref_seq_dif.pdbx_pdb_ins_code 
_struct_ref_seq_dif.pdbx_seq_db_name 
_struct_ref_seq_dif.pdbx_seq_db_accession_code 
_struct_ref_seq_dif.db_mon_id 
_struct_ref_seq_dif.pdbx_seq_db_seq_num 
_struct_ref_seq_dif.details 
_struct_ref_seq_dif.pdbx_auth_seq_num 
_struct_ref_seq_dif.pdbx_ordinal 
1 1F7A LYS A 7  ? UNP P03369 GLN 63 'engineered mutation' 7  1 
2 1F7A LYS B 7  ? UNP P03369 GLN 63 'engineered mutation' 7  2 
1 1F7A ASN A 25 ? UNP P03369 ASP 81 'engineered mutation' 25 3 
2 1F7A ASN B 25 ? UNP P03369 ASP 81 'engineered mutation' 25 4 
# 
loop_
_chem_comp.id 
_chem_comp.type 
_chem_comp.mon_nstd_flag 
_chem_comp.name 
_chem_comp.pdbx_synonyms 
_chem_comp.formula 
_chem_comp.formula_weight 
ACT non-polymer         . 'ACETATE ION'   ? 'C2 H3 O2 -1'    59.044  
ALA 'L-peptide linking' y ALANINE         ? 'C3 H7 N O2'     89.093  
ARG 'L-peptide linking' y ARGININE        ? 'C6 H15 N4 O2 1' 175.209 
ASN 'L-peptide linking' y ASPARAGINE      ? 'C4 H8 N2 O3'    132.118 
ASP 'L-peptide linking' y 'ASPARTIC ACID' ? 'C4 H7 N O4'     133.103 
CYS 'L-peptide linking' y CYSTEINE        ? 'C3 H7 N O2 S'   121.158 
GLN 'L-peptide linking' y GLUTAMINE       ? 'C5 H10 N2 O3'   146.144 
GLU 'L-peptide linking' y 'GLUTAMIC ACID' ? 'C5 H9 N O4'     147.129 
GLY 'peptide linking'   y GLYCINE         ? 'C2 H5 N O2'     75.067  
HIS 'L-peptide linking' y HISTIDINE       ? 'C6 H10 N3 O2 1' 156.162 
HOH non-polymer         . WATER           ? 'H2 O'           18.015  
ILE 'L-peptide linking' y ISOLEUCINE      ? 'C6 H13 N O2'    131.173 
LEU 'L-peptide linking' y LEUCINE         ? 'C6 H13 N O2'    131.173 
LYS 'L-peptide linking' y LYSINE          ? 'C6 H15 N2 O2 1' 147.195 
MET 'L-peptide linking' y METHIONINE      ? 'C5 H11 N O2 S'  149.211 
PHE 'L-peptide linking' y PHENYLALANINE   ? 'C9 H11 N O2'    165.189 
PRO 'L-peptide linking' y PROLINE         ? 'C5 H9 N O2'     115.130 
SER 'L-peptide linking' y SERINE          ? 'C3 H7 N O3'     105.093 
THR 'L-peptide linking' y THREONINE       ? 'C4 H9 N O3'     119.119 
TRP 'L-peptide linking' y TRYPTOPHAN      ? 'C11 H12 N2 O2'  204.225 
TYR 'L-peptide linking' y TYROSINE        ? 'C9 H11 N O3'    181.189 
VAL 'L-peptide linking' y VALINE          ? 'C5 H11 N O2'    117.146 
# 
_exptl.entry_id          1F7A 
_exptl.method            'X-RAY DIFFRACTION' 
_exptl.crystals_number   1 
# 
_exptl_crystal.id                    1 
_exptl_crystal.density_meas          ? 
_exptl_crystal.density_percent_sol   40.28 
_exptl_crystal.density_Matthews      2.06 
_exptl_crystal.description           ? 
_exptl_crystal.F_000                 ? 
_exptl_crystal.preparation           ? 
# 
_diffrn.id                     1 
_diffrn.ambient_temp           298 
_diffrn.ambient_temp_details   ? 
_diffrn.crystal_id             1 
# 
_diffrn_detector.diffrn_id              1 
_diffrn_detector.detector               'IMAGE PLATE' 
_diffrn_detector.type                   'RIGAKU RAXIS IV' 
_diffrn_detector.pdbx_collection_date   1998-12-01 
_diffrn_detector.details                ? 
# 
_diffrn_radiation.diffrn_id                        1 
_diffrn_radiation.wavelength_id                    1 
_diffrn_radiation.pdbx_monochromatic_or_laue_m_l   M 
_diffrn_radiation.monochromator                    ? 
_diffrn_radiation.pdbx_diffrn_protocol             'SINGLE WAVELENGTH' 
_diffrn_radiation.pdbx_scattering_type             x-ray 
# 
_diffrn_radiation_wavelength.id           1 
_diffrn_radiation_wavelength.wavelength   1.5418 
_diffrn_radiation_wavelength.wt           1.0 
# 
_diffrn_source.diffrn_id                   1 
_diffrn_source.source                      'ROTATING ANODE' 
_diffrn_source.type                        RIGAKU 
_diffrn_source.pdbx_synchrotron_site       ? 
_diffrn_source.pdbx_synchrotron_beamline   ? 
_diffrn_source.pdbx_wavelength             1.5418 
_diffrn_source.pdbx_wavelength_list        1.5418 
# 
_reflns.entry_id                     1F7A 
_reflns.observed_criterion_sigma_I   ? 
_reflns.observed_criterion_sigma_F   ? 
_reflns.d_resolution_low             50.0 
_reflns.d_resolution_high            2.0 
_reflns.number_obs                   12474 
_reflns.number_all                   49525 
_reflns.percent_possible_obs         94.3 
_reflns.pdbx_Rmerge_I_obs            0.0480000 
_reflns.pdbx_Rsym_value              ? 
_reflns.pdbx_netI_over_sigmaI        15.4 
_reflns.B_iso_Wilson_estimate        20.6 
_reflns.pdbx_redundancy              5 
_reflns.R_free_details               ? 
_reflns.limit_h_max                  ? 
_reflns.limit_h_min                  ? 
_reflns.limit_k_max                  ? 
_reflns.limit_k_min                  ? 
_reflns.limit_l_max                  ? 
_reflns.limit_l_min                  ? 
_reflns.observed_criterion_F_max     ? 
_reflns.observed_criterion_F_min     ? 
_reflns.pdbx_chi_squared             ? 
_reflns.pdbx_scaling_rejects         ? 
_reflns.pdbx_diffrn_id               1 
_reflns.pdbx_ordinal                 1 
# 
_reflns_shell.d_res_high             2.00 
_reflns_shell.d_res_low              2.05 
_reflns_shell.percent_possible_all   84. 
_reflns_shell.Rmerge_I_obs           0.2130000 
_reflns_shell.pdbx_Rsym_value        21.3000000 
_reflns_shell.meanI_over_sigI_obs    ? 
_reflns_shell.pdbx_redundancy        5 
_reflns_shell.percent_possible_obs   ? 
_reflns_shell.number_unique_all      738 
_reflns_shell.number_measured_all    ? 
_reflns_shell.number_measured_obs    ? 
_reflns_shell.number_unique_obs      ? 
_reflns_shell.pdbx_chi_squared       ? 
_reflns_shell.pdbx_diffrn_id         ? 
_reflns_shell.pdbx_ordinal           1 
# 
_refine.entry_id                                 1F7A 
_refine.ls_number_reflns_obs                     12095 
_refine.ls_number_reflns_all                     0 
_refine.pdbx_ls_sigma_I                          0 
_refine.pdbx_ls_sigma_F                          0.0 
_refine.pdbx_data_cutoff_high_absF               304680.17 
_refine.pdbx_data_cutoff_low_absF                0.00 
_refine.ls_d_res_low                             26.37 
_refine.ls_d_res_high                            2.00 
_refine.ls_percent_reflns_obs                    91.7 
_refine.ls_R_factor_obs                          ? 
_refine.ls_R_factor_all                          ? 
_refine.ls_R_factor_R_work                       0.1970000 
_refine.ls_R_factor_R_free                       0.2330000 
_refine.ls_R_factor_R_free_error                 0.007 
_refine.ls_R_factor_R_free_error_details         ? 
_refine.ls_percent_reflns_R_free                 10.4 
_refine.ls_number_reflns_R_free                  1254 
_refine.ls_number_parameters                     ? 
_refine.ls_number_restraints                     ? 
_refine.occupancy_min                            ? 
_refine.occupancy_max                            ? 
_refine.B_iso_mean                               32.9 
_refine.aniso_B[1][1]                            -3.76 
_refine.aniso_B[2][2]                            -2.93 
_refine.aniso_B[3][3]                            6.69 
_refine.aniso_B[1][2]                            0.00 
_refine.aniso_B[1][3]                            0.00 
_refine.aniso_B[2][3]                            0.00 
_refine.solvent_model_details                    'FLAT MODEL' 
_refine.solvent_model_param_ksol                 0.349 
_refine.solvent_model_param_bsol                 74.89 
_refine.pdbx_ls_cross_valid_method               THROUGHOUT 
_refine.details                                  ? 
_refine.pdbx_starting_model                      1MTR 
_refine.pdbx_method_to_determine_struct          'MOLECULAR REPLACEMENT' 
_refine.pdbx_isotropic_thermal_model             RESTRAINED 
_refine.pdbx_stereochemistry_target_values       ? 
_refine.pdbx_stereochem_target_val_spec_case     ? 
_refine.pdbx_R_Free_selection_details            RANDOM 
_refine.pdbx_overall_ESU_R_Free                  ? 
_refine.overall_SU_B                             ? 
_refine.ls_redundancy_reflns_obs                 ? 
_refine.B_iso_min                                ? 
_refine.B_iso_max                                ? 
_refine.overall_SU_ML                            ? 
_refine.pdbx_overall_ESU_R                       ? 
_refine.pdbx_data_cutoff_high_rms_absF           ? 
_refine.correlation_coeff_Fo_to_Fc               ? 
_refine.correlation_coeff_Fo_to_Fc_free          ? 
_refine.overall_SU_R_Cruickshank_DPI             ? 
_refine.overall_SU_R_free                        ? 
_refine.pdbx_overall_phase_error                 ? 
_refine.pdbx_solvent_vdw_probe_radii             ? 
_refine.pdbx_solvent_ion_probe_radii             ? 
_refine.pdbx_solvent_shrinkage_radii             ? 
_refine.ls_wR_factor_R_free                      ? 
_refine.ls_wR_factor_R_work                      ? 
_refine.overall_FOM_free_R_set                   ? 
_refine.overall_FOM_work_R_set                   ? 
_refine.pdbx_refine_id                           'X-RAY DIFFRACTION' 
_refine.pdbx_diffrn_id                           1 
_refine.pdbx_TLS_residual_ADP_flag               ? 
_refine.pdbx_overall_SU_R_free_Cruickshank_DPI   ? 
_refine.pdbx_overall_SU_R_Blow_DPI               ? 
_refine.pdbx_overall_SU_R_free_Blow_DPI          ? 
# 
_refine_analyze.entry_id                        1F7A 
_refine_analyze.Luzzati_coordinate_error_obs    0.23 
_refine_analyze.Luzzati_sigma_a_obs             0.17 
_refine_analyze.Luzzati_d_res_low_obs           5.00 
_refine_analyze.Luzzati_coordinate_error_free   0.28 
_refine_analyze.Luzzati_sigma_a_free            0.26 
_refine_analyze.Luzzati_d_res_low_free          ? 
_refine_analyze.number_disordered_residues      ? 
_refine_analyze.occupancy_sum_hydrogen          ? 
_refine_analyze.occupancy_sum_non_hydrogen      ? 
_refine_analyze.pdbx_Luzzati_d_res_high_obs     ? 
_refine_analyze.pdbx_refine_id                  'X-RAY DIFFRACTION' 
# 
_refine_hist.pdbx_refine_id                   'X-RAY DIFFRACTION' 
_refine_hist.cycle_id                         LAST 
_refine_hist.pdbx_number_atoms_protein        1567 
_refine_hist.pdbx_number_atoms_nucleic_acid   0 
_refine_hist.pdbx_number_atoms_ligand         24 
_refine_hist.number_atoms_solvent             96 
_refine_hist.number_atoms_total               1687 
_refine_hist.d_res_high                       2.00 
_refine_hist.d_res_low                        26.37 
# 
loop_
_refine_ls_restr.type 
_refine_ls_restr.dev_ideal 
_refine_ls_restr.dev_ideal_target 
_refine_ls_restr.weight 
_refine_ls_restr.number 
_refine_ls_restr.pdbx_refine_id 
_refine_ls_restr.pdbx_restraint_function 
c_bond_d           0.005 ? ? ? 'X-RAY DIFFRACTION' ? 
c_angle_deg        1.3   ? ? ? 'X-RAY DIFFRACTION' ? 
c_dihedral_angle_d 26.2  ? ? ? 'X-RAY DIFFRACTION' ? 
c_improper_angle_d 0.86  ? ? ? 'X-RAY DIFFRACTION' ? 
# 
_refine_ls_shell.pdbx_total_number_of_bins_used   6 
_refine_ls_shell.d_res_high                       2.0 
_refine_ls_shell.d_res_low                        2.1 
_refine_ls_shell.number_reflns_R_work             1606 
_refine_ls_shell.R_factor_R_work                  0.239 
_refine_ls_shell.percent_reflns_obs               82.9 
_refine_ls_shell.R_factor_R_free                  0.333 
_refine_ls_shell.R_factor_R_free_error            0.024 
_refine_ls_shell.percent_reflns_R_free            10.4 
_refine_ls_shell.number_reflns_R_free             187 
_refine_ls_shell.redundancy_reflns_obs            ? 
_refine_ls_shell.number_reflns_all                ? 
_refine_ls_shell.number_reflns_obs                ? 
_refine_ls_shell.R_factor_all                     ? 
_refine_ls_shell.pdbx_refine_id                   'X-RAY DIFFRACTION' 
# 
loop_
_pdbx_xplor_file.serial_no 
_pdbx_xplor_file.param_file 
_pdbx_xplor_file.topol_file 
_pdbx_xplor_file.pdbx_refine_id 
1 PROTEIN_REP.PARAM PROTEIN.TOP 'X-RAY DIFFRACTION' 
2 WATER_REP.PARAM   WATER.TOP   'X-RAY DIFFRACTION' 
3 ION.PARAM         ION.TOP     'X-RAY DIFFRACTION' 
4 ACE.PARAM         ACE.TOP     'X-RAY DIFFRACTION' 
# 
_struct.entry_id                  1F7A 
_struct.title                     
'HOW DOES A SYMMETRIC DIMER RECOGNIZE AN ASYMMETRIC SUBSTRATE? A SUBSTRATE COMPLEX OF HIV-1 PROTEASE.' 
_struct.pdbx_model_details        ? 
_struct.pdbx_CASP_flag            ? 
_struct.pdbx_model_type_details   ? 
# 
_struct_keywords.entry_id        1F7A 
_struct_keywords.pdbx_keywords   HYDROLASE 
_struct_keywords.text            'CAPSID, SUBSTRATE RECOGNITION, HYDROLASE' 
# 
loop_
_struct_asym.id 
_struct_asym.pdbx_blank_PDB_chainid_flag 
_struct_asym.pdbx_modified 
_struct_asym.entity_id 
_struct_asym.details 
A N N 1 ? 
B N N 1 ? 
C N N 2 ? 
D N N 3 ? 
E N N 3 ? 
F N N 3 ? 
G N N 3 ? 
H N N 3 ? 
I N N 3 ? 
J N N 4 ? 
K N N 4 ? 
L N N 4 ? 
# 
_struct_biol.id                    1 
_struct_biol.pdbx_parent_biol_id   ? 
_struct_biol.details               ? 
# 
loop_
_struct_conf.conf_type_id 
_struct_conf.id 
_struct_conf.pdbx_PDB_helix_id 
_struct_conf.beg_label_comp_id 
_struct_conf.beg_label_asym_id 
_struct_conf.beg_label_seq_id 
_struct_conf.pdbx_beg_PDB_ins_code 
_struct_conf.end_label_comp_id 
_struct_conf.end_label_asym_id 
_struct_conf.end_label_seq_id 
_struct_conf.pdbx_end_PDB_ins_code 
_struct_conf.beg_auth_comp_id 
_struct_conf.beg_auth_asym_id 
_struct_conf.beg_auth_seq_id 
_struct_conf.end_auth_comp_id 
_struct_conf.end_auth_asym_id 
_struct_conf.end_auth_seq_id 
_struct_conf.pdbx_PDB_helix_class 
_struct_conf.details 
_struct_conf.pdbx_PDB_helix_length 
HELX_P HELX_P1 1 GLY A 86 ? THR A 91 ? GLY A 86 THR A 91 1 ? 6 
HELX_P HELX_P2 2 GLN A 92 ? GLY A 94 ? GLN A 92 GLY A 94 5 ? 3 
HELX_P HELX_P3 3 GLY B 86 ? THR B 91 ? GLY B 86 THR B 91 1 ? 6 
# 
_struct_conf_type.id          HELX_P 
_struct_conf_type.criteria    ? 
_struct_conf_type.reference   ? 
# 
loop_
_struct_sheet.id 
_struct_sheet.type 
_struct_sheet.number_strands 
_struct_sheet.details 
A ? 9 ? 
B ? 8 ? 
# 
loop_
_struct_sheet_order.sheet_id 
_struct_sheet_order.range_id_1 
_struct_sheet_order.range_id_2 
_struct_sheet_order.offset 
_struct_sheet_order.sense 
A 1 2 ? anti-parallel 
A 2 3 ? anti-parallel 
A 3 4 ? anti-parallel 
A 4 5 ? parallel      
A 5 6 ? anti-parallel 
A 6 7 ? parallel      
A 7 8 ? anti-parallel 
A 8 9 ? anti-parallel 
B 1 2 ? anti-parallel 
B 2 3 ? parallel      
B 3 4 ? anti-parallel 
B 4 5 ? parallel      
B 5 6 ? anti-parallel 
B 6 7 ? anti-parallel 
B 7 8 ? anti-parallel 
# 
loop_
_struct_sheet_range.sheet_id 
_struct_sheet_range.id 
_struct_sheet_range.beg_label_comp_id 
_struct_sheet_range.beg_label_asym_id 
_struct_sheet_range.beg_label_seq_id 
_struct_sheet_range.pdbx_beg_PDB_ins_code 
_struct_sheet_range.end_label_comp_id 
_struct_sheet_range.end_label_asym_id 
_struct_sheet_range.end_label_seq_id 
_struct_sheet_range.pdbx_end_PDB_ins_code 
_struct_sheet_range.beg_auth_comp_id 
_struct_sheet_range.beg_auth_asym_id 
_struct_sheet_range.beg_auth_seq_id 
_struct_sheet_range.end_auth_comp_id 
_struct_sheet_range.end_auth_asym_id 
_struct_sheet_range.end_auth_seq_id 
A 1 LYS B 43 ? GLY B 49 ? LYS B 43 GLY B 49 
A 2 GLY B 52 ? ILE B 66 ? GLY B 52 ILE B 66 
A 3 LEU B 10 ? ILE B 15 ? LEU B 10 ILE B 15 
A 4 GLN B 18 ? LEU B 24 ? GLN B 18 LEU B 24 
A 5 ILE B 84 ? ILE B 85 ? ILE B 84 ILE B 85 
A 6 VAL B 32 ? LEU B 33 ? VAL B 32 LEU B 33 
A 7 HIS B 69 ? VAL B 77 ? HIS B 69 VAL B 77 
A 8 GLY B 52 ? ILE B 66 ? GLY B 52 ILE B 66 
A 9 LYS B 43 ? GLY B 49 ? LYS B 43 GLY B 49 
B 1 GLY A 52 ? ILE A 66 ? GLY A 52 ILE A 66 
B 2 HIS A 69 ? VAL A 77 ? HIS A 69 VAL A 77 
B 3 VAL A 32 ? LEU A 33 ? VAL A 32 LEU A 33 
B 4 ILE A 84 ? ILE A 85 ? ILE A 84 ILE A 85 
B 5 GLN A 18 ? LEU A 24 ? GLN A 18 LEU A 24 
B 6 LEU A 10 ? ILE A 15 ? LEU A 10 ILE A 15 
B 7 GLY A 52 ? ILE A 66 ? GLY A 52 ILE A 66 
B 8 LYS A 43 ? GLY A 49 ? LYS A 43 GLY A 49 
# 
loop_
_pdbx_struct_sheet_hbond.sheet_id 
_pdbx_struct_sheet_hbond.range_id_1 
_pdbx_struct_sheet_hbond.range_id_2 
_pdbx_struct_sheet_hbond.range_1_label_atom_id 
_pdbx_struct_sheet_hbond.range_1_label_comp_id 
_pdbx_struct_sheet_hbond.range_1_label_asym_id 
_pdbx_struct_sheet_hbond.range_1_label_seq_id 
_pdbx_struct_sheet_hbond.range_1_PDB_ins_code 
_pdbx_struct_sheet_hbond.range_1_auth_atom_id 
_pdbx_struct_sheet_hbond.range_1_auth_comp_id 
_pdbx_struct_sheet_hbond.range_1_auth_asym_id 
_pdbx_struct_sheet_hbond.range_1_auth_seq_id 
_pdbx_struct_sheet_hbond.range_2_label_atom_id 
_pdbx_struct_sheet_hbond.range_2_label_comp_id 
_pdbx_struct_sheet_hbond.range_2_label_asym_id 
_pdbx_struct_sheet_hbond.range_2_label_seq_id 
_pdbx_struct_sheet_hbond.range_2_PDB_ins_code 
_pdbx_struct_sheet_hbond.range_2_auth_atom_id 
_pdbx_struct_sheet_hbond.range_2_auth_comp_id 
_pdbx_struct_sheet_hbond.range_2_auth_asym_id 
_pdbx_struct_sheet_hbond.range_2_auth_seq_id 
A 1 2 N GLY B 49 ? N GLY B 49 O GLY B 52 ? O GLY B 52 
A 2 3 N GLU B 65 ? N GLU B 65 O ARG B 14 ? O ARG B 14 
A 3 4 N ILE B 15 ? N ILE B 15 O GLN B 18 ? O GLN B 18 
A 4 5 O LEU B 23 ? O LEU B 23 N ILE B 85 ? N ILE B 85 
A 5 6 N ILE B 84 ? N ILE B 84 O VAL B 32 ? O VAL B 32 
A 6 7 N LEU B 33 ? N LEU B 33 O LEU B 76 ? O LEU B 76 
A 7 8 O VAL B 77 ? O VAL B 77 N ARG B 57 ? N ARG B 57 
A 8 9 N GLN B 58 ? N GLN B 58 O LYS B 43 ? O LYS B 43 
B 1 2 N ILE A 66 ? N ILE A 66 O HIS A 69 ? O HIS A 69 
B 2 3 O LEU A 76 ? O LEU A 76 N LEU A 33 ? N LEU A 33 
B 3 4 O VAL A 32 ? O VAL A 32 N ILE A 84 ? N ILE A 84 
B 4 5 N ILE A 85 ? N ILE A 85 O LEU A 23 ? O LEU A 23 
B 5 6 N ALA A 22 ? N ALA A 22 O VAL A 11 ? O VAL A 11 
B 6 7 N ARG A 14 ? N ARG A 14 O GLU A 65 ? O GLU A 65 
B 7 8 N GLN A 58 ? N GLN A 58 O LYS A 43 ? O LYS A 43 
# 
loop_
_struct_site.id 
_struct_site.pdbx_evidence_code 
_struct_site.pdbx_auth_asym_id 
_struct_site.pdbx_auth_comp_id 
_struct_site.pdbx_auth_seq_id 
_struct_site.pdbx_auth_ins_code 
_struct_site.pdbx_num_residues 
_struct_site.details 
AC1 Software B ACT 501 ? 4 'BINDING SITE FOR RESIDUE ACT B 501' 
AC2 Software B ACT 502 ? 4 'BINDING SITE FOR RESIDUE ACT B 502' 
AC3 Software A ACT 504 ? 3 'BINDING SITE FOR RESIDUE ACT A 504' 
AC4 Software A ACT 506 ? 3 'BINDING SITE FOR RESIDUE ACT A 506' 
AC5 Software B ACT 507 ? 7 'BINDING SITE FOR RESIDUE ACT B 507' 
AC6 Software B ACT 508 ? 3 'BINDING SITE FOR RESIDUE ACT B 508' 
# 
loop_
_struct_site_gen.id 
_struct_site_gen.site_id 
_struct_site_gen.pdbx_num_res 
_struct_site_gen.label_comp_id 
_struct_site_gen.label_asym_id 
_struct_site_gen.label_seq_id 
_struct_site_gen.pdbx_auth_ins_code 
_struct_site_gen.auth_comp_id 
_struct_site_gen.auth_asym_id 
_struct_site_gen.auth_seq_id 
_struct_site_gen.label_atom_id 
_struct_site_gen.label_alt_id 
_struct_site_gen.symmetry 
_struct_site_gen.details 
1  AC1 4 PRO A 1  ? PRO A 1   . ? 4_456 ? 
2  AC1 4 GLY B 68 ? GLY B 68  . ? 1_555 ? 
3  AC1 4 HIS B 69 ? HIS B 69  . ? 1_555 ? 
4  AC1 4 LYS B 70 ? LYS B 70  . ? 1_555 ? 
5  AC2 4 HOH J .  ? HOH A 526 . ? 1_555 ? 
6  AC2 4 PRO B 1  ? PRO B 1   . ? 1_555 ? 
7  AC2 4 HIS B 69 ? HIS B 69  . ? 1_555 ? 
8  AC2 4 HOH K .  ? HOH B 528 . ? 1_555 ? 
9  AC3 3 LYS A 7  ? LYS A 7   . ? 1_555 ? 
10 AC3 3 ARG A 8  ? ARG A 8   . ? 1_555 ? 
11 AC3 3 HOH J .  ? HOH A 538 . ? 1_555 ? 
12 AC4 3 GLY A 73 ? GLY A 73  . ? 1_555 ? 
13 AC4 3 THR A 74 ? THR A 74  . ? 1_555 ? 
14 AC4 3 ASN A 88 ? ASN A 88  . ? 1_555 ? 
15 AC5 7 LYS A 45 ? LYS A 45  . ? 3_555 ? 
16 AC5 7 GLN B 61 ? GLN B 61  . ? 1_555 ? 
17 AC5 7 HOH K .  ? HOH B 531 . ? 1_555 ? 
18 AC5 7 HOH K .  ? HOH B 546 . ? 1_555 ? 
19 AC5 7 LYS C 1  ? LYS P 1   . ? 3_555 ? 
20 AC5 7 ALA C 2  ? ALA P 2   . ? 3_555 ? 
21 AC5 7 HOH L .  ? HOH P 12  . ? 3_555 ? 
22 AC6 3 ARG A 14 ? ARG A 14  . ? 1_455 ? 
23 AC6 3 PRO A 63 ? PRO A 63  . ? 1_455 ? 
24 AC6 3 ARG B 14 ? ARG B 14  . ? 1_555 ? 
# 
_atom_sites.entry_id                    1F7A 
_atom_sites.fract_transf_matrix[1][1]   0.01680240 
_atom_sites.fract_transf_matrix[1][2]   0.00215092 
_atom_sites.fract_transf_matrix[1][3]   -0.00940238 
_atom_sites.fract_transf_matrix[2][1]   0.00794068 
_atom_sites.fract_transf_matrix[2][2]   -0.00863843 
_atom_sites.fract_transf_matrix[2][3]   0.01221413 
_atom_sites.fract_transf_matrix[3][1]   -0.00272961 
_atom_sites.fract_transf_matrix[3][2]   -0.01390324 
_atom_sites.fract_transf_matrix[3][3]   -0.00805848 
_atom_sites.fract_transf_vector[1]      0.101105 
_atom_sites.fract_transf_vector[2]      0.017910 
_atom_sites.fract_transf_vector[3]      0.288847 
# 
loop_
_atom_type.symbol 
C 
N 
O 
S 
# 
loop_
_atom_site.group_PDB 
_atom_site.id 
_atom_site.type_symbol 
_atom_site.label_atom_id 
_atom_site.label_alt_id 
_atom_site.label_comp_id 
_atom_site.label_asym_id 
_atom_site.label_entity_id 
_atom_site.label_seq_id 
_atom_site.pdbx_PDB_ins_code 
_atom_site.Cartn_x 
_atom_site.Cartn_y 
_atom_site.Cartn_z 
_atom_site.occupancy 
_atom_site.B_iso_or_equiv 
_atom_site.pdbx_formal_charge 
_atom_site.auth_seq_id 
_atom_site.auth_comp_id 
_atom_site.auth_asym_id 
_atom_site.auth_atom_id 
_atom_site.pdbx_PDB_model_num 
ATOM   1    N N   . PRO A 1 1  ? 10.888  -16.271 0.167   1.00 34.00 ? 1   PRO A N   1 
ATOM   2    C CA  . PRO A 1 1  ? 10.804  -15.860 1.585   1.00 33.40 ? 1   PRO A CA  1 
ATOM   3    C C   . PRO A 1 1  ? 9.333   -15.705 1.968   1.00 32.93 ? 1   PRO A C   1 
ATOM   4    O O   . PRO A 1 1  ? 8.464   -15.610 1.098   1.00 31.45 ? 1   PRO A O   1 
ATOM   5    C CB  . PRO A 1 1  ? 11.521  -14.520 1.691   1.00 32.92 ? 1   PRO A CB  1 
ATOM   6    C CG  . PRO A 1 1  ? 12.417  -14.548 0.442   1.00 32.45 ? 1   PRO A CG  1 
ATOM   7    C CD  . PRO A 1 1  ? 11.552  -15.214 -0.613  1.00 33.33 ? 1   PRO A CD  1 
ATOM   8    N N   . GLN A 1 2  ? 9.061   -15.723 3.267   1.00 34.65 ? 2   GLN A N   1 
ATOM   9    C CA  . GLN A 1 2  ? 7.712   -15.508 3.772   1.00 33.91 ? 2   GLN A CA  1 
ATOM   10   C C   . GLN A 1 2  ? 7.897   -14.327 4.708   1.00 32.99 ? 2   GLN A C   1 
ATOM   11   O O   . GLN A 1 2  ? 8.716   -14.375 5.626   1.00 33.64 ? 2   GLN A O   1 
ATOM   12   C CB  . GLN A 1 2  ? 7.161   -16.699 4.561   1.00 35.64 ? 2   GLN A CB  1 
ATOM   13   C CG  . GLN A 1 2  ? 5.676   -16.499 4.895   1.00 36.80 ? 2   GLN A CG  1 
ATOM   14   C CD  . GLN A 1 2  ? 5.030   -17.641 5.661   1.00 41.25 ? 2   GLN A CD  1 
ATOM   15   O OE1 . GLN A 1 2  ? 5.194   -17.767 6.875   1.00 43.43 ? 2   GLN A OE1 1 
ATOM   16   N NE2 . GLN A 1 2  ? 4.282   -18.482 4.947   1.00 42.49 ? 2   GLN A NE2 1 
ATOM   17   N N   . ILE A 1 3  ? 7.148   -13.263 4.465   1.00 31.15 ? 3   ILE A N   1 
ATOM   18   C CA  . ILE A 1 3  ? 7.267   -12.062 5.266   1.00 27.44 ? 3   ILE A CA  1 
ATOM   19   C C   . ILE A 1 3  ? 5.977   -11.776 6.016   1.00 25.48 ? 3   ILE A C   1 
ATOM   20   O O   . ILE A 1 3  ? 4.916   -11.619 5.409   1.00 23.28 ? 3   ILE A O   1 
ATOM   21   C CB  . ILE A 1 3  ? 7.637   -10.876 4.351   1.00 30.41 ? 3   ILE A CB  1 
ATOM   22   C CG1 . ILE A 1 3  ? 8.881   -11.243 3.535   1.00 30.28 ? 3   ILE A CG1 1 
ATOM   23   C CG2 . ILE A 1 3  ? 7.908   -9.636  5.174   1.00 25.65 ? 3   ILE A CG2 1 
ATOM   24   C CD1 . ILE A 1 3  ? 9.253   -10.227 2.479   1.00 32.03 ? 3   ILE A CD1 1 
ATOM   25   N N   . THR A 1 4  ? 6.072   -11.742 7.342   1.00 23.63 ? 4   THR A N   1 
ATOM   26   C CA  . THR A 1 4  ? 4.916   -11.463 8.186   1.00 24.53 ? 4   THR A CA  1 
ATOM   27   C C   . THR A 1 4  ? 4.695   -9.951  8.190   1.00 22.93 ? 4   THR A C   1 
ATOM   28   O O   . THR A 1 4  ? 5.579   -9.189  7.791   1.00 22.82 ? 4   THR A O   1 
ATOM   29   C CB  . THR A 1 4  ? 5.126   -11.978 9.632   1.00 24.52 ? 4   THR A CB  1 
ATOM   30   O OG1 . THR A 1 4  ? 6.374   -11.494 10.143  1.00 26.18 ? 4   THR A OG1 1 
ATOM   31   C CG2 . THR A 1 4  ? 5.129   -13.502 9.657   1.00 28.56 ? 4   THR A CG2 1 
ATOM   32   N N   . LEU A 1 5  ? 3.529   -9.519  8.659   1.00 20.96 ? 5   LEU A N   1 
ATOM   33   C CA  . LEU A 1 5  ? 3.192   -8.100  8.648   1.00 21.36 ? 5   LEU A CA  1 
ATOM   34   C C   . LEU A 1 5  ? 3.084   -7.393  9.997   1.00 19.61 ? 5   LEU A C   1 
ATOM   35   O O   . LEU A 1 5  ? 2.417   -6.365  10.102  1.00 20.09 ? 5   LEU A O   1 
ATOM   36   C CB  . LEU A 1 5  ? 1.896   -7.918  7.844   1.00 18.91 ? 5   LEU A CB  1 
ATOM   37   C CG  . LEU A 1 5  ? 2.013   -8.519  6.432   1.00 19.15 ? 5   LEU A CG  1 
ATOM   38   C CD1 . LEU A 1 5  ? 0.639   -8.706  5.811   1.00 18.41 ? 5   LEU A CD1 1 
ATOM   39   C CD2 . LEU A 1 5  ? 2.898   -7.606  5.566   1.00 19.43 ? 5   LEU A CD2 1 
ATOM   40   N N   . TRP A 1 6  ? 3.742   -7.936  11.022  1.00 21.67 ? 6   TRP A N   1 
ATOM   41   C CA  . TRP A 1 6  ? 3.735   -7.326  12.358  1.00 20.16 ? 6   TRP A CA  1 
ATOM   42   C C   . TRP A 1 6  ? 4.388   -5.948  12.271  1.00 21.80 ? 6   TRP A C   1 
ATOM   43   O O   . TRP A 1 6  ? 4.040   -5.013  13.000  1.00 21.40 ? 6   TRP A O   1 
ATOM   44   C CB  . TRP A 1 6  ? 4.538   -8.179  13.343  1.00 20.98 ? 6   TRP A CB  1 
ATOM   45   C CG  . TRP A 1 6  ? 3.984   -9.540  13.598  1.00 20.67 ? 6   TRP A CG  1 
ATOM   46   C CD1 . TRP A 1 6  ? 4.560   -10.738 13.268  1.00 21.55 ? 6   TRP A CD1 1 
ATOM   47   C CD2 . TRP A 1 6  ? 2.775   -9.852  14.293  1.00 21.68 ? 6   TRP A CD2 1 
ATOM   48   N NE1 . TRP A 1 6  ? 3.780   -11.776 13.724  1.00 23.09 ? 6   TRP A NE1 1 
ATOM   49   C CE2 . TRP A 1 6  ? 2.682   -11.260 14.359  1.00 21.32 ? 6   TRP A CE2 1 
ATOM   50   C CE3 . TRP A 1 6  ? 1.765   -9.079  14.876  1.00 23.05 ? 6   TRP A CE3 1 
ATOM   51   C CZ2 . TRP A 1 6  ? 1.617   -11.908 14.984  1.00 26.46 ? 6   TRP A CZ2 1 
ATOM   52   C CZ3 . TRP A 1 6  ? 0.707   -9.727  15.499  1.00 24.80 ? 6   TRP A CZ3 1 
ATOM   53   C CH2 . TRP A 1 6  ? 0.643   -11.127 15.549  1.00 23.85 ? 6   TRP A CH2 1 
ATOM   54   N N   . LYS A 1 7  ? 5.357   -5.844  11.375  1.00 19.85 ? 7   LYS A N   1 
ATOM   55   C CA  . LYS A 1 7  ? 6.073   -4.598  11.157  1.00 20.62 ? 7   LYS A CA  1 
ATOM   56   C C   . LYS A 1 7  ? 6.015   -4.305  9.661   1.00 21.28 ? 7   LYS A C   1 
ATOM   57   O O   . LYS A 1 7  ? 5.640   -5.172  8.868   1.00 19.17 ? 7   LYS A O   1 
ATOM   58   C CB  . LYS A 1 7  ? 7.521   -4.750  11.617  1.00 24.21 ? 7   LYS A CB  1 
ATOM   59   N N   . ARG A 1 8  ? 6.364   -3.085  9.272   1.00 21.83 ? 8   ARG A N   1 
ATOM   60   C CA  . ARG A 1 8  ? 6.359   -2.720  7.858   1.00 21.44 ? 8   ARG A CA  1 
ATOM   61   C C   . ARG A 1 8  ? 7.301   -3.643  7.084   1.00 22.02 ? 8   ARG A C   1 
ATOM   62   O O   . ARG A 1 8  ? 8.432   -3.886  7.511   1.00 22.03 ? 8   ARG A O   1 
ATOM   63   C CB  . ARG A 1 8  ? 6.809   -1.266  7.694   1.00 24.05 ? 8   ARG A CB  1 
ATOM   64   C CG  . ARG A 1 8  ? 5.838   -0.268  8.271   1.00 29.05 ? 8   ARG A CG  1 
ATOM   65   C CD  . ARG A 1 8  ? 6.396   1.144   8.254   1.00 35.53 ? 8   ARG A CD  1 
ATOM   66   N NE  . ARG A 1 8  ? 5.428   2.095   8.790   1.00 42.50 ? 8   ARG A NE  1 
ATOM   67   C CZ  . ARG A 1 8  ? 5.695   3.368   9.062   1.00 47.00 ? 8   ARG A CZ  1 
ATOM   68   N NH1 . ARG A 1 8  ? 6.912   3.853   8.850   1.00 49.25 ? 8   ARG A NH1 1 
ATOM   69   N NH2 . ARG A 1 8  ? 4.745   4.158   9.541   1.00 45.22 ? 8   ARG A NH2 1 
ATOM   70   N N   . PRO A 1 9  ? 6.846   -4.176  5.937   1.00 21.59 ? 9   PRO A N   1 
ATOM   71   C CA  . PRO A 1 9  ? 7.672   -5.073  5.123   1.00 20.13 ? 9   PRO A CA  1 
ATOM   72   C C   . PRO A 1 9  ? 8.744   -4.339  4.308   1.00 24.82 ? 9   PRO A C   1 
ATOM   73   O O   . PRO A 1 9  ? 8.595   -4.121  3.104   1.00 23.34 ? 9   PRO A O   1 
ATOM   74   C CB  . PRO A 1 9  ? 6.641   -5.773  4.244   1.00 21.13 ? 9   PRO A CB  1 
ATOM   75   C CG  . PRO A 1 9  ? 5.628   -4.687  4.023   1.00 21.36 ? 9   PRO A CG  1 
ATOM   76   C CD  . PRO A 1 9  ? 5.469   -4.117  5.413   1.00 20.07 ? 9   PRO A CD  1 
ATOM   77   N N   . LEU A 1 10 ? 9.821   -3.961  4.983   1.00 27.20 ? 10  LEU A N   1 
ATOM   78   C CA  . LEU A 1 10 ? 10.934  -3.261  4.355   1.00 30.45 ? 10  LEU A CA  1 
ATOM   79   C C   . LEU A 1 10 ? 11.972  -4.275  3.892   1.00 31.44 ? 10  LEU A C   1 
ATOM   80   O O   . LEU A 1 10 ? 12.318  -5.199  4.624   1.00 32.16 ? 10  LEU A O   1 
ATOM   81   C CB  . LEU A 1 10 ? 11.581  -2.301  5.355   1.00 29.74 ? 10  LEU A CB  1 
ATOM   82   C CG  . LEU A 1 10 ? 10.689  -1.203  5.934   1.00 33.03 ? 10  LEU A CG  1 
ATOM   83   C CD1 . LEU A 1 10 ? 11.425  -0.498  7.064   1.00 34.34 ? 10  LEU A CD1 1 
ATOM   84   C CD2 . LEU A 1 10 ? 10.305  -0.211  4.843   1.00 34.78 ? 10  LEU A CD2 1 
ATOM   85   N N   . VAL A 1 11 ? 12.461  -4.106  2.671   1.00 31.81 ? 11  VAL A N   1 
ATOM   86   C CA  . VAL A 1 11 ? 13.463  -5.014  2.129   1.00 32.91 ? 11  VAL A CA  1 
ATOM   87   C C   . VAL A 1 11 ? 14.556  -4.205  1.446   1.00 34.00 ? 11  VAL A C   1 
ATOM   88   O O   . VAL A 1 11 ? 14.425  -2.993  1.269   1.00 33.40 ? 11  VAL A O   1 
ATOM   89   C CB  . VAL A 1 11 ? 12.858  -5.994  1.095   1.00 32.69 ? 11  VAL A CB  1 
ATOM   90   C CG1 . VAL A 1 11 ? 11.794  -6.858  1.750   1.00 35.50 ? 11  VAL A CG1 1 
ATOM   91   C CG2 . VAL A 1 11 ? 12.280  -5.224  -0.077  1.00 32.34 ? 11  VAL A CG2 1 
ATOM   92   N N   . THR A 1 12 ? 15.639  -4.880  1.078   1.00 33.43 ? 12  THR A N   1 
ATOM   93   C CA  . THR A 1 12 ? 16.752  -4.226  0.408   1.00 34.52 ? 12  THR A CA  1 
ATOM   94   C C   . THR A 1 12 ? 16.632  -4.410  -1.098  1.00 34.05 ? 12  THR A C   1 
ATOM   95   O O   . THR A 1 12 ? 16.334  -5.505  -1.586  1.00 34.04 ? 12  THR A O   1 
ATOM   96   C CB  . THR A 1 12 ? 18.114  -4.803  0.873   1.00 35.33 ? 12  THR A CB  1 
ATOM   97   O OG1 . THR A 1 12 ? 18.325  -4.483  2.253   1.00 36.44 ? 12  THR A OG1 1 
ATOM   98   C CG2 . THR A 1 12 ? 19.255  -4.219  0.054   1.00 37.32 ? 12  THR A CG2 1 
ATOM   99   N N   . ILE A 1 13 ? 16.843  -3.325  -1.830  1.00 36.64 ? 13  ILE A N   1 
ATOM   100  C CA  . ILE A 1 13 ? 16.793  -3.382  -3.283  1.00 38.56 ? 13  ILE A CA  1 
ATOM   101  C C   . ILE A 1 13 ? 18.054  -2.741  -3.842  1.00 38.73 ? 13  ILE A C   1 
ATOM   102  O O   . ILE A 1 13 ? 18.638  -1.848  -3.227  1.00 37.08 ? 13  ILE A O   1 
ATOM   103  C CB  . ILE A 1 13 ? 15.566  -2.649  -3.836  1.00 37.74 ? 13  ILE A CB  1 
ATOM   104  C CG1 . ILE A 1 13 ? 15.679  -1.151  -3.552  1.00 37.63 ? 13  ILE A CG1 1 
ATOM   105  C CG2 . ILE A 1 13 ? 14.302  -3.231  -3.213  1.00 38.40 ? 13  ILE A CG2 1 
ATOM   106  C CD1 . ILE A 1 13 ? 14.635  -0.319  -4.273  1.00 39.75 ? 13  ILE A CD1 1 
ATOM   107  N N   . ARG A 1 14 ? 18.475  -3.208  -5.009  1.00 40.53 ? 14  ARG A N   1 
ATOM   108  C CA  . ARG A 1 14 ? 19.672  -2.676  -5.632  1.00 42.83 ? 14  ARG A CA  1 
ATOM   109  C C   . ARG A 1 14 ? 19.328  -1.991  -6.941  1.00 40.90 ? 14  ARG A C   1 
ATOM   110  O O   . ARG A 1 14 ? 18.647  -2.562  -7.793  1.00 39.77 ? 14  ARG A O   1 
ATOM   111  C CB  . ARG A 1 14 ? 20.679  -3.802  -5.891  1.00 45.84 ? 14  ARG A CB  1 
ATOM   112  C CG  . ARG A 1 14 ? 22.047  -3.314  -6.364  1.00 50.88 ? 14  ARG A CG  1 
ATOM   113  C CD  . ARG A 1 14 ? 23.067  -4.448  -6.400  1.00 53.53 ? 14  ARG A CD  1 
ATOM   114  N NE  . ARG A 1 14 ? 22.766  -5.447  -7.423  1.00 56.43 ? 14  ARG A NE  1 
ATOM   115  C CZ  . ARG A 1 14 ? 22.794  -5.207  -8.730  1.00 59.12 ? 14  ARG A CZ  1 
ATOM   116  N NH1 . ARG A 1 14 ? 23.111  -3.998  -9.180  1.00 60.36 ? 14  ARG A NH1 1 
ATOM   117  N NH2 . ARG A 1 14 ? 22.513  -6.178  -9.592  1.00 59.17 ? 14  ARG A NH2 1 
ATOM   118  N N   . ILE A 1 15 ? 19.792  -0.757  -7.093  1.00 41.10 ? 15  ILE A N   1 
ATOM   119  C CA  . ILE A 1 15 ? 19.552  -0.011  -8.316  1.00 43.53 ? 15  ILE A CA  1 
ATOM   120  C C   . ILE A 1 15 ? 20.731  0.908   -8.600  1.00 44.27 ? 15  ILE A C   1 
ATOM   121  O O   . ILE A 1 15 ? 21.180  1.644   -7.722  1.00 43.69 ? 15  ILE A O   1 
ATOM   122  C CB  . ILE A 1 15 ? 18.250  0.825   -8.237  1.00 43.69 ? 15  ILE A CB  1 
ATOM   123  C CG1 . ILE A 1 15 ? 18.018  1.541   -9.571  1.00 44.67 ? 15  ILE A CG1 1 
ATOM   124  C CG2 . ILE A 1 15 ? 18.336  1.829   -7.096  1.00 44.41 ? 15  ILE A CG2 1 
ATOM   125  C CD1 . ILE A 1 15 ? 16.674  2.241   -9.679  1.00 44.97 ? 15  ILE A CD1 1 
ATOM   126  N N   . GLY A 1 16 ? 21.241  0.838   -9.826  1.00 46.00 ? 16  GLY A N   1 
ATOM   127  C CA  . GLY A 1 16 ? 22.363  1.669   -10.225 1.00 47.01 ? 16  GLY A CA  1 
ATOM   128  C C   . GLY A 1 16 ? 23.558  1.604   -9.293  1.00 49.78 ? 16  GLY A C   1 
ATOM   129  O O   . GLY A 1 16 ? 24.307  2.576   -9.168  1.00 50.89 ? 16  GLY A O   1 
ATOM   130  N N   . GLY A 1 17 ? 23.746  0.462   -8.639  1.00 49.59 ? 17  GLY A N   1 
ATOM   131  C CA  . GLY A 1 17 ? 24.866  0.319   -7.732  1.00 52.56 ? 17  GLY A CA  1 
ATOM   132  C C   . GLY A 1 17 ? 24.558  0.824   -6.339  1.00 55.71 ? 17  GLY A C   1 
ATOM   133  O O   . GLY A 1 17 ? 25.404  0.760   -5.446  1.00 55.81 ? 17  GLY A O   1 
ATOM   134  N N   . GLN A 1 18 ? 23.347  1.341   -6.154  1.00 56.86 ? 18  GLN A N   1 
ATOM   135  C CA  . GLN A 1 18 ? 22.923  1.842   -4.855  1.00 58.70 ? 18  GLN A CA  1 
ATOM   136  C C   . GLN A 1 18 ? 21.933  0.885   -4.210  1.00 58.35 ? 18  GLN A C   1 
ATOM   137  O O   . GLN A 1 18 ? 20.959  0.470   -4.836  1.00 59.19 ? 18  GLN A O   1 
ATOM   138  C CB  . GLN A 1 18 ? 22.265  3.215   -4.986  1.00 60.27 ? 18  GLN A CB  1 
ATOM   139  C CG  . GLN A 1 18 ? 23.182  4.316   -5.465  1.00 62.98 ? 18  GLN A CG  1 
ATOM   140  C CD  . GLN A 1 18 ? 22.619  5.690   -5.164  1.00 64.46 ? 18  GLN A CD  1 
ATOM   141  O OE1 . GLN A 1 18 ? 21.482  6.001   -5.522  1.00 66.19 ? 18  GLN A OE1 1 
ATOM   142  N NE2 . GLN A 1 18 ? 23.414  6.524   -4.502  1.00 65.84 ? 18  GLN A NE2 1 
ATOM   143  N N   . LEU A 1 19 ? 22.195  0.532   -2.956  1.00 58.62 ? 19  LEU A N   1 
ATOM   144  C CA  . LEU A 1 19 ? 21.312  -0.358  -2.215  1.00 57.12 ? 19  LEU A CA  1 
ATOM   145  C C   . LEU A 1 19 ? 20.466  0.492   -1.275  1.00 55.52 ? 19  LEU A C   1 
ATOM   146  O O   . LEU A 1 19 ? 21.000  1.221   -0.437  1.00 56.32 ? 19  LEU A O   1 
ATOM   147  C CB  . LEU A 1 19 ? 22.126  -1.376  -1.408  1.00 58.14 ? 19  LEU A CB  1 
ATOM   148  C CG  . LEU A 1 19 ? 22.899  -2.437  -2.197  1.00 58.54 ? 19  LEU A CG  1 
ATOM   149  C CD1 . LEU A 1 19 ? 23.649  -3.351  -1.244  1.00 58.17 ? 19  LEU A CD1 1 
ATOM   150  C CD2 . LEU A 1 19 ? 21.931  -3.248  -3.033  1.00 59.69 ? 19  LEU A CD2 1 
ATOM   151  N N   . LYS A 1 20 ? 19.149  0.411   -1.429  1.00 53.01 ? 20  LYS A N   1 
ATOM   152  C CA  . LYS A 1 20 ? 18.236  1.177   -0.588  1.00 50.04 ? 20  LYS A CA  1 
ATOM   153  C C   . LYS A 1 20 ? 17.244  0.262   0.119   1.00 47.20 ? 20  LYS A C   1 
ATOM   154  O O   . LYS A 1 20 ? 17.154  -0.931  -0.172  1.00 44.47 ? 20  LYS A O   1 
ATOM   155  C CB  . LYS A 1 20 ? 17.457  2.196   -1.424  1.00 50.35 ? 20  LYS A CB  1 
ATOM   156  C CG  . LYS A 1 20 ? 18.310  3.215   -2.155  1.00 53.29 ? 20  LYS A CG  1 
ATOM   157  C CD  . LYS A 1 20 ? 17.430  4.198   -2.915  1.00 55.23 ? 20  LYS A CD  1 
ATOM   158  C CE  . LYS A 1 20 ? 18.256  5.162   -3.755  1.00 56.48 ? 20  LYS A CE  1 
ATOM   159  N NZ  . LYS A 1 20 ? 19.203  5.963   -2.929  1.00 57.70 ? 20  LYS A NZ  1 
ATOM   160  N N   . GLU A 1 21 ? 16.495  0.837   1.051   1.00 45.95 ? 21  GLU A N   1 
ATOM   161  C CA  . GLU A 1 21 ? 15.495  0.085   1.792   1.00 44.41 ? 21  GLU A CA  1 
ATOM   162  C C   . GLU A 1 21 ? 14.146  0.496   1.214   1.00 40.08 ? 21  GLU A C   1 
ATOM   163  O O   . GLU A 1 21 ? 13.853  1.684   1.102   1.00 40.50 ? 21  GLU A O   1 
ATOM   164  C CB  . GLU A 1 21 ? 15.581  0.429   3.282   1.00 48.06 ? 21  GLU A CB  1 
ATOM   165  C CG  . GLU A 1 21 ? 14.848  -0.543  4.191   1.00 52.51 ? 21  GLU A CG  1 
ATOM   166  C CD  . GLU A 1 21 ? 15.246  -0.387  5.651   1.00 57.23 ? 21  GLU A CD  1 
ATOM   167  O OE1 . GLU A 1 21 ? 15.019  0.702   6.221   1.00 56.83 ? 21  GLU A OE1 1 
ATOM   168  O OE2 . GLU A 1 21 ? 15.793  -1.356  6.226   1.00 57.30 ? 21  GLU A OE2 1 
ATOM   169  N N   . ALA A 1 22 ? 13.334  -0.484  0.831   1.00 35.38 ? 22  ALA A N   1 
ATOM   170  C CA  . ALA A 1 22 ? 12.032  -0.195  0.239   1.00 31.18 ? 22  ALA A CA  1 
ATOM   171  C C   . ALA A 1 22 ? 10.885  -1.012  0.829   1.00 29.04 ? 22  ALA A C   1 
ATOM   172  O O   . ALA A 1 22 ? 11.069  -2.142  1.287   1.00 27.60 ? 22  ALA A O   1 
ATOM   173  C CB  . ALA A 1 22 ? 12.095  -0.412  -1.265  1.00 30.68 ? 22  ALA A CB  1 
ATOM   174  N N   . LEU A 1 23 ? 9.695   -0.424  0.784   1.00 25.21 ? 23  LEU A N   1 
ATOM   175  C CA  . LEU A 1 23 ? 8.482   -1.040  1.300   1.00 22.58 ? 23  LEU A CA  1 
ATOM   176  C C   . LEU A 1 23 ? 7.746   -1.864  0.240   1.00 21.82 ? 23  LEU A C   1 
ATOM   177  O O   . LEU A 1 23 ? 7.430   -1.360  -0.834  1.00 21.64 ? 23  LEU A O   1 
ATOM   178  C CB  . LEU A 1 23 ? 7.556   0.060   1.827   1.00 24.06 ? 23  LEU A CB  1 
ATOM   179  C CG  . LEU A 1 23 ? 6.185   -0.313  2.389   1.00 26.84 ? 23  LEU A CG  1 
ATOM   180  C CD1 . LEU A 1 23 ? 6.355   -0.939  3.755   1.00 25.32 ? 23  LEU A CD1 1 
ATOM   181  C CD2 . LEU A 1 23 ? 5.322   0.942   2.492   1.00 27.23 ? 23  LEU A CD2 1 
ATOM   182  N N   . LEU A 1 24 ? 7.494   -3.136  0.540   1.00 21.04 ? 24  LEU A N   1 
ATOM   183  C CA  . LEU A 1 24 ? 6.755   -4.017  -0.364  1.00 22.57 ? 24  LEU A CA  1 
ATOM   184  C C   . LEU A 1 24 ? 5.309   -3.560  -0.193  1.00 23.17 ? 24  LEU A C   1 
ATOM   185  O O   . LEU A 1 24 ? 4.683   -3.845  0.826   1.00 22.69 ? 24  LEU A O   1 
ATOM   186  C CB  . LEU A 1 24 ? 6.917   -5.477  0.081   1.00 24.38 ? 24  LEU A CB  1 
ATOM   187  C CG  . LEU A 1 24 ? 7.966   -6.331  -0.645  1.00 28.43 ? 24  LEU A CG  1 
ATOM   188  C CD1 . LEU A 1 24 ? 9.078   -5.475  -1.249  1.00 23.97 ? 24  LEU A CD1 1 
ATOM   189  C CD2 . LEU A 1 24 ? 8.512   -7.362  0.335   1.00 26.81 ? 24  LEU A CD2 1 
ATOM   190  N N   . ASN A 1 25 ? 4.782   -2.870  -1.200  1.00 20.17 ? 25  ASN A N   1 
ATOM   191  C CA  . ASN A 1 25 ? 3.444   -2.280  -1.112  1.00 20.56 ? 25  ASN A CA  1 
ATOM   192  C C   . ASN A 1 25 ? 2.407   -2.798  -2.101  1.00 17.79 ? 25  ASN A C   1 
ATOM   193  O O   . ASN A 1 25 ? 2.358   -2.365  -3.252  1.00 18.69 ? 25  ASN A O   1 
ATOM   194  C CB  . ASN A 1 25 ? 3.610   -0.756  -1.250  1.00 18.78 ? 25  ASN A CB  1 
ATOM   195  C CG  . ASN A 1 25 ? 2.357   0.030   -0.886  1.00 21.07 ? 25  ASN A CG  1 
ATOM   196  O OD1 . ASN A 1 25 ? 2.424   1.248   -0.675  1.00 23.14 ? 25  ASN A OD1 1 
ATOM   197  N ND2 . ASN A 1 25 ? 1.219   -0.643  -0.821  1.00 17.99 ? 25  ASN A ND2 1 
ATOM   198  N N   . THR A 1 26 ? 1.564   -3.717  -1.647  1.00 16.70 ? 26  THR A N   1 
ATOM   199  C CA  . THR A 1 26 ? 0.532   -4.267  -2.513  1.00 17.32 ? 26  THR A CA  1 
ATOM   200  C C   . THR A 1 26 ? -0.542  -3.228  -2.808  1.00 18.24 ? 26  THR A C   1 
ATOM   201  O O   . THR A 1 26 ? -1.412  -3.448  -3.653  1.00 18.57 ? 26  THR A O   1 
ATOM   202  C CB  . THR A 1 26 ? -0.136  -5.507  -1.892  1.00 15.40 ? 26  THR A CB  1 
ATOM   203  O OG1 . THR A 1 26 ? -0.761  -5.158  -0.650  1.00 17.03 ? 26  THR A OG1 1 
ATOM   204  C CG2 . THR A 1 26 ? 0.897   -6.602  -1.669  1.00 14.61 ? 26  THR A CG2 1 
ATOM   205  N N   . GLY A 1 27 ? -0.467  -2.094  -2.116  1.00 17.17 ? 27  GLY A N   1 
ATOM   206  C CA  . GLY A 1 27 ? -1.437  -1.031  -2.316  1.00 16.55 ? 27  GLY A CA  1 
ATOM   207  C C   . GLY A 1 27 ? -0.942  0.037   -3.267  1.00 17.88 ? 27  GLY A C   1 
ATOM   208  O O   . GLY A 1 27 ? -1.541  1.101   -3.367  1.00 18.90 ? 27  GLY A O   1 
ATOM   209  N N   . ALA A 1 28 ? 0.153   -0.243  -3.968  1.00 16.57 ? 28  ALA A N   1 
ATOM   210  C CA  . ALA A 1 28 ? 0.710   0.706   -4.931  1.00 18.55 ? 28  ALA A CA  1 
ATOM   211  C C   . ALA A 1 28 ? 0.775   0.053   -6.306  1.00 19.39 ? 28  ALA A C   1 
ATOM   212  O O   . ALA A 1 28 ? 1.330   -1.037  -6.444  1.00 18.94 ? 28  ALA A O   1 
ATOM   213  C CB  . ALA A 1 28 ? 2.108   1.139   -4.496  1.00 15.46 ? 28  ALA A CB  1 
ATOM   214  N N   . ASP A 1 29 ? 0.206   0.700   -7.320  1.00 20.22 ? 29  ASP A N   1 
ATOM   215  C CA  . ASP A 1 29 ? 0.251   0.133   -8.669  1.00 25.12 ? 29  ASP A CA  1 
ATOM   216  C C   . ASP A 1 29 ? 1.659   0.238   -9.234  1.00 25.73 ? 29  ASP A C   1 
ATOM   217  O O   . ASP A 1 29 ? 2.114   -0.648  -9.961  1.00 27.08 ? 29  ASP A O   1 
ATOM   218  C CB  . ASP A 1 29 ? -0.686  0.871   -9.634  1.00 24.77 ? 29  ASP A CB  1 
ATOM   219  C CG  . ASP A 1 29 ? -2.117  0.900   -9.162  1.00 26.54 ? 29  ASP A CG  1 
ATOM   220  O OD1 . ASP A 1 29 ? -2.600  -0.137  -8.673  1.00 30.71 ? 29  ASP A OD1 1 
ATOM   221  O OD2 . ASP A 1 29 ? -2.765  1.962   -9.296  1.00 28.86 ? 29  ASP A OD2 1 
ATOM   222  N N   . ASP A 1 30 ? 2.339   1.331   -8.896  1.00 25.79 ? 30  ASP A N   1 
ATOM   223  C CA  . ASP A 1 30 ? 3.684   1.598   -9.392  1.00 25.57 ? 30  ASP A CA  1 
ATOM   224  C C   . ASP A 1 30 ? 4.745   1.627   -8.303  1.00 25.05 ? 30  ASP A C   1 
ATOM   225  O O   . ASP A 1 30 ? 4.442   1.682   -7.111  1.00 22.79 ? 30  ASP A O   1 
ATOM   226  C CB  . ASP A 1 30 ? 3.720   2.946   -10.123 1.00 29.24 ? 30  ASP A CB  1 
ATOM   227  C CG  . ASP A 1 30 ? 2.537   3.145   -11.050 1.00 31.09 ? 30  ASP A CG  1 
ATOM   228  O OD1 . ASP A 1 30 ? 2.294   2.284   -11.920 1.00 32.55 ? 30  ASP A OD1 1 
ATOM   229  O OD2 . ASP A 1 30 ? 1.849   4.176   -10.910 1.00 37.37 ? 30  ASP A OD2 1 
ATOM   230  N N   . THR A 1 31 ? 5.998   1.620   -8.743  1.00 21.40 ? 31  THR A N   1 
ATOM   231  C CA  . THR A 1 31 ? 7.147   1.664   -7.852  1.00 23.00 ? 31  THR A CA  1 
ATOM   232  C C   . THR A 1 31 ? 7.647   3.102   -7.816  1.00 24.87 ? 31  THR A C   1 
ATOM   233  O O   . THR A 1 31 ? 7.962   3.688   -8.858  1.00 24.56 ? 31  THR A O   1 
ATOM   234  C CB  . THR A 1 31 ? 8.277   0.742   -8.369  1.00 23.12 ? 31  THR A CB  1 
ATOM   235  O OG1 . THR A 1 31 ? 7.842   -0.624  -8.315  1.00 22.04 ? 31  THR A OG1 1 
ATOM   236  C CG2 . THR A 1 31 ? 9.535   0.918   -7.540  1.00 21.97 ? 31  THR A CG2 1 
ATOM   237  N N   . VAL A 1 32 ? 7.723   3.669   -6.616  1.00 25.12 ? 32  VAL A N   1 
ATOM   238  C CA  . VAL A 1 32 ? 8.171   5.045   -6.460  1.00 26.53 ? 32  VAL A CA  1 
ATOM   239  C C   . VAL A 1 32 ? 9.365   5.110   -5.526  1.00 30.23 ? 32  VAL A C   1 
ATOM   240  O O   . VAL A 1 32 ? 9.298   4.660   -4.381  1.00 29.69 ? 32  VAL A O   1 
ATOM   241  C CB  . VAL A 1 32 ? 7.040   5.922   -5.887  1.00 26.64 ? 32  VAL A CB  1 
ATOM   242  C CG1 . VAL A 1 32 ? 7.353   7.407   -6.121  1.00 24.72 ? 32  VAL A CG1 1 
ATOM   243  C CG2 . VAL A 1 32 ? 5.721   5.532   -6.533  1.00 25.56 ? 32  VAL A CG2 1 
ATOM   244  N N   . LEU A 1 33 ? 10.464  5.667   -6.022  1.00 31.92 ? 33  LEU A N   1 
ATOM   245  C CA  . LEU A 1 33 ? 11.676  5.789   -5.227  1.00 36.11 ? 33  LEU A CA  1 
ATOM   246  C C   . LEU A 1 33 ? 11.956  7.237   -4.861  1.00 37.53 ? 33  LEU A C   1 
ATOM   247  O O   . LEU A 1 33 ? 11.568  8.161   -5.575  1.00 34.80 ? 33  LEU A O   1 
ATOM   248  C CB  . LEU A 1 33 ? 12.878  5.220   -5.990  1.00 38.15 ? 33  LEU A CB  1 
ATOM   249  C CG  . LEU A 1 33 ? 12.964  3.701   -6.163  1.00 40.44 ? 33  LEU A CG  1 
ATOM   250  C CD1 . LEU A 1 33 ? 12.980  3.037   -4.794  1.00 42.87 ? 33  LEU A CD1 1 
ATOM   251  C CD2 . LEU A 1 33 ? 11.789  3.200   -6.981  1.00 43.16 ? 33  LEU A CD2 1 
ATOM   252  N N   . GLU A 1 34 ? 12.623  7.424   -3.731  1.00 42.52 ? 34  GLU A N   1 
ATOM   253  C CA  . GLU A 1 34 ? 12.986  8.749   -3.262  1.00 46.46 ? 34  GLU A CA  1 
ATOM   254  C C   . GLU A 1 34 ? 13.856  9.396   -4.339  1.00 47.64 ? 34  GLU A C   1 
ATOM   255  O O   . GLU A 1 34 ? 14.400  8.706   -5.203  1.00 44.98 ? 34  GLU A O   1 
ATOM   256  C CB  . GLU A 1 34 ? 13.756  8.629   -1.945  1.00 52.08 ? 34  GLU A CB  1 
ATOM   257  C CG  . GLU A 1 34 ? 14.348  9.926   -1.414  1.00 56.93 ? 34  GLU A CG  1 
ATOM   258  C CD  . GLU A 1 34 ? 13.298  10.972  -1.101  1.00 62.11 ? 34  GLU A CD  1 
ATOM   259  O OE1 . GLU A 1 34 ? 13.660  12.010  -0.510  1.00 61.56 ? 34  GLU A OE1 1 
ATOM   260  O OE2 . GLU A 1 34 ? 12.116  10.762  -1.446  1.00 62.20 ? 34  GLU A OE2 1 
ATOM   261  N N   . GLU A 1 35 ? 13.979  10.718  -4.294  1.00 47.66 ? 35  GLU A N   1 
ATOM   262  C CA  . GLU A 1 35 ? 14.781  11.434  -5.277  1.00 49.88 ? 35  GLU A CA  1 
ATOM   263  C C   . GLU A 1 35 ? 16.152  10.803  -5.550  1.00 48.73 ? 35  GLU A C   1 
ATOM   264  O O   . GLU A 1 35 ? 16.953  10.602  -4.635  1.00 47.59 ? 35  GLU A O   1 
ATOM   265  C CB  . GLU A 1 35 ? 14.958  12.893  -4.849  1.00 50.97 ? 35  GLU A CB  1 
ATOM   266  C CG  . GLU A 1 35 ? 13.902  13.822  -5.409  1.00 54.23 ? 35  GLU A CG  1 
ATOM   267  C CD  . GLU A 1 35 ? 13.790  13.699  -6.908  1.00 56.99 ? 35  GLU A CD  1 
ATOM   268  O OE1 . GLU A 1 35 ? 14.843  13.737  -7.582  1.00 57.74 ? 35  GLU A OE1 1 
ATOM   269  O OE2 . GLU A 1 35 ? 12.659  13.566  -7.418  1.00 58.72 ? 35  GLU A OE2 1 
ATOM   270  N N   . MET A 1 36 ? 16.401  10.481  -6.818  1.00 48.64 ? 36  MET A N   1 
ATOM   271  C CA  . MET A 1 36 ? 17.668  9.891   -7.247  1.00 49.86 ? 36  MET A CA  1 
ATOM   272  C C   . MET A 1 36 ? 17.882  10.144  -8.744  1.00 50.22 ? 36  MET A C   1 
ATOM   273  O O   . MET A 1 36 ? 16.930  10.173  -9.522  1.00 49.03 ? 36  MET A O   1 
ATOM   274  C CB  . MET A 1 36 ? 17.696  8.386   -6.959  1.00 50.44 ? 36  MET A CB  1 
ATOM   275  C CG  . MET A 1 36 ? 17.012  7.507   -7.988  1.00 50.84 ? 36  MET A CG  1 
ATOM   276  S SD  . MET A 1 36 ? 17.213  5.764   -7.558  1.00 53.64 ? 36  MET A SD  1 
ATOM   277  C CE  . MET A 1 36 ? 19.018  5.584   -7.674  1.00 50.21 ? 36  MET A CE  1 
ATOM   278  N N   . ASN A 1 37 ? 19.137  10.335  -9.139  1.00 50.37 ? 37  ASN A N   1 
ATOM   279  C CA  . ASN A 1 37 ? 19.461  10.605  -10.536 1.00 52.02 ? 37  ASN A CA  1 
ATOM   280  C C   . ASN A 1 37 ? 19.640  9.390   -11.442 1.00 50.79 ? 37  ASN A C   1 
ATOM   281  O O   . ASN A 1 37 ? 20.700  8.775   -11.464 1.00 54.16 ? 37  ASN A O   1 
ATOM   282  C CB  . ASN A 1 37 ? 20.713  11.487  -10.625 1.00 53.94 ? 37  ASN A CB  1 
ATOM   283  C CG  . ASN A 1 37 ? 20.382  12.964  -10.661 1.00 55.14 ? 37  ASN A CG  1 
ATOM   284  O OD1 . ASN A 1 37 ? 19.854  13.528  -9.699  1.00 56.27 ? 37  ASN A OD1 1 
ATOM   285  N ND2 . ASN A 1 37 ? 20.683  13.599  -11.786 1.00 57.73 ? 37  ASN A ND2 1 
ATOM   286  N N   . LEU A 1 38 ? 18.612  9.059   -12.211 1.00 48.40 ? 38  LEU A N   1 
ATOM   287  C CA  . LEU A 1 38 ? 18.705  7.927   -13.121 1.00 46.62 ? 38  LEU A CA  1 
ATOM   288  C C   . LEU A 1 38 ? 19.024  8.422   -14.522 1.00 46.27 ? 38  LEU A C   1 
ATOM   289  O O   . LEU A 1 38 ? 18.546  9.470   -14.935 1.00 44.45 ? 38  LEU A O   1 
ATOM   290  C CB  . LEU A 1 38 ? 17.389  7.139   -13.144 1.00 44.81 ? 38  LEU A CB  1 
ATOM   291  C CG  . LEU A 1 38 ? 17.074  6.328   -11.882 1.00 45.35 ? 38  LEU A CG  1 
ATOM   292  C CD1 . LEU A 1 38 ? 15.698  5.686   -12.012 1.00 45.24 ? 38  LEU A CD1 1 
ATOM   293  C CD2 . LEU A 1 38 ? 18.154  5.263   -11.668 1.00 43.35 ? 38  LEU A CD2 1 
ATOM   294  N N   . PRO A 1 39 ? 19.870  7.689   -15.260 1.00 46.82 ? 39  PRO A N   1 
ATOM   295  C CA  . PRO A 1 39 ? 20.208  8.102   -16.623 1.00 46.61 ? 39  PRO A CA  1 
ATOM   296  C C   . PRO A 1 39 ? 19.104  7.673   -17.584 1.00 45.95 ? 39  PRO A C   1 
ATOM   297  O O   . PRO A 1 39 ? 18.400  6.688   -17.349 1.00 47.10 ? 39  PRO A O   1 
ATOM   298  C CB  . PRO A 1 39 ? 21.496  7.345   -16.894 1.00 46.58 ? 39  PRO A CB  1 
ATOM   299  C CG  . PRO A 1 39 ? 21.258  6.065   -16.150 1.00 47.66 ? 39  PRO A CG  1 
ATOM   300  C CD  . PRO A 1 39 ? 20.763  6.598   -14.825 1.00 47.20 ? 39  PRO A CD  1 
ATOM   301  N N   . GLY A 1 40 ? 18.960  8.416   -18.672 1.00 45.25 ? 40  GLY A N   1 
ATOM   302  C CA  . GLY A 1 40 ? 17.948  8.080   -19.652 1.00 45.36 ? 40  GLY A CA  1 
ATOM   303  C C   . GLY A 1 40 ? 16.830  9.096   -19.706 1.00 45.20 ? 40  GLY A C   1 
ATOM   304  O O   . GLY A 1 40 ? 16.729  9.974   -18.847 1.00 44.86 ? 40  GLY A O   1 
ATOM   305  N N   . LYS A 1 41 ? 15.988  8.986   -20.725 1.00 44.82 ? 41  LYS A N   1 
ATOM   306  C CA  . LYS A 1 41 ? 14.875  9.908   -20.876 1.00 46.52 ? 41  LYS A CA  1 
ATOM   307  C C   . LYS A 1 41 ? 13.744  9.530   -19.921 1.00 46.71 ? 41  LYS A C   1 
ATOM   308  O O   . LYS A 1 41 ? 13.646  8.387   -19.478 1.00 45.70 ? 41  LYS A O   1 
ATOM   309  C CB  . LYS A 1 41 ? 14.372  9.902   -22.321 1.00 44.98 ? 41  LYS A CB  1 
ATOM   310  N N   . TRP A 1 42 ? 12.899  10.505  -19.601 1.00 47.05 ? 42  TRP A N   1 
ATOM   311  C CA  . TRP A 1 42 ? 11.766  10.286  -18.712 1.00 46.90 ? 42  TRP A CA  1 
ATOM   312  C C   . TRP A 1 42 ? 10.616  11.202  -19.105 1.00 46.50 ? 42  TRP A C   1 
ATOM   313  O O   . TRP A 1 42 ? 10.787  12.100  -19.929 1.00 48.70 ? 42  TRP A O   1 
ATOM   314  C CB  . TRP A 1 42 ? 12.157  10.558  -17.261 1.00 49.11 ? 42  TRP A CB  1 
ATOM   315  C CG  . TRP A 1 42 ? 12.824  11.876  -17.057 1.00 52.17 ? 42  TRP A CG  1 
ATOM   316  C CD1 . TRP A 1 42 ? 14.162  12.139  -17.143 1.00 53.92 ? 42  TRP A CD1 1 
ATOM   317  C CD2 . TRP A 1 42 ? 12.189  13.122  -16.746 1.00 53.99 ? 42  TRP A CD2 1 
ATOM   318  N NE1 . TRP A 1 42 ? 14.401  13.471  -16.900 1.00 54.81 ? 42  TRP A NE1 1 
ATOM   319  C CE2 . TRP A 1 42 ? 13.207  14.099  -16.655 1.00 54.64 ? 42  TRP A CE2 1 
ATOM   320  C CE3 . TRP A 1 42 ? 10.857  13.509  -16.534 1.00 54.27 ? 42  TRP A CE3 1 
ATOM   321  C CZ2 . TRP A 1 42 ? 12.938  15.439  -16.360 1.00 53.95 ? 42  TRP A CZ2 1 
ATOM   322  C CZ3 . TRP A 1 42 ? 10.587  14.846  -16.241 1.00 54.14 ? 42  TRP A CZ3 1 
ATOM   323  C CH2 . TRP A 1 42 ? 11.627  15.794  -16.156 1.00 55.17 ? 42  TRP A CH2 1 
ATOM   324  N N   . LYS A 1 43 ? 9.448   10.972  -18.512 1.00 42.74 ? 43  LYS A N   1 
ATOM   325  C CA  . LYS A 1 43 ? 8.266   11.779  -18.796 1.00 40.88 ? 43  LYS A CA  1 
ATOM   326  C C   . LYS A 1 43 ? 7.570   12.150  -17.490 1.00 40.72 ? 43  LYS A C   1 
ATOM   327  O O   . LYS A 1 43 ? 7.557   11.365  -16.540 1.00 39.50 ? 43  LYS A O   1 
ATOM   328  C CB  . LYS A 1 43 ? 7.314   11.005  -19.698 1.00 39.36 ? 43  LYS A CB  1 
ATOM   329  N N   . PRO A 1 44 ? 6.995   13.364  -17.418 1.00 40.93 ? 44  PRO A N   1 
ATOM   330  C CA  . PRO A 1 44 ? 6.301   13.812  -16.205 1.00 38.44 ? 44  PRO A CA  1 
ATOM   331  C C   . PRO A 1 44 ? 5.014   13.025  -15.987 1.00 35.32 ? 44  PRO A C   1 
ATOM   332  O O   . PRO A 1 44 ? 4.330   12.649  -16.942 1.00 32.93 ? 44  PRO A O   1 
ATOM   333  C CB  . PRO A 1 44 ? 6.017   15.288  -16.486 1.00 39.98 ? 44  PRO A CB  1 
ATOM   334  C CG  . PRO A 1 44 ? 7.096   15.668  -17.465 1.00 41.79 ? 44  PRO A CG  1 
ATOM   335  C CD  . PRO A 1 44 ? 7.117   14.471  -18.379 1.00 41.39 ? 44  PRO A CD  1 
ATOM   336  N N   . LYS A 1 45 ? 4.688   12.781  -14.725 1.00 33.29 ? 45  LYS A N   1 
ATOM   337  C CA  . LYS A 1 45 ? 3.482   12.041  -14.396 1.00 31.19 ? 45  LYS A CA  1 
ATOM   338  C C   . LYS A 1 45 ? 2.974   12.459  -13.024 1.00 28.28 ? 45  LYS A C   1 
ATOM   339  O O   . LYS A 1 45 ? 3.738   12.923  -12.179 1.00 29.52 ? 45  LYS A O   1 
ATOM   340  C CB  . LYS A 1 45 ? 3.775   10.535  -14.409 1.00 33.04 ? 45  LYS A CB  1 
ATOM   341  C CG  . LYS A 1 45 ? 2.546   9.656   -14.261 1.00 35.36 ? 45  LYS A CG  1 
ATOM   342  C CD  . LYS A 1 45 ? 2.889   8.180   -14.429 1.00 39.90 ? 45  LYS A CD  1 
ATOM   343  C CE  . LYS A 1 45 ? 1.632   7.321   -14.415 1.00 40.11 ? 45  LYS A CE  1 
ATOM   344  N NZ  . LYS A 1 45 ? 1.913   5.898   -14.739 1.00 42.55 ? 45  LYS A NZ  1 
ATOM   345  N N   . MET A 1 46 ? 1.674   12.309  -12.819 1.00 26.14 ? 46  MET A N   1 
ATOM   346  C CA  . MET A 1 46 ? 1.058   12.636  -11.538 1.00 25.11 ? 46  MET A CA  1 
ATOM   347  C C   . MET A 1 46 ? 0.530   11.333  -10.975 1.00 23.13 ? 46  MET A C   1 
ATOM   348  O O   . MET A 1 46 ? -0.118  10.575  -11.693 1.00 24.80 ? 46  MET A O   1 
ATOM   349  C CB  . MET A 1 46 ? -0.111  13.606  -11.730 1.00 24.66 ? 46  MET A CB  1 
ATOM   350  C CG  . MET A 1 46 ? 0.293   14.988  -12.202 1.00 28.54 ? 46  MET A CG  1 
ATOM   351  S SD  . MET A 1 46 ? 1.022   15.958  -10.890 1.00 33.36 ? 46  MET A SD  1 
ATOM   352  C CE  . MET A 1 46 ? -0.452  16.481  -9.991  1.00 33.09 ? 46  MET A CE  1 
ATOM   353  N N   . ILE A 1 47 ? 0.831   11.055  -9.712  1.00 22.58 ? 47  ILE A N   1 
ATOM   354  C CA  . ILE A 1 47 ? 0.333   9.842   -9.072  1.00 20.81 ? 47  ILE A CA  1 
ATOM   355  C C   . ILE A 1 47 ? -0.406  10.281  -7.816  1.00 22.42 ? 47  ILE A C   1 
ATOM   356  O O   . ILE A 1 47 ? -0.012  11.244  -7.155  1.00 19.34 ? 47  ILE A O   1 
ATOM   357  C CB  . ILE A 1 47 ? 1.471   8.857   -8.682  1.00 24.46 ? 47  ILE A CB  1 
ATOM   358  C CG1 . ILE A 1 47 ? 2.433   9.515   -7.691  1.00 25.47 ? 47  ILE A CG1 1 
ATOM   359  C CG2 . ILE A 1 47 ? 2.213   8.403   -9.927  1.00 25.14 ? 47  ILE A CG2 1 
ATOM   360  C CD1 . ILE A 1 47 ? 3.500   8.577   -7.160  1.00 26.75 ? 47  ILE A CD1 1 
ATOM   361  N N   . GLY A 1 48 ? -1.485  9.582   -7.498  1.00 18.26 ? 48  GLY A N   1 
ATOM   362  C CA  . GLY A 1 48 ? -2.258  9.953   -6.334  1.00 23.55 ? 48  GLY A CA  1 
ATOM   363  C C   . GLY A 1 48 ? -2.168  8.963   -5.197  1.00 24.95 ? 48  GLY A C   1 
ATOM   364  O O   . GLY A 1 48 ? -1.903  7.778   -5.386  1.00 23.88 ? 48  GLY A O   1 
ATOM   365  N N   . GLY A 1 49 ? -2.387  9.474   -3.998  1.00 27.05 ? 49  GLY A N   1 
ATOM   366  C CA  . GLY A 1 49 ? -2.359  8.642   -2.817  1.00 28.73 ? 49  GLY A CA  1 
ATOM   367  C C   . GLY A 1 49 ? -3.315  9.238   -1.812  1.00 26.37 ? 49  GLY A C   1 
ATOM   368  O O   . GLY A 1 49 ? -4.152  10.077  -2.155  1.00 24.09 ? 49  GLY A O   1 
ATOM   369  N N   1 ILE A 1 50 ? -3.228  8.782   -0.569  0.50 27.31 ? 50  ILE A N   1 
ATOM   370  N N   2 ILE A 1 50 ? -3.164  8.821   -0.561  0.50 26.54 ? 50  ILE A N   1 
ATOM   371  C CA  1 ILE A 1 50 ? -4.130  9.238   0.485   0.50 28.11 ? 50  ILE A CA  1 
ATOM   372  C CA  2 ILE A 1 50 ? -3.963  9.371   0.516   0.50 27.07 ? 50  ILE A CA  1 
ATOM   373  C C   1 ILE A 1 50 ? -4.313  10.748  0.705   0.50 28.65 ? 50  ILE A C   1 
ATOM   374  C C   2 ILE A 1 50 ? -3.354  10.760  0.693   0.50 26.78 ? 50  ILE A C   1 
ATOM   375  O O   1 ILE A 1 50 ? -5.429  11.188  0.956   0.50 29.49 ? 50  ILE A O   1 
ATOM   376  O O   2 ILE A 1 50 ? -2.131  10.902  0.781   0.50 26.49 ? 50  ILE A O   1 
ATOM   377  C CB  1 ILE A 1 50 ? -3.770  8.547   1.835   0.50 28.95 ? 50  ILE A CB  1 
ATOM   378  C CB  2 ILE A 1 50 ? -3.796  8.553   1.817   0.50 27.63 ? 50  ILE A CB  1 
ATOM   379  C CG1 1 ILE A 1 50 ? -4.560  7.240   1.950   0.50 29.90 ? 50  ILE A CG1 1 
ATOM   380  C CG1 2 ILE A 1 50 ? -4.705  7.324   1.768   0.50 28.37 ? 50  ILE A CG1 1 
ATOM   381  C CG2 1 ILE A 1 50 ? -4.067  9.463   3.016   0.50 29.04 ? 50  ILE A CG2 1 
ATOM   382  C CG2 2 ILE A 1 50 ? -4.126  9.409   3.028   0.50 28.08 ? 50  ILE A CG2 1 
ATOM   383  C CD1 1 ILE A 1 50 ? -4.478  6.572   3.315   0.50 32.80 ? 50  ILE A CD1 1 
ATOM   384  C CD1 2 ILE A 1 50 ? -4.699  6.496   3.042   0.50 30.65 ? 50  ILE A CD1 1 
ATOM   385  N N   1 GLY A 1 51 ? -3.248  11.540  0.608   0.50 26.97 ? 51  GLY A N   1 
ATOM   386  N N   2 GLY A 1 51 ? -4.199  11.781  0.715   0.50 26.43 ? 51  GLY A N   1 
ATOM   387  C CA  1 GLY A 1 51 ? -3.388  12.973  0.840   0.50 26.79 ? 51  GLY A CA  1 
ATOM   388  C CA  2 GLY A 1 51 ? -3.692  13.127  0.868   0.50 25.11 ? 51  GLY A CA  1 
ATOM   389  C C   1 GLY A 1 51 ? -3.450  13.864  -0.391  0.50 27.85 ? 51  GLY A C   1 
ATOM   390  C C   2 GLY A 1 51 ? -3.729  13.906  -0.432  0.50 27.03 ? 51  GLY A C   1 
ATOM   391  O O   1 GLY A 1 51 ? -3.487  15.089  -0.279  0.50 28.22 ? 51  GLY A O   1 
ATOM   392  O O   2 GLY A 1 51 ? -3.980  15.110  -0.411  0.50 26.82 ? 51  GLY A O   1 
ATOM   393  N N   . GLY A 1 52 ? -3.479  13.244  -1.564  1.00 26.94 ? 52  GLY A N   1 
ATOM   394  C CA  . GLY A 1 52 ? -3.521  13.971  -2.822  1.00 24.40 ? 52  GLY A CA  1 
ATOM   395  C C   . GLY A 1 52 ? -2.559  13.435  -3.868  1.00 25.07 ? 52  GLY A C   1 
ATOM   396  O O   . GLY A 1 52 ? -2.195  12.264  -3.839  1.00 24.67 ? 52  GLY A O   1 
ATOM   397  N N   . PHE A 1 53 ? -2.146  14.299  -4.791  1.00 23.41 ? 53  PHE A N   1 
ATOM   398  C CA  . PHE A 1 53 ? -1.226  13.921  -5.863  1.00 23.05 ? 53  PHE A CA  1 
ATOM   399  C C   . PHE A 1 53 ? 0.143   14.583  -5.744  1.00 24.40 ? 53  PHE A C   1 
ATOM   400  O O   . PHE A 1 53 ? 0.286   15.650  -5.147  1.00 22.48 ? 53  PHE A O   1 
ATOM   401  C CB  . PHE A 1 53 ? -1.793  14.324  -7.231  1.00 22.34 ? 53  PHE A CB  1 
ATOM   402  C CG  . PHE A 1 53 ? -2.934  13.474  -7.708  1.00 21.22 ? 53  PHE A CG  1 
ATOM   403  C CD1 . PHE A 1 53 ? -4.203  13.607  -7.158  1.00 22.33 ? 53  PHE A CD1 1 
ATOM   404  C CD2 . PHE A 1 53 ? -2.740  12.551  -8.731  1.00 20.22 ? 53  PHE A CD2 1 
ATOM   405  C CE1 . PHE A 1 53 ? -5.267  12.837  -7.622  1.00 20.40 ? 53  PHE A CE1 1 
ATOM   406  C CE2 . PHE A 1 53 ? -3.798  11.773  -9.203  1.00 22.62 ? 53  PHE A CE2 1 
ATOM   407  C CZ  . PHE A 1 53 ? -5.064  11.917  -8.647  1.00 19.46 ? 53  PHE A CZ  1 
ATOM   408  N N   . ILE A 1 54 ? 1.147   13.937  -6.326  1.00 23.79 ? 54  ILE A N   1 
ATOM   409  C CA  . ILE A 1 54 ? 2.492   14.494  -6.371  1.00 24.63 ? 54  ILE A CA  1 
ATOM   410  C C   . ILE A 1 54 ? 2.989   14.281  -7.795  1.00 26.39 ? 54  ILE A C   1 
ATOM   411  O O   . ILE A 1 54 ? 2.533   13.368  -8.492  1.00 25.97 ? 54  ILE A O   1 
ATOM   412  C CB  . ILE A 1 54 ? 3.478   13.810  -5.384  1.00 24.94 ? 54  ILE A CB  1 
ATOM   413  C CG1 . ILE A 1 54 ? 3.546   12.306  -5.657  1.00 23.55 ? 54  ILE A CG1 1 
ATOM   414  C CG2 . ILE A 1 54 ? 3.068   14.112  -3.946  1.00 22.69 ? 54  ILE A CG2 1 
ATOM   415  C CD1 . ILE A 1 54 ? 4.771   11.631  -5.037  1.00 25.13 ? 54  ILE A CD1 1 
ATOM   416  N N   . LYS A 1 55 ? 3.907   15.134  -8.231  1.00 25.90 ? 55  LYS A N   1 
ATOM   417  C CA  . LYS A 1 55 ? 4.471   15.027  -9.568  1.00 27.20 ? 55  LYS A CA  1 
ATOM   418  C C   . LYS A 1 55 ? 5.733   14.173  -9.466  1.00 28.07 ? 55  LYS A C   1 
ATOM   419  O O   . LYS A 1 55 ? 6.516   14.331  -8.528  1.00 28.68 ? 55  LYS A O   1 
ATOM   420  C CB  . LYS A 1 55 ? 4.807   16.425  -10.090 1.00 29.80 ? 55  LYS A CB  1 
ATOM   421  C CG  . LYS A 1 55 ? 5.309   16.488  -11.518 1.00 33.19 ? 55  LYS A CG  1 
ATOM   422  C CD  . LYS A 1 55 ? 5.565   17.940  -11.906 1.00 38.67 ? 55  LYS A CD  1 
ATOM   423  C CE  . LYS A 1 55 ? 6.181   18.059  -13.285 1.00 41.60 ? 55  LYS A CE  1 
ATOM   424  N NZ  . LYS A 1 55 ? 6.489   19.480  -13.620 1.00 46.59 ? 55  LYS A NZ  1 
ATOM   425  N N   . VAL A 1 56 ? 5.926   13.267  -10.420 1.00 26.55 ? 56  VAL A N   1 
ATOM   426  C CA  . VAL A 1 56 ? 7.100   12.395  -10.413 1.00 29.80 ? 56  VAL A CA  1 
ATOM   427  C C   . VAL A 1 56 ? 7.707   12.250  -11.806 1.00 31.44 ? 56  VAL A C   1 
ATOM   428  O O   . VAL A 1 56 ? 7.114   12.667  -12.799 1.00 32.66 ? 56  VAL A O   1 
ATOM   429  C CB  . VAL A 1 56 ? 6.752   10.966  -9.910  1.00 29.35 ? 56  VAL A CB  1 
ATOM   430  C CG1 . VAL A 1 56 ? 6.216   11.022  -8.483  1.00 27.18 ? 56  VAL A CG1 1 
ATOM   431  C CG2 . VAL A 1 56 ? 5.728   10.324  -10.841 1.00 27.13 ? 56  VAL A CG2 1 
ATOM   432  N N   . ARG A 1 57 ? 8.895   11.658  -11.861 1.00 33.20 ? 57  ARG A N   1 
ATOM   433  C CA  . ARG A 1 57 ? 9.585   11.422  -13.125 1.00 32.13 ? 57  ARG A CA  1 
ATOM   434  C C   . ARG A 1 57 ? 9.525   9.928   -13.408 1.00 28.71 ? 57  ARG A C   1 
ATOM   435  O O   . ARG A 1 57 ? 9.905   9.118   -12.568 1.00 30.20 ? 57  ARG A O   1 
ATOM   436  C CB  . ARG A 1 57 ? 11.040  11.897  -13.038 1.00 34.62 ? 57  ARG A CB  1 
ATOM   437  C CG  . ARG A 1 57 ? 11.174  13.413  -12.971 1.00 39.25 ? 57  ARG A CG  1 
ATOM   438  C CD  . ARG A 1 57 ? 12.626  13.891  -13.039 1.00 43.96 ? 57  ARG A CD  1 
ATOM   439  N NE  . ARG A 1 57 ? 13.304  13.868  -11.742 1.00 48.15 ? 57  ARG A NE  1 
ATOM   440  C CZ  . ARG A 1 57 ? 14.101  12.890  -11.320 1.00 50.33 ? 57  ARG A CZ  1 
ATOM   441  N NH1 . ARG A 1 57 ? 14.335  11.836  -12.089 1.00 52.84 ? 57  ARG A NH1 1 
ATOM   442  N NH2 . ARG A 1 57 ? 14.673  12.969  -10.124 1.00 51.54 ? 57  ARG A NH2 1 
ATOM   443  N N   . GLN A 1 58 ? 9.035   9.569   -14.589 1.00 28.79 ? 58  GLN A N   1 
ATOM   444  C CA  . GLN A 1 58 ? 8.904   8.170   -14.979 1.00 30.80 ? 58  GLN A CA  1 
ATOM   445  C C   . GLN A 1 58 ? 10.041  7.671   -15.859 1.00 32.94 ? 58  GLN A C   1 
ATOM   446  O O   . GLN A 1 58 ? 10.259  8.188   -16.955 1.00 32.22 ? 58  GLN A O   1 
ATOM   447  C CB  . GLN A 1 58 ? 7.585   7.960   -15.725 1.00 32.82 ? 58  GLN A CB  1 
ATOM   448  C CG  . GLN A 1 58 ? 7.376   6.540   -16.223 1.00 36.83 ? 58  GLN A CG  1 
ATOM   449  C CD  . GLN A 1 58 ? 6.104   6.386   -17.033 1.00 39.81 ? 58  GLN A CD  1 
ATOM   450  O OE1 . GLN A 1 58 ? 5.019   6.777   -16.593 1.00 42.97 ? 58  GLN A OE1 1 
ATOM   451  N NE2 . GLN A 1 58 ? 6.228   5.808   -18.221 1.00 39.67 ? 58  GLN A NE2 1 
ATOM   452  N N   . TYR A 1 59 ? 10.757  6.661   -15.377 1.00 33.18 ? 59  TYR A N   1 
ATOM   453  C CA  . TYR A 1 59 ? 11.855  6.059   -16.132 1.00 33.49 ? 59  TYR A CA  1 
ATOM   454  C C   . TYR A 1 59 ? 11.438  4.639   -16.497 1.00 35.59 ? 59  TYR A C   1 
ATOM   455  O O   . TYR A 1 59 ? 10.821  3.943   -15.689 1.00 33.54 ? 59  TYR A O   1 
ATOM   456  C CB  . TYR A 1 59 ? 13.133  6.001   -15.298 1.00 33.84 ? 59  TYR A CB  1 
ATOM   457  C CG  . TYR A 1 59 ? 13.747  7.342   -14.994 1.00 34.46 ? 59  TYR A CG  1 
ATOM   458  C CD1 . TYR A 1 59 ? 13.231  8.158   -13.990 1.00 34.95 ? 59  TYR A CD1 1 
ATOM   459  C CD2 . TYR A 1 59 ? 14.861  7.792   -15.705 1.00 35.32 ? 59  TYR A CD2 1 
ATOM   460  C CE1 . TYR A 1 59 ? 13.811  9.391   -13.699 1.00 37.25 ? 59  TYR A CE1 1 
ATOM   461  C CE2 . TYR A 1 59 ? 15.447  9.020   -15.424 1.00 35.78 ? 59  TYR A CE2 1 
ATOM   462  C CZ  . TYR A 1 59 ? 14.923  9.813   -14.421 1.00 36.61 ? 59  TYR A CZ  1 
ATOM   463  O OH  . TYR A 1 59 ? 15.521  11.016  -14.128 1.00 37.41 ? 59  TYR A OH  1 
ATOM   464  N N   . ASP A 1 60 ? 11.783  4.209   -17.706 1.00 36.52 ? 60  ASP A N   1 
ATOM   465  C CA  . ASP A 1 60 ? 11.419  2.878   -18.169 1.00 40.69 ? 60  ASP A CA  1 
ATOM   466  C C   . ASP A 1 60 ? 12.596  1.907   -18.220 1.00 40.43 ? 60  ASP A C   1 
ATOM   467  O O   . ASP A 1 60 ? 13.757  2.312   -18.264 1.00 38.83 ? 60  ASP A O   1 
ATOM   468  C CB  . ASP A 1 60 ? 10.781  2.968   -19.556 1.00 43.64 ? 60  ASP A CB  1 
ATOM   469  C CG  . ASP A 1 60 ? 9.540   3.831   -19.567 1.00 48.18 ? 60  ASP A CG  1 
ATOM   470  O OD1 . ASP A 1 60 ? 8.516   3.417   -18.981 1.00 51.68 ? 60  ASP A OD1 1 
ATOM   471  O OD2 . ASP A 1 60 ? 9.590   4.934   -20.153 1.00 51.24 ? 60  ASP A OD2 1 
ATOM   472  N N   . GLN A 1 61 ? 12.272  0.618   -18.210 1.00 40.46 ? 61  GLN A N   1 
ATOM   473  C CA  . GLN A 1 61 ? 13.266  -0.446  -18.281 1.00 41.17 ? 61  GLN A CA  1 
ATOM   474  C C   . GLN A 1 61 ? 14.469  -0.248  -17.367 1.00 38.90 ? 61  GLN A C   1 
ATOM   475  O O   . GLN A 1 61 ? 15.612  -0.288  -17.817 1.00 36.76 ? 61  GLN A O   1 
ATOM   476  C CB  . GLN A 1 61 ? 13.747  -0.599  -19.726 1.00 43.23 ? 61  GLN A CB  1 
ATOM   477  C CG  . GLN A 1 61 ? 12.627  -0.795  -20.736 1.00 48.04 ? 61  GLN A CG  1 
ATOM   478  C CD  . GLN A 1 61 ? 11.923  -2.130  -20.596 1.00 52.24 ? 61  GLN A CD  1 
ATOM   479  O OE1 . GLN A 1 61 ? 10.930  -2.391  -21.276 1.00 54.50 ? 61  GLN A OE1 1 
ATOM   480  N NE2 . GLN A 1 61 ? 12.434  -2.985  -19.719 1.00 52.65 ? 61  GLN A NE2 1 
ATOM   481  N N   . ILE A 1 62 ? 14.213  -0.038  -16.082 1.00 36.19 ? 62  ILE A N   1 
ATOM   482  C CA  . ILE A 1 62 ? 15.292  0.144   -15.119 1.00 35.15 ? 62  ILE A CA  1 
ATOM   483  C C   . ILE A 1 62 ? 15.522  -1.172  -14.384 1.00 36.05 ? 62  ILE A C   1 
ATOM   484  O O   . ILE A 1 62 ? 14.600  -1.729  -13.796 1.00 33.70 ? 62  ILE A O   1 
ATOM   485  C CB  . ILE A 1 62 ? 14.940  1.230   -14.083 1.00 33.76 ? 62  ILE A CB  1 
ATOM   486  C CG1 . ILE A 1 62 ? 14.759  2.581   -14.777 1.00 33.34 ? 62  ILE A CG1 1 
ATOM   487  C CG2 . ILE A 1 62 ? 16.022  1.303   -13.017 1.00 33.84 ? 62  ILE A CG2 1 
ATOM   488  C CD1 . ILE A 1 62 ? 16.010  3.109   -15.461 1.00 33.43 ? 62  ILE A CD1 1 
ATOM   489  N N   . PRO A 1 63 ? 16.755  -1.704  -14.432 1.00 38.14 ? 63  PRO A N   1 
ATOM   490  C CA  . PRO A 1 63 ? 17.037  -2.965  -13.738 1.00 38.67 ? 63  PRO A CA  1 
ATOM   491  C C   . PRO A 1 63 ? 17.007  -2.760  -12.228 1.00 39.23 ? 63  PRO A C   1 
ATOM   492  O O   . PRO A 1 63 ? 17.622  -1.828  -11.710 1.00 39.53 ? 63  PRO A O   1 
ATOM   493  C CB  . PRO A 1 63 ? 18.435  -3.333  -14.233 1.00 37.71 ? 63  PRO A CB  1 
ATOM   494  C CG  . PRO A 1 63 ? 18.493  -2.697  -15.598 1.00 38.91 ? 63  PRO A CG  1 
ATOM   495  C CD  . PRO A 1 63 ? 17.864  -1.349  -15.334 1.00 38.28 ? 63  PRO A CD  1 
ATOM   496  N N   . VAL A 1 64 ? 16.285  -3.627  -11.528 1.00 40.24 ? 64  VAL A N   1 
ATOM   497  C CA  . VAL A 1 64 ? 16.193  -3.534  -10.078 1.00 43.30 ? 64  VAL A CA  1 
ATOM   498  C C   . VAL A 1 64 ? 16.301  -4.922  -9.467  1.00 44.49 ? 64  VAL A C   1 
ATOM   499  O O   . VAL A 1 64 ? 15.710  -5.877  -9.968  1.00 46.32 ? 64  VAL A O   1 
ATOM   500  C CB  . VAL A 1 64 ? 14.853  -2.894  -9.635  1.00 44.19 ? 64  VAL A CB  1 
ATOM   501  C CG1 . VAL A 1 64 ? 14.754  -2.890  -8.114  1.00 46.01 ? 64  VAL A CG1 1 
ATOM   502  C CG2 . VAL A 1 64 ? 14.754  -1.468  -10.165 1.00 43.77 ? 64  VAL A CG2 1 
ATOM   503  N N   . GLU A 1 65 ? 17.069  -5.035  -8.391  1.00 45.30 ? 65  GLU A N   1 
ATOM   504  C CA  . GLU A 1 65 ? 17.230  -6.313  -7.716  1.00 46.17 ? 65  GLU A CA  1 
ATOM   505  C C   . GLU A 1 65 ? 16.585  -6.233  -6.335  1.00 44.15 ? 65  GLU A C   1 
ATOM   506  O O   . GLU A 1 65 ? 16.985  -5.427  -5.492  1.00 41.57 ? 65  GLU A O   1 
ATOM   507  C CB  . GLU A 1 65 ? 18.713  -6.669  -7.593  1.00 48.53 ? 65  GLU A CB  1 
ATOM   508  C CG  . GLU A 1 65 ? 18.966  -8.072  -7.077  1.00 53.10 ? 65  GLU A CG  1 
ATOM   509  C CD  . GLU A 1 65 ? 20.430  -8.455  -7.137  1.00 55.13 ? 65  GLU A CD  1 
ATOM   510  O OE1 . GLU A 1 65 ? 21.250  -7.776  -6.483  1.00 57.98 ? 65  GLU A OE1 1 
ATOM   511  O OE2 . GLU A 1 65 ? 20.761  -9.434  -7.840  1.00 55.82 ? 65  GLU A OE2 1 
ATOM   512  N N   . ILE A 1 66 ? 15.575  -7.071  -6.119  1.00 43.32 ? 66  ILE A N   1 
ATOM   513  C CA  . ILE A 1 66 ? 14.848  -7.107  -4.854  1.00 43.24 ? 66  ILE A CA  1 
ATOM   514  C C   . ILE A 1 66 ? 15.127  -8.418  -4.119  1.00 43.65 ? 66  ILE A C   1 
ATOM   515  O O   . ILE A 1 66 ? 14.655  -9.480  -4.527  1.00 40.38 ? 66  ILE A O   1 
ATOM   516  C CB  . ILE A 1 66 ? 13.325  -6.981  -5.098  1.00 42.10 ? 66  ILE A CB  1 
ATOM   517  C CG1 . ILE A 1 66 ? 13.037  -5.745  -5.953  1.00 40.34 ? 66  ILE A CG1 1 
ATOM   518  C CG2 . ILE A 1 66 ? 12.588  -6.873  -3.770  1.00 42.20 ? 66  ILE A CG2 1 
ATOM   519  C CD1 . ILE A 1 66 ? 11.615  -5.672  -6.457  1.00 40.18 ? 66  ILE A CD1 1 
ATOM   520  N N   . CYS A 1 67 ? 15.890  -8.333  -3.032  1.00 46.42 ? 67  CYS A N   1 
ATOM   521  C CA  . CYS A 1 67 ? 16.242  -9.513  -2.243  1.00 50.73 ? 67  CYS A CA  1 
ATOM   522  C C   . CYS A 1 67 ? 16.763  -10.655 -3.109  1.00 50.81 ? 67  CYS A C   1 
ATOM   523  O O   . CYS A 1 67 ? 16.235  -11.768 -3.070  1.00 50.94 ? 67  CYS A O   1 
ATOM   524  C CB  . CYS A 1 67 ? 15.034  -10.000 -1.436  1.00 52.81 ? 67  CYS A CB  1 
ATOM   525  S SG  . CYS A 1 67 ? 14.727  -9.074  0.083   1.00 60.33 ? 67  CYS A SG  1 
ATOM   526  N N   . GLY A 1 68 ? 17.798  -10.372 -3.896  1.00 50.65 ? 68  GLY A N   1 
ATOM   527  C CA  . GLY A 1 68 ? 18.375  -11.393 -4.750  1.00 50.39 ? 68  GLY A CA  1 
ATOM   528  C C   . GLY A 1 68 ? 17.590  -11.693 -6.013  1.00 50.79 ? 68  GLY A C   1 
ATOM   529  O O   . GLY A 1 68 ? 18.102  -12.358 -6.914  1.00 52.20 ? 68  GLY A O   1 
ATOM   530  N N   . HIS A 1 69 ? 16.350  -11.217 -6.085  1.00 49.58 ? 69  HIS A N   1 
ATOM   531  C CA  . HIS A 1 69 ? 15.524  -11.446 -7.264  1.00 47.16 ? 69  HIS A CA  1 
ATOM   532  C C   . HIS A 1 69 ? 15.677  -10.298 -8.257  1.00 46.93 ? 69  HIS A C   1 
ATOM   533  O O   . HIS A 1 69 ? 15.597  -9.125  -7.887  1.00 46.83 ? 69  HIS A O   1 
ATOM   534  C CB  . HIS A 1 69 ? 14.058  -11.615 -6.860  1.00 47.78 ? 69  HIS A CB  1 
ATOM   535  C CG  . HIS A 1 69 ? 13.769  -12.918 -6.181  1.00 48.23 ? 69  HIS A CG  1 
ATOM   536  N ND1 . HIS A 1 69 ? 14.365  -13.286 -4.994  1.00 48.37 ? 69  HIS A ND1 1 
ATOM   537  C CD2 . HIS A 1 69 ? 12.964  -13.948 -6.534  1.00 48.14 ? 69  HIS A CD2 1 
ATOM   538  C CE1 . HIS A 1 69 ? 13.938  -14.487 -4.645  1.00 49.21 ? 69  HIS A CE1 1 
ATOM   539  N NE2 . HIS A 1 69 ? 13.088  -14.910 -5.563  1.00 49.28 ? 69  HIS A NE2 1 
ATOM   540  N N   . LYS A 1 70 ? 15.904  -10.643 -9.520  1.00 45.23 ? 70  LYS A N   1 
ATOM   541  C CA  . LYS A 1 70 ? 16.095  -9.644  -10.561 1.00 42.83 ? 70  LYS A CA  1 
ATOM   542  C C   . LYS A 1 70 ? 14.800  -9.281  -11.272 1.00 40.39 ? 70  LYS A C   1 
ATOM   543  O O   . LYS A 1 70 ? 14.028  -10.153 -11.666 1.00 41.46 ? 70  LYS A O   1 
ATOM   544  C CB  . LYS A 1 70 ? 17.125  -10.143 -11.579 1.00 43.27 ? 70  LYS A CB  1 
ATOM   545  N N   . ALA A 1 71 ? 14.570  -7.981  -11.428 1.00 36.70 ? 71  ALA A N   1 
ATOM   546  C CA  . ALA A 1 71 ? 13.382  -7.487  -12.107 1.00 35.65 ? 71  ALA A CA  1 
ATOM   547  C C   . ALA A 1 71 ? 13.764  -6.303  -12.990 1.00 32.98 ? 71  ALA A C   1 
ATOM   548  O O   . ALA A 1 71 ? 14.805  -5.682  -12.793 1.00 34.55 ? 71  ALA A O   1 
ATOM   549  C CB  . ALA A 1 71 ? 12.333  -7.069  -11.089 1.00 35.78 ? 71  ALA A CB  1 
ATOM   550  N N   . ILE A 1 72 ? 12.919  -5.998  -13.964 1.00 32.65 ? 72  ILE A N   1 
ATOM   551  C CA  . ILE A 1 72 ? 13.168  -4.888  -14.876 1.00 34.35 ? 72  ILE A CA  1 
ATOM   552  C C   . ILE A 1 72 ? 11.831  -4.229  -15.203 1.00 31.78 ? 72  ILE A C   1 
ATOM   553  O O   . ILE A 1 72 ? 10.887  -4.899  -15.618 1.00 33.87 ? 72  ILE A O   1 
ATOM   554  C CB  . ILE A 1 72 ? 13.851  -5.382  -16.194 1.00 34.15 ? 72  ILE A CB  1 
ATOM   555  C CG1 . ILE A 1 72 ? 14.015  -4.226  -17.183 1.00 35.56 ? 72  ILE A CG1 1 
ATOM   556  C CG2 . ILE A 1 72 ? 13.036  -6.496  -16.829 1.00 36.67 ? 72  ILE A CG2 1 
ATOM   557  C CD1 . ILE A 1 72 ? 15.239  -3.379  -16.943 1.00 39.03 ? 72  ILE A CD1 1 
ATOM   558  N N   . GLY A 1 73 ? 11.742  -2.920  -15.004 1.00 29.90 ? 73  GLY A N   1 
ATOM   559  C CA  . GLY A 1 73 ? 10.492  -2.250  -15.298 1.00 29.51 ? 73  GLY A CA  1 
ATOM   560  C C   . GLY A 1 73 ? 10.482  -0.758  -15.057 1.00 30.09 ? 73  GLY A C   1 
ATOM   561  O O   . GLY A 1 73 ? 11.526  -0.121  -14.924 1.00 28.75 ? 73  GLY A O   1 
ATOM   562  N N   . THR A 1 74 ? 9.280   -0.199  -14.999 1.00 30.47 ? 74  THR A N   1 
ATOM   563  C CA  . THR A 1 74 ? 9.115   1.224   -14.784 1.00 30.75 ? 74  THR A CA  1 
ATOM   564  C C   . THR A 1 74 ? 9.370   1.623   -13.338 1.00 31.03 ? 74  THR A C   1 
ATOM   565  O O   . THR A 1 74 ? 9.005   0.912   -12.399 1.00 30.71 ? 74  THR A O   1 
ATOM   566  C CB  . THR A 1 74 ? 7.701   1.677   -15.182 1.00 33.01 ? 74  THR A CB  1 
ATOM   567  O OG1 . THR A 1 74 ? 7.471   1.347   -16.558 1.00 36.14 ? 74  THR A OG1 1 
ATOM   568  C CG2 . THR A 1 74 ? 7.545   3.184   -14.992 1.00 32.03 ? 74  THR A CG2 1 
ATOM   569  N N   . VAL A 1 75 ? 10.019  2.766   -13.172 1.00 28.91 ? 75  VAL A N   1 
ATOM   570  C CA  . VAL A 1 75 ? 10.313  3.299   -11.858 1.00 29.18 ? 75  VAL A CA  1 
ATOM   571  C C   . VAL A 1 75 ? 9.974   4.786   -11.860 1.00 29.59 ? 75  VAL A C   1 
ATOM   572  O O   . VAL A 1 75 ? 10.359  5.521   -12.770 1.00 28.45 ? 75  VAL A O   1 
ATOM   573  C CB  . VAL A 1 75 ? 11.806  3.116   -11.503 1.00 31.70 ? 75  VAL A CB  1 
ATOM   574  C CG1 . VAL A 1 75 ? 12.160  3.952   -10.283 1.00 31.72 ? 75  VAL A CG1 1 
ATOM   575  C CG2 . VAL A 1 75 ? 12.096  1.639   -11.241 1.00 30.82 ? 75  VAL A CG2 1 
ATOM   576  N N   . LEU A 1 76 ? 9.236   5.222   -10.848 1.00 28.14 ? 76  LEU A N   1 
ATOM   577  C CA  . LEU A 1 76 ? 8.864   6.625   -10.728 1.00 25.90 ? 76  LEU A CA  1 
ATOM   578  C C   . LEU A 1 76 ? 9.722   7.230   -9.626  1.00 26.10 ? 76  LEU A C   1 
ATOM   579  O O   . LEU A 1 76 ? 9.962   6.598   -8.595  1.00 24.29 ? 76  LEU A O   1 
ATOM   580  C CB  . LEU A 1 76 ? 7.383   6.755   -10.376 1.00 23.43 ? 76  LEU A CB  1 
ATOM   581  C CG  . LEU A 1 76 ? 6.381   5.988   -11.242 1.00 25.19 ? 76  LEU A CG  1 
ATOM   582  C CD1 . LEU A 1 76 ? 4.987   6.218   -10.695 1.00 23.90 ? 76  LEU A CD1 1 
ATOM   583  C CD2 . LEU A 1 76 ? 6.468   6.428   -12.698 1.00 24.83 ? 76  LEU A CD2 1 
ATOM   584  N N   . VAL A 1 77 ? 10.204  8.445   -9.851  1.00 26.00 ? 77  VAL A N   1 
ATOM   585  C CA  . VAL A 1 77 ? 11.045  9.122   -8.871  1.00 25.82 ? 77  VAL A CA  1 
ATOM   586  C C   . VAL A 1 77 ? 10.419  10.461  -8.508  1.00 27.78 ? 77  VAL A C   1 
ATOM   587  O O   . VAL A 1 77 ? 10.094  11.266  -9.380  1.00 29.61 ? 77  VAL A O   1 
ATOM   588  C CB  . VAL A 1 77 ? 12.477  9.362   -9.421  1.00 26.15 ? 77  VAL A CB  1 
ATOM   589  C CG1 . VAL A 1 77 ? 13.325  10.093  -8.390  1.00 25.32 ? 77  VAL A CG1 1 
ATOM   590  C CG2 . VAL A 1 77 ? 13.117  8.034   -9.787  1.00 24.73 ? 77  VAL A CG2 1 
ATOM   591  N N   . GLY A 1 78 ? 10.242  10.690  -7.215  1.00 28.08 ? 78  GLY A N   1 
ATOM   592  C CA  . GLY A 1 78 ? 9.645   11.928  -6.772  1.00 28.72 ? 78  GLY A CA  1 
ATOM   593  C C   . GLY A 1 78 ? 9.744   12.068  -5.268  1.00 30.91 ? 78  GLY A C   1 
ATOM   594  O O   . GLY A 1 78 ? 10.361  11.233  -4.602  1.00 30.24 ? 78  GLY A O   1 
ATOM   595  N N   . PRO A 1 79 ? 9.133   13.114  -4.699  1.00 30.27 ? 79  PRO A N   1 
ATOM   596  C CA  . PRO A 1 79 ? 9.165   13.353  -3.256  1.00 32.25 ? 79  PRO A CA  1 
ATOM   597  C C   . PRO A 1 79 ? 8.244   12.444  -2.452  1.00 32.78 ? 79  PRO A C   1 
ATOM   598  O O   . PRO A 1 79 ? 7.241   12.900  -1.905  1.00 34.07 ? 79  PRO A O   1 
ATOM   599  C CB  . PRO A 1 79 ? 8.760   14.816  -3.149  1.00 30.99 ? 79  PRO A CB  1 
ATOM   600  C CG  . PRO A 1 79 ? 7.751   14.939  -4.257  1.00 32.84 ? 79  PRO A CG  1 
ATOM   601  C CD  . PRO A 1 79 ? 8.421   14.201  -5.398  1.00 30.54 ? 79  PRO A CD  1 
ATOM   602  N N   . THR A 1 80 ? 8.572   11.159  -2.391  1.00 34.56 ? 80  THR A N   1 
ATOM   603  C CA  . THR A 1 80 ? 7.767   10.226  -1.613  1.00 34.91 ? 80  THR A CA  1 
ATOM   604  C C   . THR A 1 80 ? 8.405   10.106  -0.234  1.00 36.96 ? 80  THR A C   1 
ATOM   605  O O   . THR A 1 80 ? 9.631   10.113  -0.107  1.00 36.73 ? 80  THR A O   1 
ATOM   606  C CB  . THR A 1 80 ? 7.709   8.818   -2.262  1.00 34.04 ? 80  THR A CB  1 
ATOM   607  O OG1 . THR A 1 80 ? 7.043   7.913   -1.371  1.00 31.53 ? 80  THR A OG1 1 
ATOM   608  C CG2 . THR A 1 80 ? 9.108   8.296   -2.555  1.00 33.63 ? 80  THR A CG2 1 
ATOM   609  N N   . PRO A 1 81 ? 7.578   10.004  0.820   1.00 38.45 ? 81  PRO A N   1 
ATOM   610  C CA  . PRO A 1 81 ? 8.075   9.883   2.192   1.00 39.49 ? 81  PRO A CA  1 
ATOM   611  C C   . PRO A 1 81 ? 8.867   8.598   2.436   1.00 40.43 ? 81  PRO A C   1 
ATOM   612  O O   . PRO A 1 81 ? 9.671   8.524   3.365   1.00 41.89 ? 81  PRO A O   1 
ATOM   613  C CB  . PRO A 1 81 ? 6.797   9.960   3.026   1.00 39.23 ? 81  PRO A CB  1 
ATOM   614  C CG  . PRO A 1 81 ? 5.766   9.370   2.120   1.00 40.37 ? 81  PRO A CG  1 
ATOM   615  C CD  . PRO A 1 81 ? 6.106   10.004  0.793   1.00 39.54 ? 81  PRO A CD  1 
ATOM   616  N N   . VAL A 1 82 ? 8.636   7.590   1.597   1.00 38.99 ? 82  VAL A N   1 
ATOM   617  C CA  . VAL A 1 82 ? 9.336   6.312   1.714   1.00 36.33 ? 82  VAL A CA  1 
ATOM   618  C C   . VAL A 1 82 ? 9.477   5.665   0.346   1.00 34.14 ? 82  VAL A C   1 
ATOM   619  O O   . VAL A 1 82 ? 8.680   5.926   -0.557  1.00 34.63 ? 82  VAL A O   1 
ATOM   620  C CB  . VAL A 1 82 ? 8.575   5.324   2.636   1.00 38.87 ? 82  VAL A CB  1 
ATOM   621  C CG1 . VAL A 1 82 ? 8.585   5.831   4.067   1.00 38.33 ? 82  VAL A CG1 1 
ATOM   622  C CG2 . VAL A 1 82 ? 7.138   5.158   2.149   1.00 39.24 ? 82  VAL A CG2 1 
ATOM   623  N N   . ASN A 1 83 ? 10.498  4.828   0.189   1.00 30.54 ? 83  ASN A N   1 
ATOM   624  C CA  . ASN A 1 83 ? 10.709  4.134   -1.074  1.00 28.71 ? 83  ASN A CA  1 
ATOM   625  C C   . ASN A 1 83 ? 9.664   3.033   -1.173  1.00 26.13 ? 83  ASN A C   1 
ATOM   626  O O   . ASN A 1 83 ? 9.446   2.276   -0.224  1.00 24.88 ? 83  ASN A O   1 
ATOM   627  C CB  . ASN A 1 83 ? 12.121  3.562   -1.136  1.00 30.01 ? 83  ASN A CB  1 
ATOM   628  C CG  . ASN A 1 83 ? 13.175  4.648   -1.214  1.00 34.54 ? 83  ASN A CG  1 
ATOM   629  O OD1 . ASN A 1 83 ? 13.107  5.527   -2.075  1.00 34.47 ? 83  ASN A OD1 1 
ATOM   630  N ND2 . ASN A 1 83 ? 14.155  4.595   -0.318  1.00 34.46 ? 83  ASN A ND2 1 
ATOM   631  N N   . ILE A 1 84 ? 9.026   2.943   -2.330  1.00 24.08 ? 84  ILE A N   1 
ATOM   632  C CA  . ILE A 1 84 ? 7.953   1.986   -2.524  1.00 22.14 ? 84  ILE A CA  1 
ATOM   633  C C   . ILE A 1 84 ? 8.069   1.059   -3.728  1.00 24.32 ? 84  ILE A C   1 
ATOM   634  O O   . ILE A 1 84 ? 8.230   1.503   -4.863  1.00 25.06 ? 84  ILE A O   1 
ATOM   635  C CB  . ILE A 1 84 ? 6.611   2.756   -2.609  1.00 22.58 ? 84  ILE A CB  1 
ATOM   636  C CG1 . ILE A 1 84 ? 6.330   3.427   -1.259  1.00 21.86 ? 84  ILE A CG1 1 
ATOM   637  C CG2 . ILE A 1 84 ? 5.476   1.819   -3.024  1.00 21.79 ? 84  ILE A CG2 1 
ATOM   638  C CD1 . ILE A 1 84 ? 5.232   4.469   -1.292  1.00 25.22 ? 84  ILE A CD1 1 
ATOM   639  N N   . ILE A 1 85 ? 7.973   -0.241  -3.465  1.00 24.25 ? 85  ILE A N   1 
ATOM   640  C CA  . ILE A 1 85 ? 8.009   -1.239  -4.525  1.00 23.50 ? 85  ILE A CA  1 
ATOM   641  C C   . ILE A 1 85 ? 6.548   -1.609  -4.781  1.00 24.95 ? 85  ILE A C   1 
ATOM   642  O O   . ILE A 1 85 ? 5.872   -2.137  -3.891  1.00 21.16 ? 85  ILE A O   1 
ATOM   643  C CB  . ILE A 1 85 ? 8.771   -2.512  -4.091  1.00 23.93 ? 85  ILE A CB  1 
ATOM   644  C CG1 . ILE A 1 85 ? 10.185  -2.150  -3.624  1.00 24.69 ? 85  ILE A CG1 1 
ATOM   645  C CG2 . ILE A 1 85 ? 8.787   -3.508  -5.236  1.00 22.26 ? 85  ILE A CG2 1 
ATOM   646  C CD1 . ILE A 1 85 ? 10.995  -1.347  -4.624  1.00 27.55 ? 85  ILE A CD1 1 
ATOM   647  N N   . GLY A 1 86 ? 6.070   -1.335  -5.993  1.00 23.34 ? 86  GLY A N   1 
ATOM   648  C CA  . GLY A 1 86 ? 4.687   -1.619  -6.334  1.00 20.78 ? 86  GLY A CA  1 
ATOM   649  C C   . GLY A 1 86 ? 4.433   -2.944  -7.031  1.00 21.02 ? 86  GLY A C   1 
ATOM   650  O O   . GLY A 1 86 ? 5.343   -3.748  -7.209  1.00 21.89 ? 86  GLY A O   1 
ATOM   651  N N   . ARG A 1 87 ? 3.185   -3.164  -7.427  1.00 19.30 ? 87  ARG A N   1 
ATOM   652  C CA  . ARG A 1 87 ? 2.794   -4.405  -8.087  1.00 23.41 ? 87  ARG A CA  1 
ATOM   653  C C   . ARG A 1 87 ? 3.486   -4.665  -9.424  1.00 24.62 ? 87  ARG A C   1 
ATOM   654  O O   . ARG A 1 87 ? 3.659   -5.818  -9.813  1.00 24.91 ? 87  ARG A O   1 
ATOM   655  C CB  . ARG A 1 87 ? 1.275   -4.446  -8.290  1.00 20.16 ? 87  ARG A CB  1 
ATOM   656  C CG  . ARG A 1 87 ? 0.481   -4.530  -6.996  1.00 21.85 ? 87  ARG A CG  1 
ATOM   657  C CD  . ARG A 1 87 ? -1.021  -4.708  -7.244  1.00 22.92 ? 87  ARG A CD  1 
ATOM   658  N NE  . ARG A 1 87 ? -1.614  -3.596  -7.989  1.00 24.34 ? 87  ARG A NE  1 
ATOM   659  C CZ  . ARG A 1 87 ? -1.897  -3.622  -9.290  1.00 23.91 ? 87  ARG A CZ  1 
ATOM   660  N NH1 . ARG A 1 87 ? -1.642  -4.706  -10.005 1.00 24.35 ? 87  ARG A NH1 1 
ATOM   661  N NH2 . ARG A 1 87 ? -2.447  -2.568  -9.876  1.00 21.97 ? 87  ARG A NH2 1 
ATOM   662  N N   . ASN A 1 88 ? 3.884   -3.609  -10.125 1.00 25.71 ? 88  ASN A N   1 
ATOM   663  C CA  . ASN A 1 88 ? 4.535   -3.802  -11.415 1.00 26.39 ? 88  ASN A CA  1 
ATOM   664  C C   . ASN A 1 88 ? 5.812   -4.621  -11.249 1.00 28.37 ? 88  ASN A C   1 
ATOM   665  O O   . ASN A 1 88 ? 6.152   -5.435  -12.106 1.00 29.57 ? 88  ASN A O   1 
ATOM   666  C CB  . ASN A 1 88 ? 4.830   -2.455  -12.085 1.00 27.43 ? 88  ASN A CB  1 
ATOM   667  C CG  . ASN A 1 88 ? 5.918   -1.673  -11.389 1.00 27.51 ? 88  ASN A CG  1 
ATOM   668  O OD1 . ASN A 1 88 ? 5.864   -1.445  -10.179 1.00 28.31 ? 88  ASN A OD1 1 
ATOM   669  N ND2 . ASN A 1 88 ? 6.911   -1.238  -12.157 1.00 26.89 ? 88  ASN A ND2 1 
ATOM   670  N N   . LEU A 1 89 ? 6.501   -4.422  -10.130 1.00 28.47 ? 89  LEU A N   1 
ATOM   671  C CA  . LEU A 1 89 ? 7.728   -5.155  -9.855  1.00 29.50 ? 89  LEU A CA  1 
ATOM   672  C C   . LEU A 1 89 ? 7.495   -6.416  -9.021  1.00 30.51 ? 89  LEU A C   1 
ATOM   673  O O   . LEU A 1 89 ? 8.151   -7.440  -9.234  1.00 30.37 ? 89  LEU A O   1 
ATOM   674  C CB  . LEU A 1 89 ? 8.735   -4.236  -9.158  1.00 29.57 ? 89  LEU A CB  1 
ATOM   675  C CG  . LEU A 1 89 ? 9.873   -3.728  -10.048 1.00 33.27 ? 89  LEU A CG  1 
ATOM   676  C CD1 . LEU A 1 89 ? 9.351   -3.370  -11.436 1.00 30.58 ? 89  LEU A CD1 1 
ATOM   677  C CD2 . LEU A 1 89 ? 10.543  -2.543  -9.383  1.00 30.94 ? 89  LEU A CD2 1 
ATOM   678  N N   . LEU A 1 90 ? 6.554   -6.351  -8.082  1.00 27.63 ? 90  LEU A N   1 
ATOM   679  C CA  . LEU A 1 90 ? 6.256   -7.497  -7.224  1.00 28.38 ? 90  LEU A CA  1 
ATOM   680  C C   . LEU A 1 90 ? 5.808   -8.717  -8.024  1.00 30.11 ? 90  LEU A C   1 
ATOM   681  O O   . LEU A 1 90 ? 6.145   -9.850  -7.678  1.00 30.66 ? 90  LEU A O   1 
ATOM   682  C CB  . LEU A 1 90 ? 5.175   -7.126  -6.201  1.00 27.72 ? 90  LEU A CB  1 
ATOM   683  C CG  . LEU A 1 90 ? 5.527   -6.008  -5.214  1.00 26.59 ? 90  LEU A CG  1 
ATOM   684  C CD1 . LEU A 1 90 ? 4.290   -5.617  -4.423  1.00 25.91 ? 90  LEU A CD1 1 
ATOM   685  C CD2 . LEU A 1 90 ? 6.639   -6.469  -4.283  1.00 26.24 ? 90  LEU A CD2 1 
ATOM   686  N N   . THR A 1 91 ? 5.046   -8.488  -9.089  1.00 30.44 ? 91  THR A N   1 
ATOM   687  C CA  . THR A 1 91 ? 4.562   -9.581  -9.923  1.00 31.02 ? 91  THR A CA  1 
ATOM   688  C C   . THR A 1 91 ? 5.725   -10.267 -10.627 1.00 35.13 ? 91  THR A C   1 
ATOM   689  O O   . THR A 1 91 ? 5.699   -11.478 -10.850 1.00 35.20 ? 91  THR A O   1 
ATOM   690  C CB  . THR A 1 91 ? 3.605   -9.087  -11.016 1.00 30.77 ? 91  THR A CB  1 
ATOM   691  O OG1 . THR A 1 91 ? 4.273   -8.103  -11.816 1.00 30.04 ? 91  THR A OG1 1 
ATOM   692  C CG2 . THR A 1 91 ? 2.355   -8.495  -10.413 1.00 31.42 ? 91  THR A CG2 1 
ATOM   693  N N   . GLN A 1 92 ? 6.734   -9.481  -10.989 1.00 34.78 ? 92  GLN A N   1 
ATOM   694  C CA  . GLN A 1 92 ? 7.898   -10.014 -11.680 1.00 36.01 ? 92  GLN A CA  1 
ATOM   695  C C   . GLN A 1 92 ? 8.697   -11.009 -10.841 1.00 36.59 ? 92  GLN A C   1 
ATOM   696  O O   . GLN A 1 92 ? 9.370   -11.882 -11.387 1.00 35.73 ? 92  GLN A O   1 
ATOM   697  C CB  . GLN A 1 92 ? 8.803   -8.869  -12.144 1.00 35.80 ? 92  GLN A CB  1 
ATOM   698  C CG  . GLN A 1 92 ? 8.338   -8.208  -13.432 1.00 35.27 ? 92  GLN A CG  1 
ATOM   699  C CD  . GLN A 1 92 ? 9.236   -7.065  -13.855 1.00 37.30 ? 92  GLN A CD  1 
ATOM   700  O OE1 . GLN A 1 92 ? 10.454  -7.119  -13.676 1.00 36.70 ? 92  GLN A OE1 1 
ATOM   701  N NE2 . GLN A 1 92 ? 8.642   -6.026  -14.427 1.00 37.87 ? 92  GLN A NE2 1 
ATOM   702  N N   . ILE A 1 93 ? 8.627   -10.881 -9.519  1.00 35.76 ? 93  ILE A N   1 
ATOM   703  C CA  . ILE A 1 93 ? 9.355   -11.797 -8.648  1.00 35.00 ? 93  ILE A CA  1 
ATOM   704  C C   . ILE A 1 93 ? 8.443   -12.874 -8.053  1.00 33.85 ? 93  ILE A C   1 
ATOM   705  O O   . ILE A 1 93 ? 8.808   -13.550 -7.094  1.00 33.41 ? 93  ILE A O   1 
ATOM   706  C CB  . ILE A 1 93 ? 10.079  -11.040 -7.512  1.00 35.41 ? 93  ILE A CB  1 
ATOM   707  C CG1 . ILE A 1 93 ? 9.068   -10.294 -6.635  1.00 37.10 ? 93  ILE A CG1 1 
ATOM   708  C CG2 . ILE A 1 93 ? 11.085  -10.064 -8.111  1.00 34.57 ? 93  ILE A CG2 1 
ATOM   709  C CD1 . ILE A 1 93 ? 9.692   -9.556  -5.460  1.00 34.66 ? 93  ILE A CD1 1 
ATOM   710  N N   . GLY A 1 94 ? 7.258   -13.025 -8.638  1.00 32.37 ? 94  GLY A N   1 
ATOM   711  C CA  . GLY A 1 94 ? 6.313   -14.028 -8.178  1.00 31.52 ? 94  GLY A CA  1 
ATOM   712  C C   . GLY A 1 94 ? 5.808   -13.835 -6.759  1.00 32.78 ? 94  GLY A C   1 
ATOM   713  O O   . GLY A 1 94 ? 5.592   -14.807 -6.038  1.00 31.46 ? 94  GLY A O   1 
ATOM   714  N N   . CYS A 1 95 ? 5.611   -12.585 -6.355  1.00 30.15 ? 95  CYS A N   1 
ATOM   715  C CA  . CYS A 1 95 ? 5.136   -12.290 -5.009  1.00 29.90 ? 95  CYS A CA  1 
ATOM   716  C C   . CYS A 1 95 ? 3.622   -12.415 -4.903  1.00 28.33 ? 95  CYS A C   1 
ATOM   717  O O   . CYS A 1 95 ? 2.894   -11.898 -5.749  1.00 28.49 ? 95  CYS A O   1 
ATOM   718  C CB  . CYS A 1 95 ? 5.563   -10.877 -4.606  1.00 32.67 ? 95  CYS A CB  1 
ATOM   719  S SG  . CYS A 1 95 ? 5.076   -10.422 -2.939  1.00 39.42 ? 95  CYS A SG  1 
ATOM   720  N N   . THR A 1 96 ? 3.150   -13.107 -3.865  1.00 25.78 ? 96  THR A N   1 
ATOM   721  C CA  . THR A 1 96 ? 1.717   -13.280 -3.645  1.00 24.16 ? 96  THR A CA  1 
ATOM   722  C C   . THR A 1 96 ? 1.334   -12.993 -2.192  1.00 23.77 ? 96  THR A C   1 
ATOM   723  O O   . THR A 1 96 ? 2.189   -12.946 -1.308  1.00 23.55 ? 96  THR A O   1 
ATOM   724  C CB  . THR A 1 96 ? 1.248   -14.729 -3.947  1.00 24.52 ? 96  THR A CB  1 
ATOM   725  O OG1 . THR A 1 96 ? 1.941   -15.640 -3.085  1.00 23.42 ? 96  THR A OG1 1 
ATOM   726  C CG2 . THR A 1 96 ? 1.513   -15.102 -5.400  1.00 27.99 ? 96  THR A CG2 1 
ATOM   727  N N   . LEU A 1 97 ? 0.040   -12.798 -1.966  1.00 23.63 ? 97  LEU A N   1 
ATOM   728  C CA  . LEU A 1 97 ? -0.505  -12.570 -0.629  1.00 23.98 ? 97  LEU A CA  1 
ATOM   729  C C   . LEU A 1 97 ? -1.174  -13.881 -0.252  1.00 23.22 ? 97  LEU A C   1 
ATOM   730  O O   . LEU A 1 97 ? -1.946  -14.417 -1.038  1.00 25.47 ? 97  LEU A O   1 
ATOM   731  C CB  . LEU A 1 97 ? -1.553  -11.455 -0.646  1.00 21.69 ? 97  LEU A CB  1 
ATOM   732  C CG  . LEU A 1 97 ? -1.038  -10.017 -0.618  1.00 24.13 ? 97  LEU A CG  1 
ATOM   733  C CD1 . LEU A 1 97 ? -2.191  -9.056  -0.818  1.00 26.34 ? 97  LEU A CD1 1 
ATOM   734  C CD2 . LEU A 1 97 ? -0.350  -9.750  0.708   1.00 23.70 ? 97  LEU A CD2 1 
ATOM   735  N N   . ASN A 1 98 ? -0.887  -14.396 0.940   1.00 24.88 ? 98  ASN A N   1 
ATOM   736  C CA  . ASN A 1 98 ? -1.474  -15.665 1.358   1.00 27.15 ? 98  ASN A CA  1 
ATOM   737  C C   . ASN A 1 98 ? -2.097  -15.667 2.748   1.00 25.36 ? 98  ASN A C   1 
ATOM   738  O O   . ASN A 1 98 ? -1.507  -15.167 3.699   1.00 24.17 ? 98  ASN A O   1 
ATOM   739  C CB  . ASN A 1 98 ? -0.418  -16.774 1.316   1.00 28.52 ? 98  ASN A CB  1 
ATOM   740  C CG  . ASN A 1 98 ? 0.227   -16.926 -0.053  1.00 31.39 ? 98  ASN A CG  1 
ATOM   741  O OD1 . ASN A 1 98 ? 1.011   -16.083 -0.483  1.00 32.54 ? 98  ASN A OD1 1 
ATOM   742  N ND2 . ASN A 1 98 ? -0.103  -18.012 -0.741  1.00 32.63 ? 98  ASN A ND2 1 
ATOM   743  N N   . PHE A 1 99 ? -3.291  -16.243 2.854   1.00 27.24 ? 99  PHE A N   1 
ATOM   744  C CA  . PHE A 1 99 ? -3.979  -16.379 4.137   1.00 27.52 ? 99  PHE A CA  1 
ATOM   745  C C   . PHE A 1 99 ? -5.070  -17.444 4.039   1.00 30.51 ? 99  PHE A C   1 
ATOM   746  O O   . PHE A 1 99 ? -5.931  -17.523 4.940   1.00 30.58 ? 99  PHE A O   1 
ATOM   747  C CB  . PHE A 1 99 ? -4.580  -15.044 4.609   1.00 27.64 ? 99  PHE A CB  1 
ATOM   748  C CG  . PHE A 1 99 ? -5.679  -14.497 3.729   1.00 26.76 ? 99  PHE A CG  1 
ATOM   749  C CD1 . PHE A 1 99 ? -5.381  -13.708 2.626   1.00 29.16 ? 99  PHE A CD1 1 
ATOM   750  C CD2 . PHE A 1 99 ? -7.016  -14.727 4.040   1.00 28.73 ? 99  PHE A CD2 1 
ATOM   751  C CE1 . PHE A 1 99 ? -6.394  -13.145 1.850   1.00 29.12 ? 99  PHE A CE1 1 
ATOM   752  C CE2 . PHE A 1 99 ? -8.037  -14.170 3.271   1.00 30.20 ? 99  PHE A CE2 1 
ATOM   753  C CZ  . PHE A 1 99 ? -7.725  -13.378 2.174   1.00 30.78 ? 99  PHE A CZ  1 
ATOM   754  O OXT . PHE A 1 99 ? -5.035  -18.210 3.057   1.00 31.10 ? 99  PHE A OXT 1 
ATOM   755  N N   . PRO B 1 1  ? -6.603  -18.282 0.994   1.00 31.82 ? 1   PRO B N   1 
ATOM   756  C CA  . PRO B 1 1  ? -6.396  -18.327 -0.469  1.00 31.84 ? 1   PRO B CA  1 
ATOM   757  C C   . PRO B 1 1  ? -5.096  -17.641 -0.867  1.00 31.30 ? 1   PRO B C   1 
ATOM   758  O O   . PRO B 1 1  ? -4.451  -17.002 -0.041  1.00 31.69 ? 1   PRO B O   1 
ATOM   759  C CB  . PRO B 1 1  ? -7.587  -17.628 -1.104  1.00 34.99 ? 1   PRO B CB  1 
ATOM   760  C CG  . PRO B 1 1  ? -8.005  -16.670 0.013   1.00 34.51 ? 1   PRO B CG  1 
ATOM   761  C CD  . PRO B 1 1  ? -7.794  -17.470 1.307   1.00 34.10 ? 1   PRO B CD  1 
ATOM   762  N N   . GLN B 1 2  ? -4.705  -17.792 -2.127  1.00 30.08 ? 2   GLN B N   1 
ATOM   763  C CA  . GLN B 1 2  ? -3.491  -17.163 -2.622  1.00 31.74 ? 2   GLN B CA  1 
ATOM   764  C C   . GLN B 1 2  ? -3.863  -16.136 -3.678  1.00 31.92 ? 2   GLN B C   1 
ATOM   765  O O   . GLN B 1 2  ? -4.495  -16.464 -4.681  1.00 32.94 ? 2   GLN B O   1 
ATOM   766  C CB  . GLN B 1 2  ? -2.538  -18.199 -3.218  1.00 33.18 ? 2   GLN B CB  1 
ATOM   767  C CG  . GLN B 1 2  ? -1.325  -17.569 -3.879  1.00 36.61 ? 2   GLN B CG  1 
ATOM   768  C CD  . GLN B 1 2  ? -0.305  -18.585 -4.330  1.00 37.67 ? 2   GLN B CD  1 
ATOM   769  O OE1 . GLN B 1 2  ? 0.351   -19.223 -3.512  1.00 40.47 ? 2   GLN B OE1 1 
ATOM   770  N NE2 . GLN B 1 2  ? -0.165  -18.742 -5.640  1.00 39.85 ? 2   GLN B NE2 1 
ATOM   771  N N   . ILE B 1 3  ? -3.466  -14.890 -3.447  1.00 30.35 ? 3   ILE B N   1 
ATOM   772  C CA  . ILE B 1 3  ? -3.783  -13.809 -4.369  1.00 28.77 ? 3   ILE B CA  1 
ATOM   773  C C   . ILE B 1 3  ? -2.540  -13.288 -5.083  1.00 26.35 ? 3   ILE B C   1 
ATOM   774  O O   . ILE B 1 3  ? -1.545  -12.933 -4.451  1.00 26.06 ? 3   ILE B O   1 
ATOM   775  C CB  . ILE B 1 3  ? -4.474  -12.643 -3.618  1.00 28.29 ? 3   ILE B CB  1 
ATOM   776  C CG1 . ILE B 1 3  ? -5.724  -13.164 -2.904  1.00 29.72 ? 3   ILE B CG1 1 
ATOM   777  C CG2 . ILE B 1 3  ? -4.858  -11.540 -4.591  1.00 28.73 ? 3   ILE B CG2 1 
ATOM   778  C CD1 . ILE B 1 3  ? -6.391  -12.150 -1.998  1.00 29.65 ? 3   ILE B CD1 1 
ATOM   779  N N   . THR B 1 4  ? -2.606  -13.252 -6.409  1.00 26.45 ? 4   THR B N   1 
ATOM   780  C CA  . THR B 1 4  ? -1.496  -12.763 -7.218  1.00 26.49 ? 4   THR B CA  1 
ATOM   781  C C   . THR B 1 4  ? -1.696  -11.263 -7.381  1.00 26.42 ? 4   THR B C   1 
ATOM   782  O O   . THR B 1 4  ? -2.787  -10.755 -7.134  1.00 27.75 ? 4   THR B O   1 
ATOM   783  C CB  . THR B 1 4  ? -1.473  -13.449 -8.590  1.00 25.16 ? 4   THR B CB  1 
ATOM   784  O OG1 . THR B 1 4  ? -2.780  -13.395 -9.168  1.00 28.00 ? 4   THR B OG1 1 
ATOM   785  C CG2 . THR B 1 4  ? -1.051  -14.906 -8.439  1.00 28.01 ? 4   THR B CG2 1 
ATOM   786  N N   . LEU B 1 5  ? -0.660  -10.560 -7.818  1.00 27.41 ? 5   LEU B N   1 
ATOM   787  C CA  . LEU B 1 5  ? -0.742  -9.111  -7.930  1.00 27.64 ? 5   LEU B CA  1 
ATOM   788  C C   . LEU B 1 5  ? -0.784  -8.495  -9.321  1.00 28.32 ? 5   LEU B C   1 
ATOM   789  O O   . LEU B 1 5  ? -0.434  -7.327  -9.482  1.00 28.76 ? 5   LEU B O   1 
ATOM   790  C CB  . LEU B 1 5  ? 0.410   -8.498  -7.129  1.00 25.22 ? 5   LEU B CB  1 
ATOM   791  C CG  . LEU B 1 5  ? 0.451   -8.955  -5.666  1.00 26.08 ? 5   LEU B CG  1 
ATOM   792  C CD1 . LEU B 1 5  ? 1.718   -8.451  -5.000  1.00 22.66 ? 5   LEU B CD1 1 
ATOM   793  C CD2 . LEU B 1 5  ? -0.795  -8.450  -4.936  1.00 22.56 ? 5   LEU B CD2 1 
ATOM   794  N N   . TRP B 1 6  ? -1.215  -9.262  -10.319 1.00 30.87 ? 6   TRP B N   1 
ATOM   795  C CA  . TRP B 1 6  ? -1.302  -8.738  -11.680 1.00 32.65 ? 6   TRP B CA  1 
ATOM   796  C C   . TRP B 1 6  ? -2.450  -7.734  -11.763 1.00 32.85 ? 6   TRP B C   1 
ATOM   797  O O   . TRP B 1 6  ? -2.539  -6.946  -12.704 1.00 35.67 ? 6   TRP B O   1 
ATOM   798  C CB  . TRP B 1 6  ? -1.511  -9.880  -12.678 1.00 36.23 ? 6   TRP B CB  1 
ATOM   799  C CG  . TRP B 1 6  ? -0.454  -10.936 -12.560 1.00 39.91 ? 6   TRP B CG  1 
ATOM   800  C CD1 . TRP B 1 6  ? -0.517  -12.082 -11.819 1.00 41.12 ? 6   TRP B CD1 1 
ATOM   801  C CD2 . TRP B 1 6  ? 0.860   -10.896 -13.128 1.00 41.72 ? 6   TRP B CD2 1 
ATOM   802  N NE1 . TRP B 1 6  ? 0.682   -12.758 -11.886 1.00 42.50 ? 6   TRP B NE1 1 
ATOM   803  C CE2 . TRP B 1 6  ? 1.544   -12.051 -12.682 1.00 43.01 ? 6   TRP B CE2 1 
ATOM   804  C CE3 . TRP B 1 6  ? 1.529   -9.995  -13.965 1.00 42.24 ? 6   TRP B CE3 1 
ATOM   805  C CZ2 . TRP B 1 6  ? 2.863   -12.327 -13.049 1.00 42.38 ? 6   TRP B CZ2 1 
ATOM   806  C CZ3 . TRP B 1 6  ? 2.840   -10.269 -14.328 1.00 44.19 ? 6   TRP B CZ3 1 
ATOM   807  C CH2 . TRP B 1 6  ? 3.494   -11.427 -13.869 1.00 44.91 ? 6   TRP B CH2 1 
ATOM   808  N N   . LYS B 1 7  ? -3.314  -7.769  -10.751 1.00 30.61 ? 7   LYS B N   1 
ATOM   809  C CA  . LYS B 1 7  ? -4.463  -6.879  -10.639 1.00 28.65 ? 7   LYS B CA  1 
ATOM   810  C C   . LYS B 1 7  ? -4.525  -6.407  -9.186  1.00 26.26 ? 7   LYS B C   1 
ATOM   811  O O   . LYS B 1 7  ? -3.971  -7.059  -8.304  1.00 25.88 ? 7   LYS B O   1 
ATOM   812  C CB  . LYS B 1 7  ? -5.749  -7.634  -11.000 1.00 30.64 ? 7   LYS B CB  1 
ATOM   813  N N   . ARG B 1 8  ? -5.186  -5.280  -8.932  1.00 25.69 ? 8   ARG B N   1 
ATOM   814  C CA  . ARG B 1 8  ? -5.292  -4.786  -7.565  1.00 25.56 ? 8   ARG B CA  1 
ATOM   815  C C   . ARG B 1 8  ? -5.902  -5.878  -6.690  1.00 23.72 ? 8   ARG B C   1 
ATOM   816  O O   . ARG B 1 8  ? -6.897  -6.496  -7.056  1.00 24.24 ? 8   ARG B O   1 
ATOM   817  C CB  . ARG B 1 8  ? -6.184  -3.537  -7.488  1.00 25.04 ? 8   ARG B CB  1 
ATOM   818  C CG  . ARG B 1 8  ? -5.621  -2.261  -8.111  1.00 27.44 ? 8   ARG B CG  1 
ATOM   819  C CD  . ARG B 1 8  ? -6.458  -1.063  -7.650  1.00 33.40 ? 8   ARG B CD  1 
ATOM   820  N NE  . ARG B 1 8  ? -6.583  -0.003  -8.650  1.00 40.08 ? 8   ARG B NE  1 
ATOM   821  C CZ  . ARG B 1 8  ? -5.890  1.132   -8.638  1.00 43.90 ? 8   ARG B CZ  1 
ATOM   822  N NH1 . ARG B 1 8  ? -5.017  1.358   -7.671  1.00 50.66 ? 8   ARG B NH1 1 
ATOM   823  N NH2 . ARG B 1 8  ? -6.065  2.044   -9.591  1.00 47.19 ? 8   ARG B NH2 1 
ATOM   824  N N   . PRO B 1 9  ? -5.309  -6.133  -5.520  1.00 23.73 ? 9   PRO B N   1 
ATOM   825  C CA  . PRO B 1 9  ? -5.869  -7.174  -4.652  1.00 23.00 ? 9   PRO B CA  1 
ATOM   826  C C   . PRO B 1 9  ? -7.115  -6.718  -3.888  1.00 23.61 ? 9   PRO B C   1 
ATOM   827  O O   . PRO B 1 9  ? -7.049  -6.426  -2.697  1.00 22.73 ? 9   PRO B O   1 
ATOM   828  C CB  . PRO B 1 9  ? -4.702  -7.509  -3.724  1.00 21.41 ? 9   PRO B CB  1 
ATOM   829  C CG  . PRO B 1 9  ? -3.978  -6.203  -3.628  1.00 21.40 ? 9   PRO B CG  1 
ATOM   830  C CD  . PRO B 1 9  ? -3.977  -5.711  -5.048  1.00 21.52 ? 9   PRO B CD  1 
ATOM   831  N N   . LEU B 1 10 ? -8.246  -6.670  -4.586  1.00 25.38 ? 10  LEU B N   1 
ATOM   832  C CA  . LEU B 1 10 ? -9.518  -6.263  -3.989  1.00 27.55 ? 10  LEU B CA  1 
ATOM   833  C C   . LEU B 1 10 ? -10.314 -7.472  -3.504  1.00 28.77 ? 10  LEU B C   1 
ATOM   834  O O   . LEU B 1 10 ? -10.412 -8.483  -4.201  1.00 27.92 ? 10  LEU B O   1 
ATOM   835  C CB  . LEU B 1 10 ? -10.366 -5.501  -5.010  1.00 30.19 ? 10  LEU B CB  1 
ATOM   836  C CG  . LEU B 1 10 ? -9.810  -4.189  -5.569  1.00 34.06 ? 10  LEU B CG  1 
ATOM   837  C CD1 . LEU B 1 10 ? -10.620 -3.774  -6.789  1.00 34.33 ? 10  LEU B CD1 1 
ATOM   838  C CD2 . LEU B 1 10 ? -9.849  -3.104  -4.498  1.00 34.21 ? 10  LEU B CD2 1 
ATOM   839  N N   . VAL B 1 11 ? -10.872 -7.365  -2.303  1.00 26.06 ? 11  VAL B N   1 
ATOM   840  C CA  . VAL B 1 11 ? -11.689 -8.432  -1.741  1.00 28.64 ? 11  VAL B CA  1 
ATOM   841  C C   . VAL B 1 11 ? -12.932 -7.813  -1.130  1.00 27.38 ? 11  VAL B C   1 
ATOM   842  O O   . VAL B 1 11 ? -12.973 -6.610  -0.869  1.00 27.85 ? 11  VAL B O   1 
ATOM   843  C CB  . VAL B 1 11 ? -10.950 -9.229  -0.631  1.00 27.75 ? 11  VAL B CB  1 
ATOM   844  C CG1 . VAL B 1 11 ? -9.638  -9.762  -1.164  1.00 29.39 ? 11  VAL B CG1 1 
ATOM   845  C CG2 . VAL B 1 11 ? -10.728 -8.353  0.597   1.00 29.31 ? 11  VAL B CG2 1 
ATOM   846  N N   . THR B 1 12 ? -13.952 -8.633  -0.920  1.00 27.98 ? 12  THR B N   1 
ATOM   847  C CA  . THR B 1 12 ? -15.185 -8.160  -0.322  1.00 26.75 ? 12  THR B CA  1 
ATOM   848  C C   . THR B 1 12 ? -15.070 -8.297  1.187   1.00 27.33 ? 12  THR B C   1 
ATOM   849  O O   . THR B 1 12 ? -14.582 -9.304  1.692   1.00 27.04 ? 12  THR B O   1 
ATOM   850  C CB  . THR B 1 12 ? -16.409 -8.987  -0.781  1.00 27.39 ? 12  THR B CB  1 
ATOM   851  O OG1 . THR B 1 12 ? -16.686 -8.715  -2.160  1.00 31.55 ? 12  THR B OG1 1 
ATOM   852  C CG2 . THR B 1 12 ? -17.630 -8.634  0.051   1.00 26.71 ? 12  THR B CG2 1 
ATOM   853  N N   . ILE B 1 13 ? -15.511 -7.270  1.902   1.00 25.68 ? 13  ILE B N   1 
ATOM   854  C CA  . ILE B 1 13 ? -15.483 -7.299  3.346   1.00 26.30 ? 13  ILE B CA  1 
ATOM   855  C C   . ILE B 1 13 ? -16.900 -7.035  3.822   1.00 28.46 ? 13  ILE B C   1 
ATOM   856  O O   . ILE B 1 13 ? -17.715 -6.469  3.089   1.00 23.97 ? 13  ILE B O   1 
ATOM   857  C CB  . ILE B 1 13 ? -14.485 -6.247  3.920   1.00 26.80 ? 13  ILE B CB  1 
ATOM   858  C CG1 . ILE B 1 13 ? -14.879 -4.828  3.504   1.00 28.41 ? 13  ILE B CG1 1 
ATOM   859  C CG2 . ILE B 1 13 ? -13.078 -6.550  3.414   1.00 22.62 ? 13  ILE B CG2 1 
ATOM   860  C CD1 . ILE B 1 13 ? -15.907 -4.187  4.401   1.00 33.90 ? 13  ILE B CD1 1 
ATOM   861  N N   . ARG B 1 14 ? -17.205 -7.489  5.031   1.00 29.37 ? 14  ARG B N   1 
ATOM   862  C CA  . ARG B 1 14 ? -18.526 -7.289  5.604   1.00 31.07 ? 14  ARG B CA  1 
ATOM   863  C C   . ARG B 1 14 ? -18.320 -6.516  6.892   1.00 30.01 ? 14  ARG B C   1 
ATOM   864  O O   . ARG B 1 14 ? -17.511 -6.902  7.735   1.00 27.14 ? 14  ARG B O   1 
ATOM   865  C CB  . ARG B 1 14 ? -19.203 -8.637  5.889   1.00 34.32 ? 14  ARG B CB  1 
ATOM   866  C CG  . ARG B 1 14 ? -20.659 -8.516  6.342   1.00 39.79 ? 14  ARG B CG  1 
ATOM   867  C CD  . ARG B 1 14 ? -21.339 -9.881  6.487   1.00 43.56 ? 14  ARG B CD  1 
ATOM   868  N NE  . ARG B 1 14 ? -20.765 -10.677 7.570   1.00 48.64 ? 14  ARG B NE  1 
ATOM   869  C CZ  . ARG B 1 14 ? -20.918 -10.411 8.867   1.00 51.28 ? 14  ARG B CZ  1 
ATOM   870  N NH1 . ARG B 1 14 ? -21.639 -9.366  9.258   1.00 51.50 ? 14  ARG B NH1 1 
ATOM   871  N NH2 . ARG B 1 14 ? -20.335 -11.184 9.776   1.00 52.01 ? 14  ARG B NH2 1 
ATOM   872  N N   . ILE B 1 15 ? -19.039 -5.413  7.040   1.00 30.60 ? 15  ILE B N   1 
ATOM   873  C CA  . ILE B 1 15 ? -18.902 -4.596  8.229   1.00 34.43 ? 15  ILE B CA  1 
ATOM   874  C C   . ILE B 1 15 ? -20.209 -3.878  8.544   1.00 38.18 ? 15  ILE B C   1 
ATOM   875  O O   . ILE B 1 15 ? -20.686 -3.059  7.758   1.00 40.09 ? 15  ILE B O   1 
ATOM   876  C CB  . ILE B 1 15 ? -17.746 -3.577  8.043   1.00 34.83 ? 15  ILE B CB  1 
ATOM   877  C CG1 . ILE B 1 15 ? -17.653 -2.655  9.256   1.00 36.02 ? 15  ILE B CG1 1 
ATOM   878  C CG2 . ILE B 1 15 ? -17.945 -2.786  6.759   1.00 32.45 ? 15  ILE B CG2 1 
ATOM   879  C CD1 . ILE B 1 15 ? -16.416 -1.778  9.256   1.00 37.63 ? 15  ILE B CD1 1 
ATOM   880  N N   . GLY B 1 16 ? -20.794 -4.210  9.692   1.00 41.59 ? 16  GLY B N   1 
ATOM   881  C CA  . GLY B 1 16 ? -22.047 -3.591  10.099  1.00 43.53 ? 16  GLY B CA  1 
ATOM   882  C C   . GLY B 1 16 ? -23.206 -3.910  9.172   1.00 45.65 ? 16  GLY B C   1 
ATOM   883  O O   . GLY B 1 16 ? -24.010 -3.029  8.848   1.00 47.77 ? 16  GLY B O   1 
ATOM   884  N N   . GLY B 1 17 ? -23.298 -5.168  8.746   1.00 45.01 ? 17  GLY B N   1 
ATOM   885  C CA  . GLY B 1 17 ? -24.362 -5.575  7.849   1.00 43.09 ? 17  GLY B CA  1 
ATOM   886  C C   . GLY B 1 17 ? -24.201 -5.003  6.450   1.00 41.92 ? 17  GLY B C   1 
ATOM   887  O O   . GLY B 1 17 ? -25.101 -5.121  5.617   1.00 42.17 ? 17  GLY B O   1 
ATOM   888  N N   . GLN B 1 18 ? -23.052 -4.388  6.188   1.00 38.56 ? 18  GLN B N   1 
ATOM   889  C CA  . GLN B 1 18 ? -22.775 -3.787  4.884   1.00 36.91 ? 18  GLN B CA  1 
ATOM   890  C C   . GLN B 1 18 ? -21.634 -4.488  4.154   1.00 33.76 ? 18  GLN B C   1 
ATOM   891  O O   . GLN B 1 18 ? -20.648 -4.887  4.768   1.00 32.45 ? 18  GLN B O   1 
ATOM   892  C CB  . GLN B 1 18 ? -22.417 -2.307  5.058   1.00 39.22 ? 18  GLN B CB  1 
ATOM   893  C CG  . GLN B 1 18 ? -23.547 -1.459  5.605   1.00 43.68 ? 18  GLN B CG  1 
ATOM   894  C CD  . GLN B 1 18 ? -24.685 -1.304  4.610   1.00 46.09 ? 18  GLN B CD  1 
ATOM   895  O OE1 . GLN B 1 18 ? -25.806 -0.955  4.982   1.00 47.85 ? 18  GLN B OE1 1 
ATOM   896  N NE2 . GLN B 1 18 ? -24.398 -1.554  3.336   1.00 47.63 ? 18  GLN B NE2 1 
ATOM   897  N N   . LEU B 1 19 ? -21.774 -4.632  2.841   1.00 30.09 ? 19  LEU B N   1 
ATOM   898  C CA  . LEU B 1 19 ? -20.737 -5.257  2.027   1.00 30.57 ? 19  LEU B CA  1 
ATOM   899  C C   . LEU B 1 19 ? -19.988 -4.163  1.280   1.00 31.99 ? 19  LEU B C   1 
ATOM   900  O O   . LEU B 1 19 ? -20.598 -3.253  0.716   1.00 32.91 ? 19  LEU B O   1 
ATOM   901  C CB  . LEU B 1 19 ? -21.340 -6.228  1.012   1.00 28.75 ? 19  LEU B CB  1 
ATOM   902  C CG  . LEU B 1 19 ? -22.101 -7.446  1.537   1.00 33.21 ? 19  LEU B CG  1 
ATOM   903  C CD1 . LEU B 1 19 ? -22.630 -8.259  0.355   1.00 32.37 ? 19  LEU B CD1 1 
ATOM   904  C CD2 . LEU B 1 19 ? -21.180 -8.296  2.405   1.00 29.79 ? 19  LEU B CD2 1 
ATOM   905  N N   . LYS B 1 20 ? -18.665 -4.251  1.283   1.00 30.95 ? 20  LYS B N   1 
ATOM   906  C CA  . LYS B 1 20 ? -17.847 -3.267  0.599   1.00 29.54 ? 20  LYS B CA  1 
ATOM   907  C C   . LYS B 1 20 ? -16.631 -3.927  -0.012  1.00 28.89 ? 20  LYS B C   1 
ATOM   908  O O   . LYS B 1 20 ? -16.272 -5.051  0.344   1.00 28.51 ? 20  LYS B O   1 
ATOM   909  C CB  . LYS B 1 20 ? -17.426 -2.163  1.576   1.00 33.51 ? 20  LYS B CB  1 
ATOM   910  C CG  . LYS B 1 20 ? -18.539 -1.163  1.851   1.00 36.27 ? 20  LYS B CG  1 
ATOM   911  C CD  . LYS B 1 20 ? -18.175 -0.174  2.940   1.00 40.64 ? 20  LYS B CD  1 
ATOM   912  C CE  . LYS B 1 20 ? -19.100 1.038   2.898   1.00 41.14 ? 20  LYS B CE  1 
ATOM   913  N NZ  . LYS B 1 20 ? -20.534 0.642   2.801   1.00 44.72 ? 20  LYS B NZ  1 
ATOM   914  N N   . GLU B 1 21 ? -16.016 -3.224  -0.953  1.00 26.00 ? 21  GLU B N   1 
ATOM   915  C CA  . GLU B 1 21 ? -14.833 -3.711  -1.637  1.00 29.07 ? 21  GLU B CA  1 
ATOM   916  C C   . GLU B 1 21 ? -13.628 -2.981  -1.046  1.00 27.70 ? 21  GLU B C   1 
ATOM   917  O O   . GLU B 1 21 ? -13.633 -1.751  -0.929  1.00 25.34 ? 21  GLU B O   1 
ATOM   918  C CB  . GLU B 1 21 ? -14.961 -3.417  -3.131  1.00 32.45 ? 21  GLU B CB  1 
ATOM   919  C CG  . GLU B 1 21 ? -13.915 -4.076  -3.998  1.00 42.24 ? 21  GLU B CG  1 
ATOM   920  C CD  . GLU B 1 21 ? -14.210 -3.905  -5.475  1.00 47.32 ? 21  GLU B CD  1 
ATOM   921  O OE1 . GLU B 1 21 ? -14.261 -2.746  -5.938  1.00 50.03 ? 21  GLU B OE1 1 
ATOM   922  O OE2 . GLU B 1 21 ? -14.397 -4.929  -6.168  1.00 48.42 ? 21  GLU B OE2 1 
ATOM   923  N N   . ALA B 1 22 ? -12.607 -3.739  -0.660  1.00 23.76 ? 22  ALA B N   1 
ATOM   924  C CA  . ALA B 1 22 ? -11.409 -3.145  -0.075  1.00 22.90 ? 22  ALA B CA  1 
ATOM   925  C C   . ALA B 1 22 ? -10.145 -3.749  -0.651  1.00 21.78 ? 22  ALA B C   1 
ATOM   926  O O   . ALA B 1 22 ? -10.150 -4.864  -1.166  1.00 22.00 ? 22  ALA B O   1 
ATOM   927  C CB  . ALA B 1 22 ? -11.419 -3.311  1.443   1.00 21.73 ? 22  ALA B CB  1 
ATOM   928  N N   . LEU B 1 23 ? -9.050  -3.007  -0.540  1.00 22.10 ? 23  LEU B N   1 
ATOM   929  C CA  . LEU B 1 23 ? -7.772  -3.458  -1.064  1.00 22.48 ? 23  LEU B CA  1 
ATOM   930  C C   . LEU B 1 23 ? -6.844  -3.924  0.061   1.00 22.61 ? 23  LEU B C   1 
ATOM   931  O O   . LEU B 1 23 ? -6.648  -3.210  1.046   1.00 17.97 ? 23  LEU B O   1 
ATOM   932  C CB  . LEU B 1 23 ? -7.125  -2.312  -1.861  1.00 28.09 ? 23  LEU B CB  1 
ATOM   933  C CG  . LEU B 1 23 ? -5.927  -2.550  -2.800  1.00 31.26 ? 23  LEU B CG  1 
ATOM   934  C CD1 . LEU B 1 23 ? -5.777  -1.360  -3.736  1.00 33.46 ? 23  LEU B CD1 1 
ATOM   935  C CD2 . LEU B 1 23 ? -4.649  -2.753  -2.004  1.00 31.48 ? 23  LEU B CD2 1 
ATOM   936  N N   . LEU B 1 24 ? -6.303  -5.135  -0.080  1.00 18.82 ? 24  LEU B N   1 
ATOM   937  C CA  . LEU B 1 24 ? -5.360  -5.683  0.896   1.00 21.26 ? 24  LEU B CA  1 
ATOM   938  C C   . LEU B 1 24 ? -4.085  -4.878  0.648   1.00 20.81 ? 24  LEU B C   1 
ATOM   939  O O   . LEU B 1 24 ? -3.427  -5.041  -0.377  1.00 19.85 ? 24  LEU B O   1 
ATOM   940  C CB  . LEU B 1 24 ? -5.112  -7.172  0.632   1.00 19.98 ? 24  LEU B CB  1 
ATOM   941  C CG  . LEU B 1 24 ? -6.363  -8.055  0.573   1.00 20.49 ? 24  LEU B CG  1 
ATOM   942  C CD1 . LEU B 1 24 ? -5.951  -9.514  0.372   1.00 22.13 ? 24  LEU B CD1 1 
ATOM   943  C CD2 . LEU B 1 24 ? -7.170  -7.897  1.854   1.00 23.27 ? 24  LEU B CD2 1 
ATOM   944  N N   . ASN B 1 25 ? -3.742  -4.025  1.609   1.00 19.41 ? 25  ASN B N   1 
ATOM   945  C CA  . ASN B 1 25 ? -2.618  -3.108  1.479   1.00 16.75 ? 25  ASN B CA  1 
ATOM   946  C C   . ASN B 1 25 ? -1.497  -3.275  2.521   1.00 17.72 ? 25  ASN B C   1 
ATOM   947  O O   . ASN B 1 25 ? -1.622  -2.809  3.660   1.00 16.50 ? 25  ASN B O   1 
ATOM   948  C CB  . ASN B 1 25 ? -3.210  -1.691  1.541   1.00 18.21 ? 25  ASN B CB  1 
ATOM   949  C CG  . ASN B 1 25 ? -2.205  -0.612  1.251   1.00 18.03 ? 25  ASN B CG  1 
ATOM   950  O OD1 . ASN B 1 25 ? -1.012  -0.867  1.166   1.00 16.62 ? 25  ASN B OD1 1 
ATOM   951  N ND2 . ASN B 1 25 ? -2.692  0.618   1.102   1.00 16.11 ? 25  ASN B ND2 1 
ATOM   952  N N   . THR B 1 26 ? -0.400  -3.924  2.124   1.00 16.28 ? 26  THR B N   1 
ATOM   953  C CA  . THR B 1 26 ? 0.734   -4.129  3.022   1.00 16.58 ? 26  THR B CA  1 
ATOM   954  C C   . THR B 1 26 ? 1.516   -2.827  3.239   1.00 19.99 ? 26  THR B C   1 
ATOM   955  O O   . THR B 1 26 ? 2.385   -2.757  4.109   1.00 18.54 ? 26  THR B O   1 
ATOM   956  C CB  . THR B 1 26 ? 1.705   -5.189  2.473   1.00 16.57 ? 26  THR B CB  1 
ATOM   957  O OG1 . THR B 1 26 ? 2.265   -4.734  1.235   1.00 17.66 ? 26  THR B OG1 1 
ATOM   958  C CG2 . THR B 1 26 ? 0.978   -6.516  2.249   1.00 15.35 ? 26  THR B CG2 1 
ATOM   959  N N   . GLY B 1 27 ? 1.196   -1.800  2.454   1.00 18.34 ? 27  GLY B N   1 
ATOM   960  C CA  . GLY B 1 27 ? 1.875   -0.524  2.590   1.00 18.28 ? 27  GLY B CA  1 
ATOM   961  C C   . GLY B 1 27 ? 1.180   0.433   3.543   1.00 17.31 ? 27  GLY B C   1 
ATOM   962  O O   . GLY B 1 27 ? 1.618   1.569   3.717   1.00 17.45 ? 27  GLY B O   1 
ATOM   963  N N   . ALA B 1 28 ? 0.100   -0.018  4.172   1.00 15.92 ? 28  ALA B N   1 
ATOM   964  C CA  . ALA B 1 28 ? -0.628  0.823   5.123   1.00 16.70 ? 28  ALA B CA  1 
ATOM   965  C C   . ALA B 1 28 ? -0.582  0.218   6.528   1.00 17.74 ? 28  ALA B C   1 
ATOM   966  O O   . ALA B 1 28 ? -0.791  -0.989  6.700   1.00 17.43 ? 28  ALA B O   1 
ATOM   967  C CB  . ALA B 1 28 ? -2.089  0.985   4.675   1.00 15.02 ? 28  ALA B CB  1 
ATOM   968  N N   . ASP B 1 29 ? -0.304  1.049   7.528   1.00 16.88 ? 29  ASP B N   1 
ATOM   969  C CA  . ASP B 1 29 ? -0.260  0.566   8.905   1.00 18.34 ? 29  ASP B CA  1 
ATOM   970  C C   . ASP B 1 29 ? -1.685  0.314   9.384   1.00 15.62 ? 29  ASP B C   1 
ATOM   971  O O   . ASP B 1 29 ? -1.953  -0.637  10.109  1.00 14.92 ? 29  ASP B O   1 
ATOM   972  C CB  . ASP B 1 29 ? 0.342   1.609   9.856   1.00 17.75 ? 29  ASP B CB  1 
ATOM   973  C CG  . ASP B 1 29 ? 1.799   1.913   9.572   1.00 22.31 ? 29  ASP B CG  1 
ATOM   974  O OD1 . ASP B 1 29 ? 2.474   1.144   8.859   1.00 24.22 ? 29  ASP B OD1 1 
ATOM   975  O OD2 . ASP B 1 29 ? 2.272   2.940   10.091  1.00 22.19 ? 29  ASP B OD2 1 
ATOM   976  N N   . ASP B 1 30 ? -2.583  1.194   8.955   1.00 14.63 ? 30  ASP B N   1 
ATOM   977  C CA  . ASP B 1 30 ? -3.981  1.172   9.360   1.00 17.76 ? 30  ASP B CA  1 
ATOM   978  C C   . ASP B 1 30 ? -4.998  0.805   8.287   1.00 18.29 ? 30  ASP B C   1 
ATOM   979  O O   . ASP B 1 30 ? -4.692  0.742   7.094   1.00 18.80 ? 30  ASP B O   1 
ATOM   980  C CB  . ASP B 1 30 ? -4.350  2.551   9.914   1.00 16.73 ? 30  ASP B CB  1 
ATOM   981  C CG  . ASP B 1 30 ? -3.273  3.115   10.832  1.00 20.89 ? 30  ASP B CG  1 
ATOM   982  O OD1 . ASP B 1 30 ? -3.010  2.504   11.886  1.00 21.62 ? 30  ASP B OD1 1 
ATOM   983  O OD2 . ASP B 1 30 ? -2.685  4.164   10.496  1.00 21.34 ? 30  ASP B OD2 1 
ATOM   984  N N   . THR B 1 31 ? -6.221  0.572   8.749   1.00 16.91 ? 31  THR B N   1 
ATOM   985  C CA  . THR B 1 31 ? -7.345  0.245   7.886   1.00 16.72 ? 31  THR B CA  1 
ATOM   986  C C   . THR B 1 31 ? -8.201  1.511   7.770   1.00 17.84 ? 31  THR B C   1 
ATOM   987  O O   . THR B 1 31 ? -8.646  2.065   8.779   1.00 17.30 ? 31  THR B O   1 
ATOM   988  C CB  . THR B 1 31 ? -8.161  -0.906  8.498   1.00 17.42 ? 31  THR B CB  1 
ATOM   989  O OG1 . THR B 1 31 ? -7.388  -2.117  8.428   1.00 20.28 ? 31  THR B OG1 1 
ATOM   990  C CG2 . THR B 1 31 ? -9.475  -1.086  7.765   1.00 17.78 ? 31  THR B CG2 1 
ATOM   991  N N   . VAL B 1 32 ? -8.421  1.969   6.540   1.00 18.58 ? 32  VAL B N   1 
ATOM   992  C CA  . VAL B 1 32 ? -9.197  3.181   6.298   1.00 18.83 ? 32  VAL B CA  1 
ATOM   993  C C   . VAL B 1 32 ? -10.306 2.957   5.266   1.00 19.40 ? 32  VAL B C   1 
ATOM   994  O O   . VAL B 1 32 ? -10.054 2.523   4.144   1.00 18.47 ? 32  VAL B O   1 
ATOM   995  C CB  . VAL B 1 32 ? -8.282  4.331   5.796   1.00 20.08 ? 32  VAL B CB  1 
ATOM   996  C CG1 . VAL B 1 32 ? -9.020  5.663   5.875   1.00 18.06 ? 32  VAL B CG1 1 
ATOM   997  C CG2 . VAL B 1 32 ? -6.995  4.370   6.613   1.00 20.98 ? 32  VAL B CG2 1 
ATOM   998  N N   . LEU B 1 33 ? -11.532 3.267   5.661   1.00 18.26 ? 33  LEU B N   1 
ATOM   999  C CA  . LEU B 1 33 ? -12.691 3.103   4.795   1.00 20.53 ? 33  LEU B CA  1 
ATOM   1000 C C   . LEU B 1 33 ? -13.297 4.453   4.449   1.00 21.84 ? 33  LEU B C   1 
ATOM   1001 O O   . LEU B 1 33 ? -13.217 5.394   5.235   1.00 21.64 ? 33  LEU B O   1 
ATOM   1002 C CB  . LEU B 1 33 ? -13.742 2.241   5.492   1.00 23.67 ? 33  LEU B CB  1 
ATOM   1003 C CG  . LEU B 1 33 ? -13.534 0.722   5.514   1.00 27.43 ? 33  LEU B CG  1 
ATOM   1004 C CD1 . LEU B 1 33 ? -12.175 0.370   6.068   1.00 31.76 ? 33  LEU B CD1 1 
ATOM   1005 C CD2 . LEU B 1 33 ? -14.637 0.093   6.355   1.00 30.88 ? 33  LEU B CD2 1 
ATOM   1006 N N   . GLU B 1 34 ? -13.899 4.546   3.269   1.00 20.17 ? 34  GLU B N   1 
ATOM   1007 C CA  . GLU B 1 34 ? -14.513 5.792   2.844   1.00 24.73 ? 34  GLU B CA  1 
ATOM   1008 C C   . GLU B 1 34 ? -15.633 6.152   3.809   1.00 26.93 ? 34  GLU B C   1 
ATOM   1009 O O   . GLU B 1 34 ? -16.157 5.294   4.524   1.00 27.25 ? 34  GLU B O   1 
ATOM   1010 C CB  . GLU B 1 34 ? -15.059 5.658   1.431   1.00 26.55 ? 34  GLU B CB  1 
ATOM   1011 N N   . GLU B 1 35 ? -15.987 7.430   3.817   1.00 29.23 ? 35  GLU B N   1 
ATOM   1012 C CA  . GLU B 1 35 ? -17.032 7.958   4.681   1.00 34.20 ? 35  GLU B CA  1 
ATOM   1013 C C   . GLU B 1 35 ? -18.196 6.983   4.863   1.00 33.93 ? 35  GLU B C   1 
ATOM   1014 O O   . GLU B 1 35 ? -18.691 6.404   3.895   1.00 36.17 ? 35  GLU B O   1 
ATOM   1015 C CB  . GLU B 1 35 ? -17.548 9.275   4.097   1.00 38.08 ? 35  GLU B CB  1 
ATOM   1016 C CG  . GLU B 1 35 ? -18.120 10.215  5.124   1.00 43.93 ? 35  GLU B CG  1 
ATOM   1017 C CD  . GLU B 1 35 ? -17.115 10.535  6.204   1.00 46.40 ? 35  GLU B CD  1 
ATOM   1018 O OE1 . GLU B 1 35 ? -16.021 11.045  5.871   1.00 47.98 ? 35  GLU B OE1 1 
ATOM   1019 O OE2 . GLU B 1 35 ? -17.422 10.267  7.383   1.00 47.05 ? 35  GLU B OE2 1 
ATOM   1020 N N   . MET B 1 36 ? -18.617 6.806   6.111   1.00 35.41 ? 36  MET B N   1 
ATOM   1021 C CA  . MET B 1 36 ? -19.732 5.919   6.450   1.00 37.85 ? 36  MET B CA  1 
ATOM   1022 C C   . MET B 1 36 ? -19.975 6.016   7.951   1.00 39.54 ? 36  MET B C   1 
ATOM   1023 O O   . MET B 1 36 ? -19.076 6.386   8.707   1.00 40.88 ? 36  MET B O   1 
ATOM   1024 C CB  . MET B 1 36 ? -19.406 4.468   6.084   1.00 37.97 ? 36  MET B CB  1 
ATOM   1025 C CG  . MET B 1 36 ? -18.513 3.752   7.087   1.00 37.96 ? 36  MET B CG  1 
ATOM   1026 S SD  . MET B 1 36 ? -18.117 2.061   6.596   1.00 41.01 ? 36  MET B SD  1 
ATOM   1027 C CE  . MET B 1 36 ? -19.565 1.171   7.185   1.00 40.80 ? 36  MET B CE  1 
ATOM   1028 N N   . ASN B 1 37 ? -21.185 5.690   8.391   1.00 42.70 ? 37  ASN B N   1 
ATOM   1029 C CA  . ASN B 1 37 ? -21.489 5.752   9.815   1.00 43.35 ? 37  ASN B CA  1 
ATOM   1030 C C   . ASN B 1 37 ? -21.272 4.413   10.506  1.00 42.47 ? 37  ASN B C   1 
ATOM   1031 O O   . ASN B 1 37 ? -21.626 3.360   9.981   1.00 44.04 ? 37  ASN B O   1 
ATOM   1032 C CB  . ASN B 1 37 ? -22.931 6.218   10.044  1.00 46.05 ? 37  ASN B CB  1 
ATOM   1033 C CG  . ASN B 1 37 ? -23.127 7.690   9.722   1.00 48.77 ? 37  ASN B CG  1 
ATOM   1034 O OD1 . ASN B 1 37 ? -22.979 8.111   8.578   1.00 51.71 ? 37  ASN B OD1 1 
ATOM   1035 N ND2 . ASN B 1 37 ? -23.454 8.480   10.738  1.00 50.04 ? 37  ASN B ND2 1 
ATOM   1036 N N   . LEU B 1 38 ? -20.668 4.465   11.686  1.00 41.47 ? 38  LEU B N   1 
ATOM   1037 C CA  . LEU B 1 38 ? -20.413 3.269   12.473  1.00 40.24 ? 38  LEU B CA  1 
ATOM   1038 C C   . LEU B 1 38 ? -20.802 3.545   13.918  1.00 41.57 ? 38  LEU B C   1 
ATOM   1039 O O   . LEU B 1 38 ? -20.788 4.693   14.365  1.00 40.75 ? 38  LEU B O   1 
ATOM   1040 C CB  . LEU B 1 38 ? -18.936 2.873   12.397  1.00 37.09 ? 38  LEU B CB  1 
ATOM   1041 C CG  . LEU B 1 38 ? -18.440 2.312   11.061  1.00 35.29 ? 38  LEU B CG  1 
ATOM   1042 C CD1 . LEU B 1 38 ? -16.932 2.116   11.120  1.00 33.13 ? 38  LEU B CD1 1 
ATOM   1043 C CD2 . LEU B 1 38 ? -19.144 0.998   10.761  1.00 32.83 ? 38  LEU B CD2 1 
ATOM   1044 N N   . PRO B 1 39 ? -21.159 2.494   14.666  1.00 42.88 ? 39  PRO B N   1 
ATOM   1045 C CA  . PRO B 1 39 ? -21.556 2.623   16.071  1.00 44.80 ? 39  PRO B CA  1 
ATOM   1046 C C   . PRO B 1 39 ? -20.397 2.929   17.014  1.00 45.50 ? 39  PRO B C   1 
ATOM   1047 O O   . PRO B 1 39 ? -19.236 2.688   16.690  1.00 46.09 ? 39  PRO B O   1 
ATOM   1048 C CB  . PRO B 1 39 ? -22.193 1.271   16.370  1.00 45.50 ? 39  PRO B CB  1 
ATOM   1049 C CG  . PRO B 1 39 ? -21.395 0.335   15.501  1.00 44.50 ? 39  PRO B CG  1 
ATOM   1050 C CD  . PRO B 1 39 ? -21.291 1.099   14.205  1.00 43.13 ? 39  PRO B CD  1 
ATOM   1051 N N   . GLY B 1 40 ? -20.730 3.469   18.181  1.00 46.73 ? 40  GLY B N   1 
ATOM   1052 C CA  . GLY B 1 40 ? -19.714 3.778   19.171  1.00 46.33 ? 40  GLY B CA  1 
ATOM   1053 C C   . GLY B 1 40 ? -19.165 5.186   19.112  1.00 45.85 ? 40  GLY B C   1 
ATOM   1054 O O   . GLY B 1 40 ? -19.527 5.974   18.238  1.00 45.13 ? 40  GLY B O   1 
ATOM   1055 N N   . LYS B 1 41 ? -18.287 5.499   20.059  1.00 45.55 ? 41  LYS B N   1 
ATOM   1056 C CA  . LYS B 1 41 ? -17.667 6.812   20.123  1.00 45.06 ? 41  LYS B CA  1 
ATOM   1057 C C   . LYS B 1 41 ? -16.435 6.813   19.239  1.00 45.81 ? 41  LYS B C   1 
ATOM   1058 O O   . LYS B 1 41 ? -15.668 5.848   19.216  1.00 44.14 ? 41  LYS B O   1 
ATOM   1059 C CB  . LYS B 1 41 ? -17.275 7.144   21.562  1.00 46.04 ? 41  LYS B CB  1 
ATOM   1060 N N   . TRP B 1 42 ? -16.251 7.898   18.499  1.00 44.23 ? 42  TRP B N   1 
ATOM   1061 C CA  . TRP B 1 42 ? -15.103 8.013   17.625  1.00 43.99 ? 42  TRP B CA  1 
ATOM   1062 C C   . TRP B 1 42 ? -14.326 9.266   17.993  1.00 44.60 ? 42  TRP B C   1 
ATOM   1063 O O   . TRP B 1 42 ? -14.889 10.234  18.515  1.00 43.81 ? 42  TRP B O   1 
ATOM   1064 C CB  . TRP B 1 42 ? -15.549 8.094   16.168  1.00 43.92 ? 42  TRP B CB  1 
ATOM   1065 C CG  . TRP B 1 42 ? -16.436 9.267   15.878  1.00 45.46 ? 42  TRP B CG  1 
ATOM   1066 C CD1 . TRP B 1 42 ? -17.801 9.289   15.896  1.00 45.47 ? 42  TRP B CD1 1 
ATOM   1067 C CD2 . TRP B 1 42 ? -16.016 10.587  15.511  1.00 44.58 ? 42  TRP B CD2 1 
ATOM   1068 N NE1 . TRP B 1 42 ? -18.258 10.541  15.553  1.00 45.56 ? 42  TRP B NE1 1 
ATOM   1069 C CE2 . TRP B 1 42 ? -17.183 11.356  15.311  1.00 45.15 ? 42  TRP B CE2 1 
ATOM   1070 C CE3 . TRP B 1 42 ? -14.765 11.195  15.327  1.00 44.64 ? 42  TRP B CE3 1 
ATOM   1071 C CZ2 . TRP B 1 42 ? -17.138 12.705  14.939  1.00 43.15 ? 42  TRP B CZ2 1 
ATOM   1072 C CZ3 . TRP B 1 42 ? -14.721 12.539  14.956  1.00 43.63 ? 42  TRP B CZ3 1 
ATOM   1073 C CH2 . TRP B 1 42 ? -15.903 13.275  14.765  1.00 43.10 ? 42  TRP B CH2 1 
ATOM   1074 N N   . LYS B 1 43 ? -13.026 9.239   17.727  1.00 41.99 ? 43  LYS B N   1 
ATOM   1075 C CA  . LYS B 1 43 ? -12.172 10.373  18.015  1.00 39.98 ? 43  LYS B CA  1 
ATOM   1076 C C   . LYS B 1 43 ? -11.394 10.759  16.766  1.00 38.34 ? 43  LYS B C   1 
ATOM   1077 O O   . LYS B 1 43 ? -11.063 9.905   15.941  1.00 33.71 ? 43  LYS B O   1 
ATOM   1078 C CB  . LYS B 1 43 ? -11.208 10.038  19.151  1.00 43.70 ? 43  LYS B CB  1 
ATOM   1079 C CG  . LYS B 1 43 ? -10.548 8.682   19.019  1.00 46.21 ? 43  LYS B CG  1 
ATOM   1080 C CD  . LYS B 1 43 ? -9.229  8.650   19.767  1.00 51.62 ? 43  LYS B CD  1 
ATOM   1081 C CE  . LYS B 1 43 ? -8.286  9.694   19.201  1.00 53.44 ? 43  LYS B CE  1 
ATOM   1082 N NZ  . LYS B 1 43 ? -8.325  9.666   17.711  1.00 57.25 ? 43  LYS B NZ  1 
ATOM   1083 N N   . PRO B 1 44 ? -11.107 12.058  16.605  1.00 36.70 ? 44  PRO B N   1 
ATOM   1084 C CA  . PRO B 1 44 ? -10.366 12.576  15.454  1.00 36.17 ? 44  PRO B CA  1 
ATOM   1085 C C   . PRO B 1 44 ? -8.921  12.092  15.437  1.00 35.05 ? 44  PRO B C   1 
ATOM   1086 O O   . PRO B 1 44 ? -8.261  12.031  16.473  1.00 33.69 ? 44  PRO B O   1 
ATOM   1087 C CB  . PRO B 1 44 ? -10.447 14.095  15.639  1.00 37.61 ? 44  PRO B CB  1 
ATOM   1088 C CG  . PRO B 1 44 ? -11.696 14.288  16.434  1.00 35.32 ? 44  PRO B CG  1 
ATOM   1089 C CD  . PRO B 1 44 ? -11.618 13.165  17.433  1.00 37.37 ? 44  PRO B CD  1 
ATOM   1090 N N   . LYS B 1 45 ? -8.440  11.750  14.250  1.00 33.01 ? 45  LYS B N   1 
ATOM   1091 C CA  . LYS B 1 45 ? -7.068  11.295  14.069  1.00 32.45 ? 45  LYS B CA  1 
ATOM   1092 C C   . LYS B 1 45 ? -6.579  11.849  12.747  1.00 29.77 ? 45  LYS B C   1 
ATOM   1093 O O   . LYS B 1 45 ? -7.373  12.223  11.897  1.00 26.77 ? 45  LYS B O   1 
ATOM   1094 C CB  . LYS B 1 45 ? -6.992  9.765   14.016  1.00 34.75 ? 45  LYS B CB  1 
ATOM   1095 C CG  . LYS B 1 45 ? -6.962  9.065   15.363  1.00 41.34 ? 45  LYS B CG  1 
ATOM   1096 C CD  . LYS B 1 45 ? -5.701  9.402   16.151  1.00 44.64 ? 45  LYS B CD  1 
ATOM   1097 C CE  . LYS B 1 45 ? -5.649  8.631   17.462  1.00 48.77 ? 45  LYS B CE  1 
ATOM   1098 N NZ  . LYS B 1 45 ? -4.440  8.949   18.274  1.00 50.38 ? 45  LYS B NZ  1 
ATOM   1099 N N   . MET B 1 46 ? -5.267  11.908  12.577  1.00 28.89 ? 46  MET B N   1 
ATOM   1100 C CA  . MET B 1 46 ? -4.715  12.378  11.322  1.00 29.52 ? 46  MET B CA  1 
ATOM   1101 C C   . MET B 1 46 ? -3.766  11.320  10.819  1.00 26.65 ? 46  MET B C   1 
ATOM   1102 O O   . MET B 1 46 ? -3.006  10.745  11.597  1.00 26.18 ? 46  MET B O   1 
ATOM   1103 C CB  . MET B 1 46 ? -3.978  13.702  11.502  1.00 34.16 ? 46  MET B CB  1 
ATOM   1104 C CG  . MET B 1 46 ? -4.902  14.895  11.666  1.00 38.44 ? 46  MET B CG  1 
ATOM   1105 S SD  . MET B 1 46 ? -4.007  16.437  11.442  1.00 43.75 ? 46  MET B SD  1 
ATOM   1106 C CE  . MET B 1 46 ? -4.156  16.637  9.667   1.00 44.09 ? 46  MET B CE  1 
ATOM   1107 N N   . ILE B 1 47 ? -3.838  11.042  9.522   1.00 23.45 ? 47  ILE B N   1 
ATOM   1108 C CA  . ILE B 1 47 ? -2.965  10.054  8.903   1.00 22.96 ? 47  ILE B CA  1 
ATOM   1109 C C   . ILE B 1 47 ? -2.382  10.656  7.628   1.00 23.86 ? 47  ILE B C   1 
ATOM   1110 O O   . ILE B 1 47 ? -2.966  11.568  7.034   1.00 23.35 ? 47  ILE B O   1 
ATOM   1111 C CB  . ILE B 1 47 ? -3.725  8.747   8.535   1.00 22.79 ? 47  ILE B CB  1 
ATOM   1112 C CG1 . ILE B 1 47 ? -4.820  9.043   7.510   1.00 21.90 ? 47  ILE B CG1 1 
ATOM   1113 C CG2 . ILE B 1 47 ? -4.316  8.121   9.791   1.00 20.24 ? 47  ILE B CG2 1 
ATOM   1114 C CD1 . ILE B 1 47 ? -5.598  7.805   7.069   1.00 24.50 ? 47  ILE B CD1 1 
ATOM   1115 N N   . GLY B 1 48 ? -1.233  10.139  7.213   1.00 19.70 ? 48  GLY B N   1 
ATOM   1116 C CA  . GLY B 1 48 ? -0.596  10.657  6.027   1.00 23.20 ? 48  GLY B CA  1 
ATOM   1117 C C   . GLY B 1 48 ? -0.189  9.598   5.033   1.00 24.15 ? 48  GLY B C   1 
ATOM   1118 O O   . GLY B 1 48 ? -0.107  8.408   5.338   1.00 23.38 ? 48  GLY B O   1 
ATOM   1119 N N   . GLY B 1 49 ? 0.046   10.052  3.811   1.00 26.08 ? 49  GLY B N   1 
ATOM   1120 C CA  . GLY B 1 49 ? 0.468   9.169   2.746   1.00 27.30 ? 49  GLY B CA  1 
ATOM   1121 C C   . GLY B 1 49 ? 1.178   10.057  1.751   1.00 30.54 ? 49  GLY B C   1 
ATOM   1122 O O   . GLY B 1 49 ? 1.646   11.143  2.102   1.00 30.15 ? 49  GLY B O   1 
ATOM   1123 N N   1 ILE B 1 50 ? 1.203   9.628   0.500   0.50 29.38 ? 50  ILE B N   1 
ATOM   1124 N N   2 ILE B 1 50 ? 1.319   9.590   0.514   0.50 30.91 ? 50  ILE B N   1 
ATOM   1125 C CA  1 ILE B 1 50 ? 1.777   10.452  -0.535  0.50 30.35 ? 50  ILE B CA  1 
ATOM   1126 C CA  2 ILE B 1 50 ? 2.049   10.345  -0.514  0.50 33.56 ? 50  ILE B CA  1 
ATOM   1127 C C   1 ILE B 1 50 ? 0.731   11.537  -0.747  0.50 29.22 ? 50  ILE B C   1 
ATOM   1128 C C   2 ILE B 1 50 ? 1.629   11.782  -0.879  0.50 33.67 ? 50  ILE B C   1 
ATOM   1129 O O   1 ILE B 1 50 ? -0.467  11.258  -0.792  0.50 27.36 ? 50  ILE B O   1 
ATOM   1130 O O   2 ILE B 1 50 ? 2.458   12.536  -1.393  0.50 34.74 ? 50  ILE B O   1 
ATOM   1131 C CB  1 ILE B 1 50 ? 1.986   9.655   -1.836  0.50 32.67 ? 50  ILE B CB  1 
ATOM   1132 C CB  2 ILE B 1 50 ? 2.153   9.506   -1.828  0.50 35.27 ? 50  ILE B CB  1 
ATOM   1133 C CG1 1 ILE B 1 50 ? 3.228   8.791   -1.709  0.50 32.59 ? 50  ILE B CG1 1 
ATOM   1134 C CG1 2 ILE B 1 50 ? 3.572   9.001   -1.996  0.50 36.05 ? 50  ILE B CG1 1 
ATOM   1135 C CG2 1 ILE B 1 50 ? 2.109   10.611  -3.017  0.50 32.37 ? 50  ILE B CG2 1 
ATOM   1136 C CG2 2 ILE B 1 50 ? 1.738   10.336  -3.055  0.50 34.29 ? 50  ILE B CG2 1 
ATOM   1137 C CD1 1 ILE B 1 50 ? 3.801   8.343   -3.045  0.50 36.80 ? 50  ILE B CD1 1 
ATOM   1138 C CD1 2 ILE B 1 50 ? 3.826   8.323   -3.319  0.50 39.29 ? 50  ILE B CD1 1 
ATOM   1139 N N   1 GLY B 1 51 ? 1.183   12.779  -0.855  0.50 30.19 ? 51  GLY B N   1 
ATOM   1140 N N   2 GLY B 1 51 ? 0.378   12.171  -0.629  0.50 33.25 ? 51  GLY B N   1 
ATOM   1141 C CA  1 GLY B 1 51 ? 0.251   13.870  -1.048  0.50 29.29 ? 51  GLY B CA  1 
ATOM   1142 C CA  2 GLY B 1 51 ? -0.026  13.531  -0.971  0.50 32.55 ? 51  GLY B CA  1 
ATOM   1143 C C   1 GLY B 1 51 ? 0.002   14.646  0.231   0.50 30.33 ? 51  GLY B C   1 
ATOM   1144 C C   2 GLY B 1 51 ? -0.304  14.419  0.230   0.50 32.33 ? 51  GLY B C   1 
ATOM   1145 O O   1 GLY B 1 51 ? -0.413  15.800  0.180   0.50 32.54 ? 51  GLY B O   1 
ATOM   1146 O O   2 GLY B 1 51 ? -0.964  15.451  0.112   0.50 34.52 ? 51  GLY B O   1 
ATOM   1147 N N   . GLY B 1 52 ? 0.222   14.020  1.383   1.00 29.74 ? 52  GLY B N   1 
ATOM   1148 C CA  . GLY B 1 52 ? 0.013   14.756  2.616   1.00 30.04 ? 52  GLY B CA  1 
ATOM   1149 C C   . GLY B 1 52 ? -0.834  14.047  3.657   1.00 28.89 ? 52  GLY B C   1 
ATOM   1150 O O   . GLY B 1 52 ? -1.003  12.830  3.602   1.00 28.18 ? 52  GLY B O   1 
ATOM   1151 N N   . PHE B 1 53 ? -1.389  14.817  4.589   1.00 26.42 ? 53  PHE B N   1 
ATOM   1152 C CA  . PHE B 1 53 ? -2.214  14.264  5.659   1.00 25.96 ? 53  PHE B CA  1 
ATOM   1153 C C   . PHE B 1 53 ? -3.690  14.591  5.513   1.00 23.87 ? 53  PHE B C   1 
ATOM   1154 O O   . PHE B 1 53 ? -4.057  15.616  4.937   1.00 23.57 ? 53  PHE B O   1 
ATOM   1155 C CB  . PHE B 1 53 ? -1.734  14.789  7.017   1.00 28.81 ? 53  PHE B CB  1 
ATOM   1156 C CG  . PHE B 1 53 ? -0.360  14.321  7.392   1.00 29.54 ? 53  PHE B CG  1 
ATOM   1157 C CD1 . PHE B 1 53 ? 0.763   14.805  6.728   1.00 32.41 ? 53  PHE B CD1 1 
ATOM   1158 C CD2 . PHE B 1 53 ? -0.189  13.373  8.392   1.00 30.25 ? 53  PHE B CD2 1 
ATOM   1159 C CE1 . PHE B 1 53 ? 2.036   14.345  7.052   1.00 33.00 ? 53  PHE B CE1 1 
ATOM   1160 C CE2 . PHE B 1 53 ? 1.079   12.905  8.725   1.00 31.49 ? 53  PHE B CE2 1 
ATOM   1161 C CZ  . PHE B 1 53 ? 2.194   13.392  8.055   1.00 32.49 ? 53  PHE B CZ  1 
ATOM   1162 N N   . ILE B 1 54 ? -4.535  13.701  6.031   1.00 20.74 ? 54  ILE B N   1 
ATOM   1163 C CA  . ILE B 1 54 ? -5.978  13.909  6.017   1.00 21.30 ? 54  ILE B CA  1 
ATOM   1164 C C   . ILE B 1 54 ? -6.526  13.615  7.409   1.00 20.90 ? 54  ILE B C   1 
ATOM   1165 O O   . ILE B 1 54 ? -5.884  12.935  8.212   1.00 20.01 ? 54  ILE B O   1 
ATOM   1166 C CB  . ILE B 1 54 ? -6.712  12.986  5.001   1.00 21.97 ? 54  ILE B CB  1 
ATOM   1167 C CG1 . ILE B 1 54 ? -6.494  11.516  5.369   1.00 21.57 ? 54  ILE B CG1 1 
ATOM   1168 C CG2 . ILE B 1 54 ? -6.222  13.263  3.591   1.00 23.69 ? 54  ILE B CG2 1 
ATOM   1169 C CD1 . ILE B 1 54 ? -7.370  10.552  4.589   1.00 23.69 ? 54  ILE B CD1 1 
ATOM   1170 N N   . LYS B 1 55 ? -7.713  14.133  7.696   1.00 20.45 ? 55  LYS B N   1 
ATOM   1171 C CA  . LYS B 1 55 ? -8.344  13.901  8.985   1.00 21.85 ? 55  LYS B CA  1 
ATOM   1172 C C   . LYS B 1 55 ? -9.299  12.716  8.865   1.00 21.57 ? 55  LYS B C   1 
ATOM   1173 O O   . LYS B 1 55 ? -10.029 12.591  7.881   1.00 24.35 ? 55  LYS B O   1 
ATOM   1174 C CB  . LYS B 1 55 ? -9.104  15.152  9.432   1.00 21.48 ? 55  LYS B CB  1 
ATOM   1175 N N   . VAL B 1 56 ? -9.286  11.838  9.860   1.00 22.61 ? 56  VAL B N   1 
ATOM   1176 C CA  . VAL B 1 56 ? -10.170 10.681  9.853   1.00 23.11 ? 56  VAL B CA  1 
ATOM   1177 C C   . VAL B 1 56 ? -10.800 10.492  11.227  1.00 26.63 ? 56  VAL B C   1 
ATOM   1178 O O   . VAL B 1 56 ? -10.396 11.134  12.198  1.00 26.07 ? 56  VAL B O   1 
ATOM   1179 C CB  . VAL B 1 56 ? -9.405  9.381   9.473   1.00 21.05 ? 56  VAL B CB  1 
ATOM   1180 C CG1 . VAL B 1 56 ? -8.857  9.488   8.055   1.00 18.22 ? 56  VAL B CG1 1 
ATOM   1181 C CG2 . VAL B 1 56 ? -8.278  9.131   10.453  1.00 21.94 ? 56  VAL B CG2 1 
ATOM   1182 N N   . ARG B 1 57 ? -11.807 9.624   11.295  1.00 25.14 ? 57  ARG B N   1 
ATOM   1183 C CA  . ARG B 1 57 ? -12.480 9.316   12.547  1.00 26.93 ? 57  ARG B CA  1 
ATOM   1184 C C   . ARG B 1 57 ? -12.080 7.896   12.917  1.00 25.85 ? 57  ARG B C   1 
ATOM   1185 O O   . ARG B 1 57 ? -12.132 6.992   12.081  1.00 24.13 ? 57  ARG B O   1 
ATOM   1186 C CB  . ARG B 1 57 ? -14.000 9.402   12.385  1.00 29.43 ? 57  ARG B CB  1 
ATOM   1187 C CG  . ARG B 1 57 ? -14.494 10.743  11.850  1.00 34.35 ? 57  ARG B CG  1 
ATOM   1188 C CD  . ARG B 1 57 ? -15.949 11.007  12.226  1.00 37.98 ? 57  ARG B CD  1 
ATOM   1189 N NE  . ARG B 1 57 ? -16.851 9.939   11.813  1.00 42.99 ? 57  ARG B NE  1 
ATOM   1190 C CZ  . ARG B 1 57 ? -17.111 9.637   10.547  1.00 46.35 ? 57  ARG B CZ  1 
ATOM   1191 N NH1 . ARG B 1 57 ? -16.534 10.326  9.575   1.00 49.02 ? 57  ARG B NH1 1 
ATOM   1192 N NH2 . ARG B 1 57 ? -17.946 8.648   10.255  1.00 48.22 ? 57  ARG B NH2 1 
ATOM   1193 N N   . GLN B 1 58 ? -11.682 7.703   14.169  1.00 25.20 ? 58  GLN B N   1 
ATOM   1194 C CA  . GLN B 1 58 ? -11.258 6.392   14.638  1.00 26.67 ? 58  GLN B CA  1 
ATOM   1195 C C   . GLN B 1 58 ? -12.322 5.643   15.432  1.00 27.90 ? 58  GLN B C   1 
ATOM   1196 O O   . GLN B 1 58 ? -12.887 6.175   16.386  1.00 29.40 ? 58  GLN B O   1 
ATOM   1197 C CB  . GLN B 1 58 ? -9.999  6.525   15.502  1.00 26.98 ? 58  GLN B CB  1 
ATOM   1198 C CG  . GLN B 1 58 ? -9.449  5.188   15.987  1.00 30.25 ? 58  GLN B CG  1 
ATOM   1199 C CD  . GLN B 1 58 ? -8.149  5.309   16.760  1.00 32.94 ? 58  GLN B CD  1 
ATOM   1200 O OE1 . GLN B 1 58 ? -7.191  5.920   16.296  1.00 32.58 ? 58  GLN B OE1 1 
ATOM   1201 N NE2 . GLN B 1 58 ? -8.106  4.707   17.945  1.00 35.90 ? 58  GLN B NE2 1 
ATOM   1202 N N   . TYR B 1 59 ? -12.600 4.409   15.026  1.00 27.82 ? 59  TYR B N   1 
ATOM   1203 C CA  . TYR B 1 59 ? -13.549 3.561   15.743  1.00 28.21 ? 59  TYR B CA  1 
ATOM   1204 C C   . TYR B 1 59 ? -12.765 2.333   16.190  1.00 29.26 ? 59  TYR B C   1 
ATOM   1205 O O   . TYR B 1 59 ? -12.110 1.684   15.378  1.00 28.04 ? 59  TYR B O   1 
ATOM   1206 C CB  . TYR B 1 59 ? -14.708 3.121   14.847  1.00 28.98 ? 59  TYR B CB  1 
ATOM   1207 C CG  . TYR B 1 59 ? -15.608 4.242   14.399  1.00 29.37 ? 59  TYR B CG  1 
ATOM   1208 C CD1 . TYR B 1 59 ? -15.281 5.024   13.298  1.00 29.02 ? 59  TYR B CD1 1 
ATOM   1209 C CD2 . TYR B 1 59 ? -16.799 4.512   15.073  1.00 30.03 ? 59  TYR B CD2 1 
ATOM   1210 C CE1 . TYR B 1 59 ? -16.117 6.050   12.871  1.00 32.64 ? 59  TYR B CE1 1 
ATOM   1211 C CE2 . TYR B 1 59 ? -17.645 5.537   14.656  1.00 32.15 ? 59  TYR B CE2 1 
ATOM   1212 C CZ  . TYR B 1 59 ? -17.297 6.299   13.553  1.00 31.93 ? 59  TYR B CZ  1 
ATOM   1213 O OH  . TYR B 1 59 ? -18.130 7.304   13.127  1.00 36.16 ? 59  TYR B OH  1 
ATOM   1214 N N   . ASP B 1 60 ? -12.826 2.023   17.480  1.00 31.50 ? 60  ASP B N   1 
ATOM   1215 C CA  . ASP B 1 60 ? -12.100 0.881   18.018  1.00 32.36 ? 60  ASP B CA  1 
ATOM   1216 C C   . ASP B 1 60 ? -12.953 -0.370  18.170  1.00 31.10 ? 60  ASP B C   1 
ATOM   1217 O O   . ASP B 1 60 ? -14.175 -0.294  18.234  1.00 27.08 ? 60  ASP B O   1 
ATOM   1218 C CB  . ASP B 1 60 ? -11.493 1.243   19.374  1.00 35.47 ? 60  ASP B CB  1 
ATOM   1219 C CG  . ASP B 1 60 ? -10.473 2.354   19.274  1.00 37.67 ? 60  ASP B CG  1 
ATOM   1220 O OD1 . ASP B 1 60 ? -9.475  2.177   18.539  1.00 38.98 ? 60  ASP B OD1 1 
ATOM   1221 O OD2 . ASP B 1 60 ? -10.669 3.400   19.929  1.00 40.15 ? 60  ASP B OD2 1 
ATOM   1222 N N   . GLN B 1 61 ? -12.284 -1.519  18.222  1.00 31.40 ? 61  GLN B N   1 
ATOM   1223 C CA  . GLN B 1 61 ? -12.948 -2.808  18.385  1.00 35.28 ? 61  GLN B CA  1 
ATOM   1224 C C   . GLN B 1 61 ? -14.141 -3.025  17.459  1.00 32.92 ? 61  GLN B C   1 
ATOM   1225 O O   . GLN B 1 61 ? -15.246 -3.307  17.916  1.00 34.63 ? 61  GLN B O   1 
ATOM   1226 C CB  . GLN B 1 61 ? -13.395 -2.979  19.842  1.00 38.94 ? 61  GLN B CB  1 
ATOM   1227 C CG  . GLN B 1 61 ? -12.245 -3.041  20.833  1.00 46.35 ? 61  GLN B CG  1 
ATOM   1228 C CD  . GLN B 1 61 ? -12.714 -3.182  22.270  1.00 51.33 ? 61  GLN B CD  1 
ATOM   1229 O OE1 . GLN B 1 61 ? -11.908 -3.375  23.183  1.00 54.65 ? 61  GLN B OE1 1 
ATOM   1230 N NE2 . GLN B 1 61 ? -14.023 -3.083  22.480  1.00 54.38 ? 61  GLN B NE2 1 
ATOM   1231 N N   . ILE B 1 62 ? -13.915 -2.891  16.157  1.00 29.94 ? 62  ILE B N   1 
ATOM   1232 C CA  . ILE B 1 62 ? -14.974 -3.088  15.175  1.00 27.18 ? 62  ILE B CA  1 
ATOM   1233 C C   . ILE B 1 62 ? -14.779 -4.434  14.478  1.00 27.64 ? 62  ILE B C   1 
ATOM   1234 O O   . ILE B 1 62 ? -13.698 -4.725  13.959  1.00 23.98 ? 62  ILE B O   1 
ATOM   1235 C CB  . ILE B 1 62 ? -14.963 -1.976  14.097  1.00 26.72 ? 62  ILE B CB  1 
ATOM   1236 C CG1 . ILE B 1 62 ? -15.257 -0.615  14.735  1.00 28.01 ? 62  ILE B CG1 1 
ATOM   1237 C CG2 . ILE B 1 62 ? -15.973 -2.292  13.010  1.00 26.77 ? 62  ILE B CG2 1 
ATOM   1238 C CD1 . ILE B 1 62 ? -16.618 -0.522  15.427  1.00 28.93 ? 62  ILE B CD1 1 
ATOM   1239 N N   . PRO B 1 63 ? -15.823 -5.277  14.467  1.00 27.76 ? 63  PRO B N   1 
ATOM   1240 C CA  . PRO B 1 63 ? -15.760 -6.595  13.825  1.00 25.29 ? 63  PRO B CA  1 
ATOM   1241 C C   . PRO B 1 63 ? -15.749 -6.433  12.308  1.00 26.74 ? 63  PRO B C   1 
ATOM   1242 O O   . PRO B 1 63 ? -16.602 -5.744  11.749  1.00 25.67 ? 63  PRO B O   1 
ATOM   1243 C CB  . PRO B 1 63 ? -17.039 -7.281  14.304  1.00 26.78 ? 63  PRO B CB  1 
ATOM   1244 C CG  . PRO B 1 63 ? -17.364 -6.568  15.597  1.00 30.17 ? 63  PRO B CG  1 
ATOM   1245 C CD  . PRO B 1 63 ? -17.070 -5.136  15.237  1.00 28.12 ? 63  PRO B CD  1 
ATOM   1246 N N   . VAL B 1 64 ? -14.784 -7.062  11.648  1.00 26.41 ? 64  VAL B N   1 
ATOM   1247 C CA  . VAL B 1 64 ? -14.675 -6.978  10.195  1.00 27.16 ? 64  VAL B CA  1 
ATOM   1248 C C   . VAL B 1 64 ? -14.409 -8.365  9.626   1.00 28.59 ? 64  VAL B C   1 
ATOM   1249 O O   . VAL B 1 64 ? -13.456 -9.037  10.025  1.00 28.94 ? 64  VAL B O   1 
ATOM   1250 C CB  . VAL B 1 64 ? -13.520 -6.041  9.775   1.00 28.12 ? 64  VAL B CB  1 
ATOM   1251 C CG1 . VAL B 1 64 ? -13.466 -5.920  8.257   1.00 28.02 ? 64  VAL B CG1 1 
ATOM   1252 C CG2 . VAL B 1 64 ? -13.701 -4.671  10.417  1.00 27.95 ? 64  VAL B CG2 1 
ATOM   1253 N N   . GLU B 1 65 ? -15.254 -8.799  8.698   1.00 28.87 ? 65  GLU B N   1 
ATOM   1254 C CA  . GLU B 1 65 ? -15.083 -10.103 8.087   1.00 29.91 ? 65  GLU B CA  1 
ATOM   1255 C C   . GLU B 1 65 ? -14.427 -9.870  6.733   1.00 28.18 ? 65  GLU B C   1 
ATOM   1256 O O   . GLU B 1 65 ? -15.007 -9.255  5.841   1.00 26.63 ? 65  GLU B O   1 
ATOM   1257 C CB  . GLU B 1 65 ? -16.439 -10.801 7.941   1.00 33.68 ? 65  GLU B CB  1 
ATOM   1258 C CG  . GLU B 1 65 ? -16.351 -12.249 7.490   1.00 40.72 ? 65  GLU B CG  1 
ATOM   1259 C CD  . GLU B 1 65 ? -17.694 -12.958 7.563   1.00 42.50 ? 65  GLU B CD  1 
ATOM   1260 O OE1 . GLU B 1 65 ? -18.249 -13.072 8.675   1.00 44.18 ? 65  GLU B OE1 1 
ATOM   1261 O OE2 . GLU B 1 65 ? -18.196 -13.395 6.508   1.00 46.89 ? 65  GLU B OE2 1 
ATOM   1262 N N   . ILE B 1 66 ? -13.203 -10.360 6.596   1.00 27.30 ? 66  ILE B N   1 
ATOM   1263 C CA  . ILE B 1 66 ? -12.437 -10.174 5.377   1.00 26.97 ? 66  ILE B CA  1 
ATOM   1264 C C   . ILE B 1 66 ? -12.318 -11.452 4.580   1.00 27.17 ? 66  ILE B C   1 
ATOM   1265 O O   . ILE B 1 66 ? -11.555 -12.349 4.935   1.00 25.99 ? 66  ILE B O   1 
ATOM   1266 C CB  . ILE B 1 66 ? -11.009 -9.663  5.696   1.00 25.42 ? 66  ILE B CB  1 
ATOM   1267 C CG1 . ILE B 1 66 ? -11.092 -8.409  6.570   1.00 25.55 ? 66  ILE B CG1 1 
ATOM   1268 C CG2 . ILE B 1 66 ? -10.264 -9.358  4.405   1.00 23.14 ? 66  ILE B CG2 1 
ATOM   1269 C CD1 . ILE B 1 66 ? -9.756  -7.927  7.092   1.00 26.10 ? 66  ILE B CD1 1 
ATOM   1270 N N   . CYS B 1 67 ? -13.083 -11.537 3.500   1.00 30.46 ? 67  CYS B N   1 
ATOM   1271 C CA  . CYS B 1 67 ? -13.029 -12.713 2.651   1.00 34.17 ? 67  CYS B CA  1 
ATOM   1272 C C   . CYS B 1 67 ? -13.251 -13.976 3.483   1.00 34.08 ? 67  CYS B C   1 
ATOM   1273 O O   . CYS B 1 67 ? -12.570 -14.983 3.293   1.00 35.22 ? 67  CYS B O   1 
ATOM   1274 C CB  . CYS B 1 67 ? -11.662 -12.772 1.963   1.00 38.08 ? 67  CYS B CB  1 
ATOM   1275 S SG  . CYS B 1 67 ? -11.653 -13.535 0.345   1.00 48.36 ? 67  CYS B SG  1 
ATOM   1276 N N   . GLY B 1 68 ? -14.184 -13.906 4.428   1.00 32.80 ? 68  GLY B N   1 
ATOM   1277 C CA  . GLY B 1 68 ? -14.484 -15.067 5.248   1.00 33.00 ? 68  GLY B CA  1 
ATOM   1278 C C   . GLY B 1 68 ? -13.778 -15.185 6.587   1.00 34.67 ? 68  GLY B C   1 
ATOM   1279 O O   . GLY B 1 68 ? -14.191 -15.980 7.433   1.00 36.31 ? 68  GLY B O   1 
ATOM   1280 N N   . HIS B 1 69 ? -12.716 -14.413 6.788   1.00 32.65 ? 69  HIS B N   1 
ATOM   1281 C CA  . HIS B 1 69 ? -11.974 -14.470 8.044   1.00 29.41 ? 69  HIS B CA  1 
ATOM   1282 C C   . HIS B 1 69 ? -12.353 -13.304 8.937   1.00 27.03 ? 69  HIS B C   1 
ATOM   1283 O O   . HIS B 1 69 ? -12.477 -12.175 8.472   1.00 25.62 ? 69  HIS B O   1 
ATOM   1284 C CB  . HIS B 1 69 ? -10.473 -14.458 7.752   1.00 32.39 ? 69  HIS B CB  1 
ATOM   1285 C CG  . HIS B 1 69 ? -10.020 -15.632 6.942   1.00 34.14 ? 69  HIS B CG  1 
ATOM   1286 N ND1 . HIS B 1 69 ? -9.280  -16.664 7.474   1.00 35.88 ? 69  HIS B ND1 1 
ATOM   1287 C CD2 . HIS B 1 69 ? -10.258 -15.966 5.650   1.00 34.43 ? 69  HIS B CD2 1 
ATOM   1288 C CE1 . HIS B 1 69 ? -9.081  -17.584 6.547   1.00 35.91 ? 69  HIS B CE1 1 
ATOM   1289 N NE2 . HIS B 1 69 ? -9.666  -17.185 5.432   1.00 35.33 ? 69  HIS B NE2 1 
ATOM   1290 N N   . LYS B 1 70 ? -12.533 -13.582 10.221  1.00 26.74 ? 70  LYS B N   1 
ATOM   1291 C CA  . LYS B 1 70 ? -12.928 -12.554 11.171  1.00 27.34 ? 70  LYS B CA  1 
ATOM   1292 C C   . LYS B 1 70 ? -11.773 -11.831 11.849  1.00 26.03 ? 70  LYS B C   1 
ATOM   1293 O O   . LYS B 1 70 ? -10.741 -12.418 12.167  1.00 26.26 ? 70  LYS B O   1 
ATOM   1294 C CB  . LYS B 1 70 ? -13.851 -13.157 12.232  1.00 28.11 ? 70  LYS B CB  1 
ATOM   1295 N N   . ALA B 1 71 ? -11.969 -10.538 12.061  1.00 24.75 ? 71  ALA B N   1 
ATOM   1296 C CA  . ALA B 1 71 ? -10.993 -9.706  12.741  1.00 23.00 ? 71  ALA B CA  1 
ATOM   1297 C C   . ALA B 1 71 ? -11.786 -8.703  13.573  1.00 24.71 ? 71  ALA B C   1 
ATOM   1298 O O   . ALA B 1 71 ? -12.947 -8.413  13.273  1.00 24.37 ? 71  ALA B O   1 
ATOM   1299 C CB  . ALA B 1 71 ? -10.111 -8.977  11.727  1.00 22.36 ? 71  ALA B CB  1 
ATOM   1300 N N   . ILE B 1 72 ? -11.170 -8.202  14.638  1.00 23.37 ? 72  ILE B N   1 
ATOM   1301 C CA  . ILE B 1 72 ? -11.802 -7.205  15.483  1.00 21.31 ? 72  ILE B CA  1 
ATOM   1302 C C   . ILE B 1 72 ? -10.703 -6.216  15.829  1.00 21.26 ? 72  ILE B C   1 
ATOM   1303 O O   . ILE B 1 72 ? -9.733  -6.560  16.510  1.00 21.83 ? 72  ILE B O   1 
ATOM   1304 C CB  . ILE B 1 72 ? -12.381 -7.813  16.781  1.00 20.13 ? 72  ILE B CB  1 
ATOM   1305 C CG1 . ILE B 1 72 ? -13.361 -8.935  16.444  1.00 19.36 ? 72  ILE B CG1 1 
ATOM   1306 C CG2 . ILE B 1 72 ? -13.118 -6.732  17.568  1.00 18.13 ? 72  ILE B CG2 1 
ATOM   1307 C CD1 . ILE B 1 72 ? -13.955 -9.615  17.670  1.00 22.92 ? 72  ILE B CD1 1 
ATOM   1308 N N   . GLY B 1 73 ? -10.847 -4.988  15.346  1.00 19.00 ? 73  GLY B N   1 
ATOM   1309 C CA  . GLY B 1 73 ? -9.825  -4.001  15.606  1.00 19.65 ? 73  GLY B CA  1 
ATOM   1310 C C   . GLY B 1 73 ? -10.232 -2.594  15.236  1.00 19.85 ? 73  GLY B C   1 
ATOM   1311 O O   . GLY B 1 73 ? -11.411 -2.296  15.065  1.00 20.35 ? 73  GLY B O   1 
ATOM   1312 N N   . THR B 1 74 ? -9.229  -1.734  15.110  1.00 20.98 ? 74  THR B N   1 
ATOM   1313 C CA  . THR B 1 74 ? -9.423  -0.332  14.786  1.00 23.31 ? 74  THR B CA  1 
ATOM   1314 C C   . THR B 1 74 ? -9.678  -0.099  13.309  1.00 22.98 ? 74  THR B C   1 
ATOM   1315 O O   . THR B 1 74 ? -8.980  -0.645  12.451  1.00 20.07 ? 74  THR B O   1 
ATOM   1316 C CB  . THR B 1 74 ? -8.189  0.493   15.181  1.00 25.28 ? 74  THR B CB  1 
ATOM   1317 O OG1 . THR B 1 74 ? -7.886  0.261   16.559  1.00 27.77 ? 74  THR B OG1 1 
ATOM   1318 C CG2 . THR B 1 74 ? -8.446  1.975   14.963  1.00 25.16 ? 74  THR B CG2 1 
ATOM   1319 N N   . VAL B 1 75 ? -10.687 0.721   13.031  1.00 20.26 ? 75  VAL B N   1 
ATOM   1320 C CA  . VAL B 1 75 ? -11.052 1.078   11.669  1.00 21.97 ? 75  VAL B CA  1 
ATOM   1321 C C   . VAL B 1 75 ? -11.154 2.602   11.599  1.00 21.68 ? 75  VAL B C   1 
ATOM   1322 O O   . VAL B 1 75 ? -11.831 3.224   12.421  1.00 22.32 ? 75  VAL B O   1 
ATOM   1323 C CB  . VAL B 1 75 ? -12.414 0.461   11.269  1.00 20.84 ? 75  VAL B CB  1 
ATOM   1324 C CG1 . VAL B 1 75 ? -12.859 1.000   9.913   1.00 23.03 ? 75  VAL B CG1 1 
ATOM   1325 C CG2 . VAL B 1 75 ? -12.300 -1.050  11.218  1.00 24.52 ? 75  VAL B CG2 1 
ATOM   1326 N N   . LEU B 1 76 ? -10.453 3.202   10.641  1.00 19.94 ? 76  LEU B N   1 
ATOM   1327 C CA  . LEU B 1 76 ? -10.499 4.652   10.470  1.00 19.28 ? 76  LEU B CA  1 
ATOM   1328 C C   . LEU B 1 76 ? -11.439 4.947   9.306   1.00 21.05 ? 76  LEU B C   1 
ATOM   1329 O O   . LEU B 1 76 ? -11.523 4.170   8.356   1.00 22.06 ? 76  LEU B O   1 
ATOM   1330 C CB  . LEU B 1 76 ? -9.101  5.207   10.167  1.00 19.63 ? 76  LEU B CB  1 
ATOM   1331 C CG  . LEU B 1 76 ? -7.983  4.700   11.083  1.00 22.35 ? 76  LEU B CG  1 
ATOM   1332 C CD1 . LEU B 1 76 ? -6.644  5.306   10.669  1.00 18.14 ? 76  LEU B CD1 1 
ATOM   1333 C CD2 . LEU B 1 76 ? -8.315  5.054   12.528  1.00 22.49 ? 76  LEU B CD2 1 
ATOM   1334 N N   . VAL B 1 77 ? -12.150 6.067   9.382   1.00 21.80 ? 77  VAL B N   1 
ATOM   1335 C CA  . VAL B 1 77 ? -13.086 6.458   8.336   1.00 22.22 ? 77  VAL B CA  1 
ATOM   1336 C C   . VAL B 1 77 ? -12.779 7.882   7.888   1.00 24.70 ? 77  VAL B C   1 
ATOM   1337 O O   . VAL B 1 77 ? -12.593 8.776   8.716   1.00 22.39 ? 77  VAL B O   1 
ATOM   1338 C CB  . VAL B 1 77 ? -14.544 6.381   8.854   1.00 25.45 ? 77  VAL B CB  1 
ATOM   1339 C CG1 . VAL B 1 77 ? -15.509 6.957   7.827   1.00 24.50 ? 77  VAL B CG1 1 
ATOM   1340 C CG2 . VAL B 1 77 ? -14.897 4.937   9.163   1.00 25.16 ? 77  VAL B CG2 1 
ATOM   1341 N N   . GLY B 1 78 ? -12.716 8.088   6.578   1.00 24.90 ? 78  GLY B N   1 
ATOM   1342 C CA  . GLY B 1 78 ? -12.415 9.410   6.067   1.00 23.45 ? 78  GLY B CA  1 
ATOM   1343 C C   . GLY B 1 78 ? -12.309 9.456   4.556   1.00 26.89 ? 78  GLY B C   1 
ATOM   1344 O O   . GLY B 1 78 ? -12.646 8.488   3.874   1.00 25.47 ? 78  GLY B O   1 
ATOM   1345 N N   . PRO B 1 79 ? -11.823 10.577  4.004   1.00 27.14 ? 79  PRO B N   1 
ATOM   1346 C CA  . PRO B 1 79 ? -11.663 10.784  2.562   1.00 26.20 ? 79  PRO B CA  1 
ATOM   1347 C C   . PRO B 1 79 ? -10.520 10.023  1.883   1.00 26.37 ? 79  PRO B C   1 
ATOM   1348 O O   . PRO B 1 79 ? -9.683  10.623  1.208   1.00 27.43 ? 79  PRO B O   1 
ATOM   1349 C CB  . PRO B 1 79 ? -11.496 12.298  2.460   1.00 26.73 ? 79  PRO B CB  1 
ATOM   1350 C CG  . PRO B 1 79 ? -10.712 12.609  3.697   1.00 24.66 ? 79  PRO B CG  1 
ATOM   1351 C CD  . PRO B 1 79 ? -11.440 11.792  4.750   1.00 25.45 ? 79  PRO B CD  1 
ATOM   1352 N N   . THR B 1 80 ? -10.486 8.707   2.056   1.00 24.58 ? 80  THR B N   1 
ATOM   1353 C CA  . THR B 1 80 ? -9.457  7.898   1.422   1.00 22.78 ? 80  THR B CA  1 
ATOM   1354 C C   . THR B 1 80 ? -9.898  7.633   -0.021  1.00 23.23 ? 80  THR B C   1 
ATOM   1355 O O   . THR B 1 80 ? -11.083 7.520   -0.296  1.00 23.40 ? 80  THR B O   1 
ATOM   1356 C CB  . THR B 1 80 ? -9.269  6.549   2.156   1.00 21.91 ? 80  THR B CB  1 
ATOM   1357 O OG1 . THR B 1 80 ? -8.315  5.746   1.450   1.00 18.95 ? 80  THR B OG1 1 
ATOM   1358 C CG2 . THR B 1 80 ? -10.595 5.793   2.256   1.00 21.88 ? 80  THR B CG2 1 
ATOM   1359 N N   . PRO B 1 81 ? -8.946  7.553   -0.961  1.00 24.06 ? 81  PRO B N   1 
ATOM   1360 C CA  . PRO B 1 81 ? -9.264  7.299   -2.373  1.00 24.81 ? 81  PRO B CA  1 
ATOM   1361 C C   . PRO B 1 81 ? -9.896  5.926   -2.605  1.00 25.52 ? 81  PRO B C   1 
ATOM   1362 O O   . PRO B 1 81 ? -10.714 5.749   -3.505  1.00 27.76 ? 81  PRO B O   1 
ATOM   1363 C CB  . PRO B 1 81 ? -7.902  7.393   -3.058  1.00 22.80 ? 81  PRO B CB  1 
ATOM   1364 C CG  . PRO B 1 81 ? -7.121  8.299   -2.165  1.00 27.08 ? 81  PRO B CG  1 
ATOM   1365 C CD  . PRO B 1 81 ? -7.509  7.824   -0.792  1.00 24.50 ? 81  PRO B CD  1 
ATOM   1366 N N   . VAL B 1 82 ? -9.496  4.953   -1.792  1.00 23.48 ? 82  VAL B N   1 
ATOM   1367 C CA  . VAL B 1 82 ? -9.991  3.585   -1.919  1.00 23.54 ? 82  VAL B CA  1 
ATOM   1368 C C   . VAL B 1 82 ? -10.040 2.927   -0.546  1.00 21.03 ? 82  VAL B C   1 
ATOM   1369 O O   . VAL B 1 82 ? -9.207  3.223   0.314   1.00 18.26 ? 82  VAL B O   1 
ATOM   1370 C CB  . VAL B 1 82 ? -9.042  2.742   -2.816  1.00 26.09 ? 82  VAL B CB  1 
ATOM   1371 C CG1 . VAL B 1 82 ? -9.567  1.321   -2.954  1.00 28.41 ? 82  VAL B CG1 1 
ATOM   1372 C CG2 . VAL B 1 82 ? -8.893  3.396   -4.179  1.00 28.57 ? 82  VAL B CG2 1 
ATOM   1373 N N   . ASN B 1 83 ? -11.011 2.043   -0.326  1.00 20.06 ? 83  ASN B N   1 
ATOM   1374 C CA  . ASN B 1 83 ? -11.084 1.350   0.951   1.00 21.72 ? 83  ASN B CA  1 
ATOM   1375 C C   . ASN B 1 83 ? -9.836  0.484   1.051   1.00 20.80 ? 83  ASN B C   1 
ATOM   1376 O O   . ASN B 1 83 ? -9.493  -0.226  0.103   1.00 21.78 ? 83  ASN B O   1 
ATOM   1377 C CB  . ASN B 1 83 ? -12.331 0.467   1.027   1.00 22.61 ? 83  ASN B CB  1 
ATOM   1378 C CG  . ASN B 1 83 ? -13.605 1.275   1.086   1.00 25.01 ? 83  ASN B CG  1 
ATOM   1379 O OD1 . ASN B 1 83 ? -13.659 2.310   1.751   1.00 22.52 ? 83  ASN B OD1 1 
ATOM   1380 N ND2 . ASN B 1 83 ? -14.643 0.801   0.406   1.00 22.26 ? 83  ASN B ND2 1 
ATOM   1381 N N   . ILE B 1 84 ? -9.149  0.540   2.186   1.00 20.82 ? 84  ILE B N   1 
ATOM   1382 C CA  . ILE B 1 84 ? -7.943  -0.251  2.337   1.00 17.97 ? 84  ILE B CA  1 
ATOM   1383 C C   . ILE B 1 84 ? -7.892  -1.002  3.651   1.00 20.99 ? 84  ILE B C   1 
ATOM   1384 O O   . ILE B 1 84 ? -8.248  -0.482  4.707   1.00 17.48 ? 84  ILE B O   1 
ATOM   1385 C CB  . ILE B 1 84 ? -6.658  0.632   2.230   1.00 24.03 ? 84  ILE B CB  1 
ATOM   1386 C CG1 . ILE B 1 84 ? -6.594  1.613   3.396   1.00 24.61 ? 84  ILE B CG1 1 
ATOM   1387 C CG2 . ILE B 1 84 ? -6.644  1.395   0.900   1.00 22.49 ? 84  ILE B CG2 1 
ATOM   1388 C CD1 . ILE B 1 84 ? -5.436  2.608   3.303   1.00 31.23 ? 84  ILE B CD1 1 
ATOM   1389 N N   . ILE B 1 85 ? -7.459  -2.250  3.571   1.00 17.78 ? 85  ILE B N   1 
ATOM   1390 C CA  . ILE B 1 85 ? -7.306  -3.073  4.748   1.00 17.43 ? 85  ILE B CA  1 
ATOM   1391 C C   . ILE B 1 85 ? -5.808  -3.012  5.009   1.00 19.02 ? 85  ILE B C   1 
ATOM   1392 O O   . ILE B 1 85 ? -5.018  -3.449  4.171   1.00 18.94 ? 85  ILE B O   1 
ATOM   1393 C CB  . ILE B 1 85 ? -7.707  -4.526  4.473   1.00 16.95 ? 85  ILE B CB  1 
ATOM   1394 C CG1 . ILE B 1 85 ? -9.171  -4.585  4.024   1.00 18.37 ? 85  ILE B CG1 1 
ATOM   1395 C CG2 . ILE B 1 85 ? -7.426  -5.384  5.703   1.00 13.84 ? 85  ILE B CG2 1 
ATOM   1396 C CD1 . ILE B 1 85 ? -10.162 -3.968  4.993   1.00 20.06 ? 85  ILE B CD1 1 
ATOM   1397 N N   . GLY B 1 86 ? -5.424  -2.470  6.161   1.00 17.91 ? 86  GLY B N   1 
ATOM   1398 C CA  . GLY B 1 86 ? -4.016  -2.352  6.494   1.00 17.66 ? 86  GLY B CA  1 
ATOM   1399 C C   . GLY B 1 86 ? -3.473  -3.502  7.320   1.00 17.75 ? 86  GLY B C   1 
ATOM   1400 O O   . GLY B 1 86 ? -4.175  -4.471  7.584   1.00 15.59 ? 86  GLY B O   1 
ATOM   1401 N N   . ARG B 1 87 ? -2.218  -3.376  7.741   1.00 15.62 ? 87  ARG B N   1 
ATOM   1402 C CA  . ARG B 1 87 ? -1.548  -4.413  8.525   1.00 16.31 ? 87  ARG B CA  1 
ATOM   1403 C C   . ARG B 1 87 ? -2.181  -4.732  9.872   1.00 17.19 ? 87  ARG B C   1 
ATOM   1404 O O   . ARG B 1 87 ? -2.037  -5.848  10.366  1.00 16.25 ? 87  ARG B O   1 
ATOM   1405 C CB  . ARG B 1 87 ? -0.071  -4.045  8.742   1.00 13.98 ? 87  ARG B CB  1 
ATOM   1406 C CG  . ARG B 1 87 ? 0.740   -3.951  7.446   1.00 14.34 ? 87  ARG B CG  1 
ATOM   1407 C CD  . ARG B 1 87 ? 2.238   -3.750  7.708   1.00 16.79 ? 87  ARG B CD  1 
ATOM   1408 N NE  . ARG B 1 87 ? 2.525   -2.498  8.412   1.00 16.17 ? 87  ARG B NE  1 
ATOM   1409 C CZ  . ARG B 1 87 ? 2.784   -2.400  9.715   1.00 19.38 ? 87  ARG B CZ  1 
ATOM   1410 N NH1 . ARG B 1 87 ? 2.805   -3.483  10.489  1.00 14.27 ? 87  ARG B NH1 1 
ATOM   1411 N NH2 . ARG B 1 87 ? 3.012   -1.209  10.250  1.00 17.33 ? 87  ARG B NH2 1 
ATOM   1412 N N   . ASN B 1 88 ? -2.870  -3.771  10.479  1.00 16.48 ? 88  ASN B N   1 
ATOM   1413 C CA  . ASN B 1 88 ? -3.479  -4.039  11.778  1.00 16.74 ? 88  ASN B CA  1 
ATOM   1414 C C   . ASN B 1 88 ? -4.482  -5.188  11.682  1.00 16.56 ? 88  ASN B C   1 
ATOM   1415 O O   . ASN B 1 88 ? -4.610  -5.976  12.618  1.00 20.15 ? 88  ASN B O   1 
ATOM   1416 C CB  . ASN B 1 88 ? -4.147  -2.775  12.351  1.00 16.81 ? 88  ASN B CB  1 
ATOM   1417 C CG  . ASN B 1 88 ? -5.396  -2.377  11.602  1.00 15.54 ? 88  ASN B CG  1 
ATOM   1418 O OD1 . ASN B 1 88 ? -5.383  -2.254  10.384  1.00 18.67 ? 88  ASN B OD1 1 
ATOM   1419 N ND2 . ASN B 1 88 ? -6.485  -2.166  12.333  1.00 16.89 ? 88  ASN B ND2 1 
ATOM   1420 N N   . LEU B 1 89 ? -5.178  -5.301  10.551  1.00 14.87 ? 89  LEU B N   1 
ATOM   1421 C CA  . LEU B 1 89 ? -6.151  -6.383  10.376  1.00 14.84 ? 89  LEU B CA  1 
ATOM   1422 C C   . LEU B 1 89 ? -5.590  -7.552  9.558   1.00 15.39 ? 89  LEU B C   1 
ATOM   1423 O O   . LEU B 1 89 ? -6.030  -8.690  9.709   1.00 17.74 ? 89  LEU B O   1 
ATOM   1424 C CB  . LEU B 1 89 ? -7.430  -5.865  9.716   1.00 14.94 ? 89  LEU B CB  1 
ATOM   1425 C CG  . LEU B 1 89 ? -8.195  -4.787  10.478  1.00 17.26 ? 89  LEU B CG  1 
ATOM   1426 C CD1 . LEU B 1 89 ? -9.512  -4.477  9.763   1.00 20.26 ? 89  LEU B CD1 1 
ATOM   1427 C CD2 . LEU B 1 89 ? -8.455  -5.267  11.905  1.00 19.56 ? 89  LEU B CD2 1 
ATOM   1428 N N   . LEU B 1 90 ? -4.621  -7.276  8.692   1.00 17.17 ? 90  LEU B N   1 
ATOM   1429 C CA  . LEU B 1 90 ? -4.025  -8.340  7.890   1.00 17.84 ? 90  LEU B CA  1 
ATOM   1430 C C   . LEU B 1 90 ? -3.342  -9.352  8.798   1.00 16.80 ? 90  LEU B C   1 
ATOM   1431 O O   . LEU B 1 90 ? -3.377  -10.553 8.533   1.00 18.79 ? 90  LEU B O   1 
ATOM   1432 C CB  . LEU B 1 90 ? -3.015  -7.768  6.889   1.00 14.01 ? 90  LEU B CB  1 
ATOM   1433 C CG  . LEU B 1 90 ? -3.587  -6.933  5.741   1.00 17.45 ? 90  LEU B CG  1 
ATOM   1434 C CD1 . LEU B 1 90 ? -2.440  -6.438  4.858   1.00 13.93 ? 90  LEU B CD1 1 
ATOM   1435 C CD2 . LEU B 1 90 ? -4.554  -7.767  4.922   1.00 18.15 ? 90  LEU B CD2 1 
ATOM   1436 N N   . THR B 1 91 ? -2.729  -8.867  9.874   1.00 17.38 ? 91  THR B N   1 
ATOM   1437 C CA  . THR B 1 91 ? -2.059  -9.748  10.819  1.00 17.48 ? 91  THR B CA  1 
ATOM   1438 C C   . THR B 1 91 ? -3.075  -10.633 11.543  1.00 17.09 ? 91  THR B C   1 
ATOM   1439 O O   . THR B 1 91 ? -2.798  -11.783 11.847  1.00 19.81 ? 91  THR B O   1 
ATOM   1440 C CB  . THR B 1 91 ? -1.250  -8.947  11.881  1.00 19.35 ? 91  THR B CB  1 
ATOM   1441 O OG1 . THR B 1 91 ? -2.094  -7.963  12.488  1.00 22.39 ? 91  THR B OG1 1 
ATOM   1442 C CG2 . THR B 1 91 ? -0.053  -8.260  11.247  1.00 21.54 ? 91  THR B CG2 1 
ATOM   1443 N N   . GLN B 1 92 ? -4.259  -10.101 11.819  1.00 16.11 ? 92  GLN B N   1 
ATOM   1444 C CA  . GLN B 1 92 ? -5.271  -10.884 12.518  1.00 17.52 ? 92  GLN B CA  1 
ATOM   1445 C C   . GLN B 1 92 ? -5.776  -12.083 11.716  1.00 20.71 ? 92  GLN B C   1 
ATOM   1446 O O   . GLN B 1 92 ? -6.133  -13.112 12.296  1.00 21.78 ? 92  GLN B O   1 
ATOM   1447 C CB  . GLN B 1 92 ? -6.451  -9.999  12.913  1.00 18.40 ? 92  GLN B CB  1 
ATOM   1448 C CG  . GLN B 1 92 ? -6.123  -9.001  14.018  1.00 19.61 ? 92  GLN B CG  1 
ATOM   1449 C CD  . GLN B 1 92 ? -7.369  -8.397  14.612  1.00 18.82 ? 92  GLN B CD  1 
ATOM   1450 O OE1 . GLN B 1 92 ? -8.430  -9.019  14.606  1.00 22.77 ? 92  GLN B OE1 1 
ATOM   1451 N NE2 . GLN B 1 92 ? -7.250  -7.188  15.142  1.00 21.79 ? 92  GLN B NE2 1 
ATOM   1452 N N   . ILE B 1 93 ? -5.813  -11.959 10.392  1.00 19.99 ? 93  ILE B N   1 
ATOM   1453 C CA  . ILE B 1 93 ? -6.283  -13.071 9.566   1.00 21.76 ? 93  ILE B CA  1 
ATOM   1454 C C   . ILE B 1 93 ? -5.128  -13.926 9.053   1.00 22.13 ? 93  ILE B C   1 
ATOM   1455 O O   . ILE B 1 93 ? -5.314  -14.758 8.166   1.00 23.29 ? 93  ILE B O   1 
ATOM   1456 C CB  . ILE B 1 93 ? -7.116  -12.584 8.365   1.00 19.75 ? 93  ILE B CB  1 
ATOM   1457 C CG1 . ILE B 1 93 ? -6.246  -11.740 7.435   1.00 20.10 ? 93  ILE B CG1 1 
ATOM   1458 C CG2 . ILE B 1 93 ? -8.325  -11.785 8.857   1.00 23.32 ? 93  ILE B CG2 1 
ATOM   1459 C CD1 . ILE B 1 93 ? -6.951  -11.314 6.168   1.00 20.18 ? 93  ILE B CD1 1 
ATOM   1460 N N   . GLY B 1 94 ? -3.940  -13.701 9.611   1.00 20.31 ? 94  GLY B N   1 
ATOM   1461 C CA  . GLY B 1 94 ? -2.760  -14.471 9.244   1.00 21.67 ? 94  GLY B CA  1 
ATOM   1462 C C   . GLY B 1 94 ? -2.225  -14.301 7.833   1.00 23.69 ? 94  GLY B C   1 
ATOM   1463 O O   . GLY B 1 94 ? -1.681  -15.241 7.250   1.00 21.40 ? 94  GLY B O   1 
ATOM   1464 N N   . CYS B 1 95 ? -2.354  -13.100 7.283   1.00 21.21 ? 95  CYS B N   1 
ATOM   1465 C CA  . CYS B 1 95 ? -1.884  -12.835 5.929   1.00 22.23 ? 95  CYS B CA  1 
ATOM   1466 C C   . CYS B 1 95 ? -0.375  -12.566 5.878   1.00 23.67 ? 95  CYS B C   1 
ATOM   1467 O O   . CYS B 1 95 ? 0.178   -11.887 6.755   1.00 19.47 ? 95  CYS B O   1 
ATOM   1468 C CB  . CYS B 1 95 ? -2.658  -11.644 5.349   1.00 22.57 ? 95  CYS B CB  1 
ATOM   1469 S SG  . CYS B 1 95 ? -2.190  -11.179 3.677   1.00 26.98 ? 95  CYS B SG  1 
ATOM   1470 N N   . THR B 1 96 ? 0.291   -13.118 4.860   1.00 20.95 ? 96  THR B N   1 
ATOM   1471 C CA  . THR B 1 96 ? 1.726   -12.920 4.676   1.00 21.53 ? 96  THR B CA  1 
ATOM   1472 C C   . THR B 1 96 ? 2.067   -12.705 3.202   1.00 21.10 ? 96  THR B C   1 
ATOM   1473 O O   . THR B 1 96 ? 1.278   -13.033 2.320   1.00 22.26 ? 96  THR B O   1 
ATOM   1474 C CB  . THR B 1 96 ? 2.551   -14.141 5.158   1.00 23.26 ? 96  THR B CB  1 
ATOM   1475 O OG1 . THR B 1 96 ? 2.210   -15.288 4.366   1.00 24.07 ? 96  THR B OG1 1 
ATOM   1476 C CG2 . THR B 1 96 ? 2.280   -14.432 6.630   1.00 24.70 ? 96  THR B CG2 1 
ATOM   1477 N N   . LEU B 1 97 ? 3.241   -12.135 2.949   1.00 21.52 ? 97  LEU B N   1 
ATOM   1478 C CA  . LEU B 1 97 ? 3.720   -11.918 1.589   1.00 26.00 ? 97  LEU B CA  1 
ATOM   1479 C C   . LEU B 1 97 ? 4.671   -13.075 1.299   1.00 26.83 ? 97  LEU B C   1 
ATOM   1480 O O   . LEU B 1 97 ? 5.493   -13.431 2.146   1.00 29.40 ? 97  LEU B O   1 
ATOM   1481 C CB  . LEU B 1 97 ? 4.486   -10.593 1.476   1.00 26.81 ? 97  LEU B CB  1 
ATOM   1482 C CG  . LEU B 1 97 ? 3.691   -9.295  1.293   1.00 29.66 ? 97  LEU B CG  1 
ATOM   1483 C CD1 . LEU B 1 97 ? 4.632   -8.099  1.391   1.00 30.09 ? 97  LEU B CD1 1 
ATOM   1484 C CD2 . LEU B 1 97 ? 2.988   -9.307  -0.057  1.00 28.85 ? 97  LEU B CD2 1 
ATOM   1485 N N   . ASN B 1 98 ? 4.566   -13.659 0.110   1.00 27.82 ? 98  ASN B N   1 
ATOM   1486 C CA  . ASN B 1 98 ? 5.421   -14.787 -0.251  1.00 28.86 ? 98  ASN B CA  1 
ATOM   1487 C C   . ASN B 1 98 ? 5.957   -14.689 -1.680  1.00 30.23 ? 98  ASN B C   1 
ATOM   1488 O O   . ASN B 1 98 ? 5.243   -14.277 -2.589  1.00 28.49 ? 98  ASN B O   1 
ATOM   1489 C CB  . ASN B 1 98 ? 4.625   -16.092 -0.121  1.00 32.52 ? 98  ASN B CB  1 
ATOM   1490 C CG  . ASN B 1 98 ? 4.156   -16.358 1.298   1.00 33.00 ? 98  ASN B CG  1 
ATOM   1491 O OD1 . ASN B 1 98 ? 4.911   -16.863 2.125   1.00 36.24 ? 98  ASN B OD1 1 
ATOM   1492 N ND2 . ASN B 1 98 ? 2.909   -16.012 1.585   1.00 35.20 ? 98  ASN B ND2 1 
ATOM   1493 N N   . PHE B 1 99 ? 7.215   -15.076 -1.866  1.00 30.78 ? 99  PHE B N   1 
ATOM   1494 C CA  . PHE B 1 99 ? 7.841   -15.089 -3.187  1.00 34.29 ? 99  PHE B CA  1 
ATOM   1495 C C   . PHE B 1 99 ? 9.147   -15.883 -3.161  1.00 35.23 ? 99  PHE B C   1 
ATOM   1496 O O   . PHE B 1 99 ? 9.459   -16.459 -2.096  1.00 35.56 ? 99  PHE B O   1 
ATOM   1497 C CB  . PHE B 1 99 ? 8.106   -13.671 -3.704  1.00 33.22 ? 99  PHE B CB  1 
ATOM   1498 C CG  . PHE B 1 99 ? 9.053   -12.869 -2.856  1.00 34.65 ? 99  PHE B CG  1 
ATOM   1499 C CD1 . PHE B 1 99 ? 8.631   -12.312 -1.653  1.00 36.35 ? 99  PHE B CD1 1 
ATOM   1500 C CD2 . PHE B 1 99 ? 10.363  -12.659 -3.267  1.00 34.22 ? 99  PHE B CD2 1 
ATOM   1501 C CE1 . PHE B 1 99 ? 9.499   -11.545 -0.875  1.00 36.48 ? 99  PHE B CE1 1 
ATOM   1502 C CE2 . PHE B 1 99 ? 11.238  -11.897 -2.501  1.00 37.41 ? 99  PHE B CE2 1 
ATOM   1503 C CZ  . PHE B 1 99 ? 10.805  -11.340 -1.299  1.00 37.66 ? 99  PHE B CZ  1 
ATOM   1504 O OXT . PHE B 1 99 ? 9.834   -15.925 -4.202  1.00 37.28 ? 99  PHE B OXT 1 
ATOM   1505 N N   . LYS C 2 1  ? -5.734  6.844   -13.541 1.00 47.69 ? 1   LYS P N   1 
ATOM   1506 C CA  . LYS C 2 1  ? -4.610  7.445   -12.783 1.00 45.13 ? 1   LYS P CA  1 
ATOM   1507 C C   . LYS C 2 1  ? -4.205  6.380   -11.794 1.00 45.26 ? 1   LYS P C   1 
ATOM   1508 O O   . LYS C 2 1  ? -5.048  5.677   -11.248 1.00 44.04 ? 1   LYS P O   1 
ATOM   1509 C CB  . LYS C 2 1  ? -5.056  8.724   -12.055 1.00 46.11 ? 1   LYS P CB  1 
ATOM   1510 N N   . ALA C 2 2  ? -2.909  6.228   -11.593 1.00 41.25 ? 2   ALA P N   1 
ATOM   1511 C CA  . ALA C 2 2  ? -2.443  5.203   -10.683 1.00 38.87 ? 2   ALA P CA  1 
ATOM   1512 C C   . ALA C 2 2  ? -2.472  5.646   -9.222  1.00 37.54 ? 2   ALA P C   1 
ATOM   1513 O O   . ALA C 2 2  ? -2.370  6.844   -8.917  1.00 32.89 ? 2   ALA P O   1 
ATOM   1514 C CB  . ALA C 2 2  ? -1.062  4.760   -11.080 1.00 38.18 ? 2   ALA P CB  1 
ATOM   1515 N N   . ARG C 2 3  ? -2.597  4.665   -8.326  1.00 34.55 ? 3   ARG P N   1 
ATOM   1516 C CA  . ARG C 2 3  ? -2.668  4.917   -6.887  1.00 31.79 ? 3   ARG P CA  1 
ATOM   1517 C C   . ARG C 2 3  ? -1.535  4.225   -6.140  1.00 29.14 ? 3   ARG P C   1 
ATOM   1518 O O   . ARG C 2 3  ? -1.272  3.036   -6.338  1.00 25.99 ? 3   ARG P O   1 
ATOM   1519 C CB  . ARG C 2 3  ? -4.010  4.420   -6.321  1.00 33.35 ? 3   ARG P CB  1 
ATOM   1520 C CG  . ARG C 2 3  ? -5.268  5.114   -6.858  1.00 36.53 ? 3   ARG P CG  1 
ATOM   1521 C CD  . ARG C 2 3  ? -5.414  6.548   -6.360  1.00 39.49 ? 3   ARG P CD  1 
ATOM   1522 N NE  . ARG C 2 3  ? -6.496  7.252   -7.050  1.00 39.90 ? 3   ARG P NE  1 
ATOM   1523 C CZ  . ARG C 2 3  ? -6.369  7.899   -8.206  1.00 43.42 ? 3   ARG P CZ  1 
ATOM   1524 N NH1 . ARG C 2 3  ? -5.194  7.947   -8.823  1.00 41.40 ? 3   ARG P NH1 1 
ATOM   1525 N NH2 . ARG C 2 3  ? -7.427  8.488   -8.755  1.00 44.08 ? 3   ARG P NH2 1 
ATOM   1526 N N   . VAL C 2 4  ? -0.874  4.990   -5.282  1.00 25.51 ? 4   VAL P N   1 
ATOM   1527 C CA  . VAL C 2 4  ? 0.208   4.490   -4.447  1.00 25.22 ? 4   VAL P CA  1 
ATOM   1528 C C   . VAL C 2 4  ? -0.278  4.806   -3.034  1.00 26.26 ? 4   VAL P C   1 
ATOM   1529 O O   . VAL C 2 4  ? -0.031  5.891   -2.494  1.00 26.88 ? 4   VAL P O   1 
ATOM   1530 C CB  . VAL C 2 4  ? 1.522   5.223   -4.742  1.00 22.81 ? 4   VAL P CB  1 
ATOM   1531 C CG1 . VAL C 2 4  ? 2.608   4.719   -3.822  1.00 25.93 ? 4   VAL P CG1 1 
ATOM   1532 C CG2 . VAL C 2 4  ? 1.914   5.012   -6.197  1.00 24.59 ? 4   VAL P CG2 1 
ATOM   1533 N N   . LEU C 2 5  ? -0.982  3.843   -2.446  1.00 23.98 ? 5   LEU P N   1 
ATOM   1534 C CA  . LEU C 2 5  ? -1.579  4.019   -1.128  1.00 24.11 ? 5   LEU P CA  1 
ATOM   1535 C C   . LEU C 2 5  ? -0.770  3.680   0.127   1.00 24.37 ? 5   LEU P C   1 
ATOM   1536 O O   . LEU C 2 5  ? -1.235  2.936   0.993   1.00 22.32 ? 5   LEU P O   1 
ATOM   1537 C CB  . LEU C 2 5  ? -2.919  3.283   -1.098  1.00 23.28 ? 5   LEU P CB  1 
ATOM   1538 C CG  . LEU C 2 5  ? -3.816  3.664   -2.285  1.00 28.05 ? 5   LEU P CG  1 
ATOM   1539 C CD1 . LEU C 2 5  ? -4.984  2.709   -2.390  1.00 28.66 ? 5   LEU P CD1 1 
ATOM   1540 C CD2 . LEU C 2 5  ? -4.296  5.105   -2.137  1.00 29.34 ? 5   LEU P CD2 1 
ATOM   1541 N N   . ALA C 2 6  ? 0.439   4.222   0.231   1.00 23.77 ? 6   ALA P N   1 
ATOM   1542 C CA  . ALA C 2 6  ? 1.235   4.006   1.432   1.00 24.38 ? 6   ALA P CA  1 
ATOM   1543 C C   . ALA C 2 6  ? 0.478   4.808   2.490   1.00 24.68 ? 6   ALA P C   1 
ATOM   1544 O O   . ALA C 2 6  ? -0.109  5.846   2.175   1.00 23.90 ? 6   ALA P O   1 
ATOM   1545 C CB  . ALA C 2 6  ? 2.637   4.563   1.256   1.00 23.63 ? 6   ALA P CB  1 
ATOM   1546 N N   . GLU C 2 7  ? 0.487   4.344   3.734   1.00 23.75 ? 7   GLU P N   1 
ATOM   1547 C CA  . GLU C 2 7  ? -0.233  5.053   4.791   1.00 22.39 ? 7   GLU P CA  1 
ATOM   1548 C C   . GLU C 2 7  ? 0.361   4.791   6.162   1.00 24.36 ? 7   GLU P C   1 
ATOM   1549 O O   . GLU C 2 7  ? 0.806   3.683   6.458   1.00 24.91 ? 7   GLU P O   1 
ATOM   1550 C CB  . GLU C 2 7  ? -1.710  4.638   4.788   1.00 20.44 ? 7   GLU P CB  1 
ATOM   1551 C CG  . GLU C 2 7  ? -2.561  5.275   5.888   1.00 20.26 ? 7   GLU P CG  1 
ATOM   1552 C CD  . GLU C 2 7  ? -2.437  4.562   7.227   1.00 22.19 ? 7   GLU P CD  1 
ATOM   1553 O OE1 . GLU C 2 7  ? -2.839  5.148   8.254   1.00 25.79 ? 7   GLU P OE1 1 
ATOM   1554 O OE2 . GLU C 2 7  ? -1.951  3.411   7.257   1.00 23.78 ? 7   GLU P OE2 1 
ATOM   1555 N N   . ALA C 2 8  ? 0.355   5.820   6.999   1.00 26.49 ? 8   ALA P N   1 
ATOM   1556 C CA  . ALA C 2 8  ? 0.872   5.716   8.356   1.00 27.74 ? 8   ALA P CA  1 
ATOM   1557 C C   . ALA C 2 8  ? 0.161   6.765   9.203   1.00 32.11 ? 8   ALA P C   1 
ATOM   1558 O O   . ALA C 2 8  ? -0.231  7.818   8.695   1.00 30.44 ? 8   ALA P O   1 
ATOM   1559 C CB  . ALA C 2 8  ? 2.375   5.955   8.365   1.00 29.43 ? 8   ALA P CB  1 
ATOM   1560 N N   . MET C 2 9  ? -0.022  6.483   10.488  1.00 35.53 ? 9   MET P N   1 
ATOM   1561 C CA  . MET C 2 9  ? -0.700  7.441   11.346  1.00 40.05 ? 9   MET P CA  1 
ATOM   1562 C C   . MET C 2 9  ? 0.296   8.464   11.878  1.00 41.75 ? 9   MET P C   1 
ATOM   1563 O O   . MET C 2 9  ? 1.516   8.244   11.711  1.00 41.36 ? 9   MET P O   1 
ATOM   1564 C CB  . MET C 2 9  ? -1.401  6.719   12.501  1.00 42.41 ? 9   MET P CB  1 
ATOM   1565 C CG  . MET C 2 9  ? -2.382  7.590   13.261  1.00 45.98 ? 9   MET P CG  1 
ATOM   1566 S SD  . MET C 2 9  ? -3.523  6.629   14.272  1.00 52.72 ? 9   MET P SD  1 
ATOM   1567 C CE  . MET C 2 9  ? -2.746  6.762   15.891  1.00 52.68 ? 9   MET P CE  1 
HETATM 1568 C C   . ACT D 3 .  ? 7.363   -0.921  11.819  1.00 66.66 ? 504 ACT A C   1 
HETATM 1569 O O   . ACT D 3 .  ? 8.634   -0.812  11.163  1.00 66.11 ? 504 ACT A O   1 
HETATM 1570 O OXT . ACT D 3 .  ? 6.399   -0.088  11.424  1.00 68.34 ? 504 ACT A OXT 1 
HETATM 1571 C CH3 . ACT D 3 .  ? 7.224   -1.697  13.115  1.00 66.93 ? 504 ACT A CH3 1 
HETATM 1572 C C   . ACT E 3 .  ? 6.596   -1.935  -15.676 1.00 60.75 ? 506 ACT A C   1 
HETATM 1573 O O   . ACT E 3 .  ? 5.199   -2.204  -15.842 1.00 63.64 ? 506 ACT A O   1 
HETATM 1574 O OXT . ACT E 3 .  ? 7.337   -1.965  -16.782 1.00 64.37 ? 506 ACT A OXT 1 
HETATM 1575 C CH3 . ACT E 3 .  ? 7.242   -2.007  -14.308 1.00 61.07 ? 506 ACT A CH3 1 
HETATM 1576 C C   . ACT F 3 .  ? -11.509 -17.168 10.797  1.00 60.49 ? 501 ACT B C   1 
HETATM 1577 O O   . ACT F 3 .  ? -10.876 -18.002 9.819   1.00 61.67 ? 501 ACT B O   1 
HETATM 1578 O OXT . ACT F 3 .  ? -11.965 -15.987 10.378  1.00 61.36 ? 501 ACT B OXT 1 
HETATM 1579 C CH3 . ACT F 3 .  ? -11.941 -17.735 12.137  1.00 61.84 ? 501 ACT B CH3 1 
HETATM 1580 C C   . ACT G 3 .  ? -10.065 -19.472 2.650   1.00 69.01 ? 502 ACT B C   1 
HETATM 1581 O O   . ACT G 3 .  ? -9.265  -19.593 1.465   1.00 69.39 ? 502 ACT B O   1 
HETATM 1582 O OXT . ACT G 3 .  ? -10.773 -18.349 2.788   1.00 68.42 ? 502 ACT B OXT 1 
HETATM 1583 C CH3 . ACT G 3 .  ? -9.840  -20.401 3.831   1.00 68.69 ? 502 ACT B CH3 1 
HETATM 1584 C C   . ACT H 3 .  ? -8.003  -3.685  21.027  1.00 62.06 ? 507 ACT B C   1 
HETATM 1585 O O   . ACT H 3 .  ? -9.007  -4.689  20.826  1.00 62.74 ? 507 ACT B O   1 
HETATM 1586 O OXT . ACT H 3 .  ? -6.909  -4.062  21.689  1.00 63.65 ? 507 ACT B OXT 1 
HETATM 1587 C CH3 . ACT H 3 .  ? -8.349  -2.216  20.885  1.00 63.14 ? 507 ACT B CH3 1 
HETATM 1588 C C   . ACT I 3 .  ? -21.995 -8.391  12.525  1.00 61.21 ? 508 ACT B C   1 
HETATM 1589 O O   . ACT I 3 .  ? -20.897 -9.022  13.201  1.00 61.44 ? 508 ACT B O   1 
HETATM 1590 O OXT . ACT I 3 .  ? -21.784 -7.147  12.090  1.00 59.52 ? 508 ACT B OXT 1 
HETATM 1591 C CH3 . ACT I 3 .  ? -23.154 -9.221  11.985  1.00 59.67 ? 508 ACT B CH3 1 
HETATM 1592 O O   . HOH J 4 .  ? -2.640  -2.043  -5.908  1.00 18.86 ? 507 HOH A O   1 
HETATM 1593 O O   . HOH J 4 .  ? -7.619  11.910  0.426   1.00 30.26 ? 508 HOH A O   1 
HETATM 1594 O O   . HOH J 4 .  ? 6.204   2.151   -11.689 1.00 28.04 ? 509 HOH A O   1 
HETATM 1595 O O   . HOH J 4 .  ? 6.862   -8.754  10.845  1.00 30.42 ? 510 HOH A O   1 
HETATM 1596 O O   . HOH J 4 .  ? 4.448   17.386  -6.316  1.00 33.95 ? 511 HOH A O   1 
HETATM 1597 O O   . HOH J 4 .  ? -3.878  16.727  -5.083  1.00 32.26 ? 512 HOH A O   1 
HETATM 1598 O O   . HOH J 4 .  ? 7.188   -7.204  7.983   1.00 28.94 ? 513 HOH A O   1 
HETATM 1599 O O   . HOH J 4 .  ? 21.537  10.144  -18.919 1.00 38.94 ? 514 HOH A O   1 
HETATM 1600 O O   . HOH J 4 .  ? 17.715  4.237   2.021   1.00 75.01 ? 515 HOH A O   1 
HETATM 1601 O O   . HOH J 4 .  ? 4.111   -16.678 -4.206  1.00 34.77 ? 516 HOH A O   1 
HETATM 1602 O O   . HOH J 4 .  ? 7.154   7.309   10.088  1.00 53.44 ? 517 HOH A O   1 
HETATM 1603 O O   . HOH J 4 .  ? 0.817   -2.235  -11.947 1.00 31.32 ? 518 HOH A O   1 
HETATM 1604 O O   . HOH J 4 .  ? 3.693   6.082   4.744   1.00 49.17 ? 519 HOH A O   1 
HETATM 1605 O O   . HOH J 4 .  ? 5.754   3.853   5.838   1.00 51.63 ? 520 HOH A O   1 
HETATM 1606 O O   . HOH J 4 .  ? 16.216  7.155   -0.725  1.00 46.78 ? 521 HOH A O   1 
HETATM 1607 O O   . HOH J 4 .  ? 12.708  4.095   2.147   1.00 46.34 ? 522 HOH A O   1 
HETATM 1608 O O   . HOH J 4 .  ? 6.795   -16.999 -6.628  1.00 39.23 ? 523 HOH A O   1 
HETATM 1609 O O   . HOH J 4 .  ? 3.486   4.972   -20.341 1.00 51.98 ? 524 HOH A O   1 
HETATM 1610 O O   . HOH J 4 .  ? 12.178  -13.980 5.886   1.00 51.73 ? 525 HOH A O   1 
HETATM 1611 O O   . HOH J 4 .  ? -7.373  -19.938 4.890   1.00 48.47 ? 526 HOH A O   1 
HETATM 1612 O O   . HOH J 4 .  ? 21.236  9.678   -6.922  1.00 43.75 ? 527 HOH A O   1 
HETATM 1613 O O   . HOH J 4 .  ? 1.966   -5.178  14.648  1.00 39.38 ? 528 HOH A O   1 
HETATM 1614 O O   . HOH J 4 .  ? 9.782   -0.325  -18.097 1.00 38.44 ? 529 HOH A O   1 
HETATM 1615 O O   . HOH J 4 .  ? 13.861  5.975   -19.208 1.00 51.72 ? 530 HOH A O   1 
HETATM 1616 O O   . HOH J 4 .  ? 21.445  12.162  -20.246 1.00 55.97 ? 531 HOH A O   1 
HETATM 1617 O O   . HOH J 4 .  ? 20.255  -8.538  -1.025  1.00 48.17 ? 532 HOH A O   1 
HETATM 1618 O O   . HOH J 4 .  ? 5.528   -18.786 -3.372  1.00 38.71 ? 533 HOH A O   1 
HETATM 1619 O O   . HOH J 4 .  ? 4.179   0.885   -12.767 1.00 57.26 ? 534 HOH A O   1 
HETATM 1620 O O   . HOH J 4 .  ? 3.847   12.636  -19.642 1.00 49.01 ? 535 HOH A O   1 
HETATM 1621 O O   . HOH J 4 .  ? 17.308  6.584   -24.966 1.00 64.36 ? 536 HOH A O   1 
HETATM 1622 O O   . HOH J 4 .  ? -3.788  -20.201 1.945   1.00 49.18 ? 537 HOH A O   1 
HETATM 1623 O O   . HOH J 4 .  ? 10.142  -2.710  9.455   1.00 43.09 ? 538 HOH A O   1 
HETATM 1624 O O   . HOH J 4 .  ? 11.601  -5.873  7.313   1.00 43.63 ? 539 HOH A O   1 
HETATM 1625 O O   . HOH J 4 .  ? -1.316  -19.293 2.601   1.00 57.23 ? 540 HOH A O   1 
HETATM 1626 O O   . HOH J 4 .  ? 5.660   1.422   -23.162 1.00 50.96 ? 541 HOH A O   1 
HETATM 1627 O O   . HOH J 4 .  ? 5.743   6.399   6.381   1.00 57.78 ? 542 HOH A O   1 
HETATM 1628 O O   . HOH K 4 .  ? 3.175   1.793   6.016   1.00 19.55 ? 509 HOH B O   1 
HETATM 1629 O O   . HOH K 4 .  ? -6.881  1.040   11.628  1.00 15.92 ? 510 HOH B O   1 
HETATM 1630 O O   . HOH K 4 .  ? 3.159   -1.105  6.232   1.00 21.59 ? 511 HOH B O   1 
HETATM 1631 O O   . HOH K 4 .  ? 1.478   -11.304 9.058   1.00 29.91 ? 512 HOH B O   1 
HETATM 1632 O O   . HOH K 4 .  ? -3.269  0.552   -5.793  1.00 23.02 ? 513 HOH B O   1 
HETATM 1633 O O   . HOH K 4 .  ? -6.271  -3.833  -11.161 1.00 39.42 ? 514 HOH B O   1 
HETATM 1634 O O   . HOH K 4 .  ? -13.529 8.976   -0.508  1.00 30.09 ? 515 HOH B O   1 
HETATM 1635 O O   . HOH K 4 .  ? -14.855 3.337   18.895  1.00 34.55 ? 516 HOH B O   1 
HETATM 1636 O O   . HOH K 4 .  ? -19.102 -4.730  12.215  1.00 34.31 ? 517 HOH B O   1 
HETATM 1637 O O   . HOH K 4 .  ? 0.712   18.179  0.940   1.00 48.26 ? 518 HOH B O   1 
HETATM 1638 O O   . HOH K 4 .  ? -0.348  -1.674  12.314  1.00 36.11 ? 519 HOH B O   1 
HETATM 1639 O O   . HOH K 4 .  ? 1.705   -11.894 -8.343  1.00 38.20 ? 520 HOH B O   1 
HETATM 1640 O O   . HOH K 4 .  ? -4.882  -5.571  15.105  1.00 28.81 ? 521 HOH B O   1 
HETATM 1641 O O   . HOH K 4 .  ? -14.270 11.337  8.442   1.00 46.31 ? 522 HOH B O   1 
HETATM 1642 O O   . HOH K 4 .  ? -24.702 -2.681  -3.810  1.00 64.28 ? 523 HOH B O   1 
HETATM 1643 O O   . HOH K 4 .  ? -5.560  6.257   20.934  1.00 61.11 ? 524 HOH B O   1 
HETATM 1644 O O   . HOH K 4 .  ? -15.485 9.275   1.645   1.00 35.31 ? 525 HOH B O   1 
HETATM 1645 O O   . HOH K 4 .  ? -17.310 1.996   0.075   1.00 38.17 ? 526 HOH B O   1 
HETATM 1646 O O   . HOH K 4 .  ? -1.041  2.652   13.489  1.00 37.72 ? 527 HOH B O   1 
HETATM 1647 O O   . HOH K 4 .  ? -8.429  -21.323 0.007   1.00 57.43 ? 528 HOH B O   1 
HETATM 1648 O O   . HOH K 4 .  ? 0.193   -17.018 5.722   1.00 39.22 ? 529 HOH B O   1 
HETATM 1649 O O   . HOH K 4 .  ? -5.028  -9.274  -7.077  1.00 37.15 ? 530 HOH B O   1 
HETATM 1650 O O   . HOH K 4 .  ? -9.589  -1.375  18.310  1.00 40.79 ? 531 HOH B O   1 
HETATM 1651 O O   . HOH K 4 .  ? -8.665  15.941  5.863   1.00 34.61 ? 532 HOH B O   1 
HETATM 1652 O O   . HOH K 4 .  ? -5.499  -14.564 -7.466  1.00 43.71 ? 533 HOH B O   1 
HETATM 1653 O O   . HOH K 4 .  ? -24.941 -4.791  1.435   1.00 52.10 ? 534 HOH B O   1 
HETATM 1654 O O   . HOH K 4 .  ? -4.834  1.362   13.244  1.00 35.43 ? 535 HOH B O   1 
HETATM 1655 O O   . HOH K 4 .  ? -8.630  -3.398  -11.513 1.00 60.59 ? 536 HOH B O   1 
HETATM 1656 O O   . HOH K 4 .  ? -25.147 -10.329 5.318   1.00 59.67 ? 537 HOH B O   1 
HETATM 1657 O O   . HOH K 4 .  ? -12.214 13.940  7.277   1.00 43.75 ? 538 HOH B O   1 
HETATM 1658 O O   . HOH K 4 .  ? -16.411 -11.318 3.472   1.00 42.05 ? 539 HOH B O   1 
HETATM 1659 O O   . HOH K 4 .  ? -22.860 2.272   4.603   1.00 58.63 ? 540 HOH B O   1 
HETATM 1660 O O   . HOH K 4 .  ? -18.609 -8.325  10.312  1.00 48.15 ? 541 HOH B O   1 
HETATM 1661 O O   . HOH K 4 .  ? -11.822 5.658   19.049  1.00 58.48 ? 542 HOH B O   1 
HETATM 1662 O O   . HOH K 4 .  ? 4.624   13.077  -0.236  1.00 48.06 ? 543 HOH B O   1 
HETATM 1663 O O   . HOH K 4 .  ? -8.937  -14.555 12.325  1.00 45.39 ? 544 HOH B O   1 
HETATM 1664 O O   . HOH K 4 .  ? 4.743   11.454  5.867   1.00 47.46 ? 545 HOH B O   1 
HETATM 1665 O O   . HOH K 4 .  ? -10.030 -6.540  19.460  1.00 25.75 ? 546 HOH B O   1 
HETATM 1666 O O   . HOH K 4 .  ? -6.538  -21.680 1.575   1.00 65.57 ? 547 HOH B O   1 
HETATM 1667 O O   . HOH K 4 .  ? -6.365  -2.872  15.587  1.00 31.39 ? 548 HOH B O   1 
HETATM 1668 O O   . HOH K 4 .  ? -19.488 -1.486  -8.073  1.00 62.36 ? 549 HOH B O   1 
HETATM 1669 O O   . HOH K 4 .  ? -3.852  -10.816 -10.026 1.00 42.87 ? 550 HOH B O   1 
HETATM 1670 O O   . HOH K 4 .  ? -16.765 -13.453 4.568   1.00 69.28 ? 551 HOH B O   1 
HETATM 1671 O O   . HOH K 4 .  ? -24.582 -1.836  -10.712 1.00 52.67 ? 552 HOH B O   1 
HETATM 1672 O O   . HOH K 4 .  ? -16.915 11.600  18.302  1.00 57.26 ? 553 HOH B O   1 
HETATM 1673 O O   . HOH K 4 .  ? -12.784 1.935   -2.463  1.00 40.80 ? 554 HOH B O   1 
HETATM 1674 O O   . HOH K 4 .  ? -16.741 1.652   18.578  1.00 50.75 ? 555 HOH B O   1 
HETATM 1675 O O   . HOH K 4 .  ? -18.575 -2.686  -4.188  1.00 53.53 ? 556 HOH B O   1 
HETATM 1676 O O   . HOH K 4 .  ? -7.823  4.054   -10.280 1.00 47.90 ? 557 HOH B O   1 
HETATM 1677 O O   . HOH K 4 .  ? -17.983 12.009  20.785  1.00 51.52 ? 558 HOH B O   1 
HETATM 1678 O O   . HOH K 4 .  ? -6.035  -17.430 10.669  1.00 51.77 ? 559 HOH B O   1 
HETATM 1679 O O   . HOH K 4 .  ? -17.635 -0.427  -1.844  1.00 42.68 ? 560 HOH B O   1 
HETATM 1680 O O   . HOH K 4 .  ? 0.218   12.014  12.927  1.00 52.44 ? 561 HOH B O   1 
HETATM 1681 O O   . HOH K 4 .  ? -15.364 4.480   -1.187  1.00 48.78 ? 562 HOH B O   1 
HETATM 1682 O O   . HOH K 4 .  ? -20.970 -14.544 9.362   1.00 48.70 ? 563 HOH B O   1 
HETATM 1683 O O   . HOH L 4 .  ? -0.446  7.347   0.011   1.00 22.00 ? 11  HOH P O   1 
HETATM 1684 O O   . HOH L 4 .  ? -1.302  8.216   -12.372 1.00 69.02 ? 12  HOH P O   1 
HETATM 1685 O O   . HOH L 4 .  ? -9.386  6.517   -6.566  1.00 40.31 ? 13  HOH P O   1 
HETATM 1686 O O   . HOH L 4 .  ? 0.678   4.296   12.191  1.00 44.67 ? 14  HOH P O   1 
HETATM 1687 O O   . HOH L 4 .  ? -8.496  10.941  -10.055 1.00 43.98 ? 15  HOH P O   1 
# 
loop_
_pdbx_poly_seq_scheme.asym_id 
_pdbx_poly_seq_scheme.entity_id 
_pdbx_poly_seq_scheme.seq_id 
_pdbx_poly_seq_scheme.mon_id 
_pdbx_poly_seq_scheme.ndb_seq_num 
_pdbx_poly_seq_scheme.pdb_seq_num 
_pdbx_poly_seq_scheme.auth_seq_num 
_pdbx_poly_seq_scheme.pdb_mon_id 
_pdbx_poly_seq_scheme.auth_mon_id 
_pdbx_poly_seq_scheme.pdb_strand_id 
_pdbx_poly_seq_scheme.pdb_ins_code 
_pdbx_poly_seq_scheme.hetero 
A 1 1  PRO 1  1  1  PRO PRO A . n 
A 1 2  GLN 2  2  2  GLN GLN A . n 
A 1 3  ILE 3  3  3  ILE ILE A . n 
A 1 4  THR 4  4  4  THR THR A . n 
A 1 5  LEU 5  5  5  LEU LEU A . n 
A 1 6  TRP 6  6  6  TRP TRP A . n 
A 1 7  LYS 7  7  7  LYS ALA A . n 
A 1 8  ARG 8  8  8  ARG ARG A . n 
A 1 9  PRO 9  9  9  PRO PRO A . n 
A 1 10 LEU 10 10 10 LEU LEU A . n 
A 1 11 VAL 11 11 11 VAL VAL A . n 
A 1 12 THR 12 12 12 THR THR A . n 
A 1 13 ILE 13 13 13 ILE ILE A . n 
A 1 14 ARG 14 14 14 ARG ARG A . n 
A 1 15 ILE 15 15 15 ILE ILE A . n 
A 1 16 GLY 16 16 16 GLY GLY A . n 
A 1 17 GLY 17 17 17 GLY GLY A . n 
A 1 18 GLN 18 18 18 GLN GLN A . n 
A 1 19 LEU 19 19 19 LEU LEU A . n 
A 1 20 LYS 20 20 20 LYS LYS A . n 
A 1 21 GLU 21 21 21 GLU GLU A . n 
A 1 22 ALA 22 22 22 ALA ALA A . n 
A 1 23 LEU 23 23 23 LEU LEU A . n 
A 1 24 LEU 24 24 24 LEU LEU A . n 
A 1 25 ASN 25 25 25 ASN ASN A . n 
A 1 26 THR 26 26 26 THR THR A . n 
A 1 27 GLY 27 27 27 GLY GLY A . n 
A 1 28 ALA 28 28 28 ALA ALA A . n 
A 1 29 ASP 29 29 29 ASP ASP A . n 
A 1 30 ASP 30 30 30 ASP ASP A . n 
A 1 31 THR 31 31 31 THR THR A . n 
A 1 32 VAL 32 32 32 VAL VAL A . n 
A 1 33 LEU 33 33 33 LEU LEU A . n 
A 1 34 GLU 34 34 34 GLU GLU A . n 
A 1 35 GLU 35 35 35 GLU GLU A . n 
A 1 36 MET 36 36 36 MET MET A . n 
A 1 37 ASN 37 37 37 ASN ASN A . n 
A 1 38 LEU 38 38 38 LEU LEU A . n 
A 1 39 PRO 39 39 39 PRO PRO A . n 
A 1 40 GLY 40 40 40 GLY GLY A . n 
A 1 41 LYS 41 41 41 LYS ALA A . n 
A 1 42 TRP 42 42 42 TRP TRP A . n 
A 1 43 LYS 43 43 43 LYS ALA A . n 
A 1 44 PRO 44 44 44 PRO PRO A . n 
A 1 45 LYS 45 45 45 LYS LYS A . n 
A 1 46 MET 46 46 46 MET MET A . n 
A 1 47 ILE 47 47 47 ILE ILE A . n 
A 1 48 GLY 48 48 48 GLY GLY A . n 
A 1 49 GLY 49 49 49 GLY GLY A . n 
A 1 50 ILE 50 50 50 ILE ILE A . n 
A 1 51 GLY 51 51 51 GLY GLY A . n 
A 1 52 GLY 52 52 52 GLY GLY A . n 
A 1 53 PHE 53 53 53 PHE PHE A . n 
A 1 54 ILE 54 54 54 ILE ILE A . n 
A 1 55 LYS 55 55 55 LYS LYS A . n 
A 1 56 VAL 56 56 56 VAL VAL A . n 
A 1 57 ARG 57 57 57 ARG ARG A . n 
A 1 58 GLN 58 58 58 GLN GLN A . n 
A 1 59 TYR 59 59 59 TYR TYR A . n 
A 1 60 ASP 60 60 60 ASP ASP A . n 
A 1 61 GLN 61 61 61 GLN GLN A . n 
A 1 62 ILE 62 62 62 ILE ILE A . n 
A 1 63 PRO 63 63 63 PRO PRO A . n 
A 1 64 VAL 64 64 64 VAL VAL A . n 
A 1 65 GLU 65 65 65 GLU GLU A . n 
A 1 66 ILE 66 66 66 ILE ILE A . n 
A 1 67 CYS 67 67 67 CYS CYS A . n 
A 1 68 GLY 68 68 68 GLY GLY A . n 
A 1 69 HIS 69 69 69 HIS HIS A . n 
A 1 70 LYS 70 70 70 LYS ALA A . n 
A 1 71 ALA 71 71 71 ALA ALA A . n 
A 1 72 ILE 72 72 72 ILE ILE A . n 
A 1 73 GLY 73 73 73 GLY GLY A . n 
A 1 74 THR 74 74 74 THR THR A . n 
A 1 75 VAL 75 75 75 VAL VAL A . n 
A 1 76 LEU 76 76 76 LEU LEU A . n 
A 1 77 VAL 77 77 77 VAL VAL A . n 
A 1 78 GLY 78 78 78 GLY GLY A . n 
A 1 79 PRO 79 79 79 PRO PRO A . n 
A 1 80 THR 80 80 80 THR THR A . n 
A 1 81 PRO 81 81 81 PRO PRO A . n 
A 1 82 VAL 82 82 82 VAL VAL A . n 
A 1 83 ASN 83 83 83 ASN ASN A . n 
A 1 84 ILE 84 84 84 ILE ILE A . n 
A 1 85 ILE 85 85 85 ILE ILE A . n 
A 1 86 GLY 86 86 86 GLY GLY A . n 
A 1 87 ARG 87 87 87 ARG ARG A . n 
A 1 88 ASN 88 88 88 ASN ASN A . n 
A 1 89 LEU 89 89 89 LEU LEU A . n 
A 1 90 LEU 90 90 90 LEU LEU A . n 
A 1 91 THR 91 91 91 THR THR A . n 
A 1 92 GLN 92 92 92 GLN GLN A . n 
A 1 93 ILE 93 93 93 ILE ILE A . n 
A 1 94 GLY 94 94 94 GLY GLY A . n 
A 1 95 CYS 95 95 95 CYS CYS A . n 
A 1 96 THR 96 96 96 THR THR A . n 
A 1 97 LEU 97 97 97 LEU LEU A . n 
A 1 98 ASN 98 98 98 ASN ASN A . n 
A 1 99 PHE 99 99 99 PHE PHE A . n 
B 1 1  PRO 1  1  1  PRO PRO B . n 
B 1 2  GLN 2  2  2  GLN GLN B . n 
B 1 3  ILE 3  3  3  ILE ILE B . n 
B 1 4  THR 4  4  4  THR THR B . n 
B 1 5  LEU 5  5  5  LEU LEU B . n 
B 1 6  TRP 6  6  6  TRP TRP B . n 
B 1 7  LYS 7  7  7  LYS ALA B . n 
B 1 8  ARG 8  8  8  ARG ARG B . n 
B 1 9  PRO 9  9  9  PRO PRO B . n 
B 1 10 LEU 10 10 10 LEU LEU B . n 
B 1 11 VAL 11 11 11 VAL VAL B . n 
B 1 12 THR 12 12 12 THR THR B . n 
B 1 13 ILE 13 13 13 ILE ILE B . n 
B 1 14 ARG 14 14 14 ARG ARG B . n 
B 1 15 ILE 15 15 15 ILE ILE B . n 
B 1 16 GLY 16 16 16 GLY GLY B . n 
B 1 17 GLY 17 17 17 GLY GLY B . n 
B 1 18 GLN 18 18 18 GLN GLN B . n 
B 1 19 LEU 19 19 19 LEU LEU B . n 
B 1 20 LYS 20 20 20 LYS LYS B . n 
B 1 21 GLU 21 21 21 GLU GLU B . n 
B 1 22 ALA 22 22 22 ALA ALA B . n 
B 1 23 LEU 23 23 23 LEU LEU B . n 
B 1 24 LEU 24 24 24 LEU LEU B . n 
B 1 25 ASN 25 25 25 ASN ASN B . n 
B 1 26 THR 26 26 26 THR THR B . n 
B 1 27 GLY 27 27 27 GLY GLY B . n 
B 1 28 ALA 28 28 28 ALA ALA B . n 
B 1 29 ASP 29 29 29 ASP ASP B . n 
B 1 30 ASP 30 30 30 ASP ASP B . n 
B 1 31 THR 31 31 31 THR THR B . n 
B 1 32 VAL 32 32 32 VAL VAL B . n 
B 1 33 LEU 33 33 33 LEU LEU B . n 
B 1 34 GLU 34 34 34 GLU ALA B . n 
B 1 35 GLU 35 35 35 GLU GLU B . n 
B 1 36 MET 36 36 36 MET MET B . n 
B 1 37 ASN 37 37 37 ASN ASN B . n 
B 1 38 LEU 38 38 38 LEU LEU B . n 
B 1 39 PRO 39 39 39 PRO PRO B . n 
B 1 40 GLY 40 40 40 GLY GLY B . n 
B 1 41 LYS 41 41 41 LYS ALA B . n 
B 1 42 TRP 42 42 42 TRP TRP B . n 
B 1 43 LYS 43 43 43 LYS LYS B . n 
B 1 44 PRO 44 44 44 PRO PRO B . n 
B 1 45 LYS 45 45 45 LYS LYS B . n 
B 1 46 MET 46 46 46 MET MET B . n 
B 1 47 ILE 47 47 47 ILE ILE B . n 
B 1 48 GLY 48 48 48 GLY GLY B . n 
B 1 49 GLY 49 49 49 GLY GLY B . n 
B 1 50 ILE 50 50 50 ILE ILE B . n 
B 1 51 GLY 51 51 51 GLY GLY B . n 
B 1 52 GLY 52 52 52 GLY GLY B . n 
B 1 53 PHE 53 53 53 PHE PHE B . n 
B 1 54 ILE 54 54 54 ILE ILE B . n 
B 1 55 LYS 55 55 55 LYS ALA B . n 
B 1 56 VAL 56 56 56 VAL VAL B . n 
B 1 57 ARG 57 57 57 ARG ARG B . n 
B 1 58 GLN 58 58 58 GLN GLN B . n 
B 1 59 TYR 59 59 59 TYR TYR B . n 
B 1 60 ASP 60 60 60 ASP ASP B . n 
B 1 61 GLN 61 61 61 GLN GLN B . n 
B 1 62 ILE 62 62 62 ILE ILE B . n 
B 1 63 PRO 63 63 63 PRO PRO B . n 
B 1 64 VAL 64 64 64 VAL VAL B . n 
B 1 65 GLU 65 65 65 GLU GLU B . n 
B 1 66 ILE 66 66 66 ILE ILE B . n 
B 1 67 CYS 67 67 67 CYS CYS B . n 
B 1 68 GLY 68 68 68 GLY GLY B . n 
B 1 69 HIS 69 69 69 HIS HIS B . n 
B 1 70 LYS 70 70 70 LYS ALA B . n 
B 1 71 ALA 71 71 71 ALA ALA B . n 
B 1 72 ILE 72 72 72 ILE ILE B . n 
B 1 73 GLY 73 73 73 GLY GLY B . n 
B 1 74 THR 74 74 74 THR THR B . n 
B 1 75 VAL 75 75 75 VAL VAL B . n 
B 1 76 LEU 76 76 76 LEU LEU B . n 
B 1 77 VAL 77 77 77 VAL VAL B . n 
B 1 78 GLY 78 78 78 GLY GLY B . n 
B 1 79 PRO 79 79 79 PRO PRO B . n 
B 1 80 THR 80 80 80 THR THR B . n 
B 1 81 PRO 81 81 81 PRO PRO B . n 
B 1 82 VAL 82 82 82 VAL VAL B . n 
B 1 83 ASN 83 83 83 ASN ASN B . n 
B 1 84 ILE 84 84 84 ILE ILE B . n 
B 1 85 ILE 85 85 85 ILE ILE B . n 
B 1 86 GLY 86 86 86 GLY GLY B . n 
B 1 87 ARG 87 87 87 ARG ARG B . n 
B 1 88 ASN 88 88 88 ASN ASN B . n 
B 1 89 LEU 89 89 89 LEU LEU B . n 
B 1 90 LEU 90 90 90 LEU LEU B . n 
B 1 91 THR 91 91 91 THR THR B . n 
B 1 92 GLN 92 92 92 GLN GLN B . n 
B 1 93 ILE 93 93 93 ILE ILE B . n 
B 1 94 GLY 94 94 94 GLY GLY B . n 
B 1 95 CYS 95 95 95 CYS CYS B . n 
B 1 96 THR 96 96 96 THR THR B . n 
B 1 97 LEU 97 97 97 LEU LEU B . n 
B 1 98 ASN 98 98 98 ASN ASN B . n 
B 1 99 PHE 99 99 99 PHE PHE B . n 
C 2 1  LYS 1  1  1  LYS ALA P . n 
C 2 2  ALA 2  2  2  ALA ALA P . n 
C 2 3  ARG 3  3  3  ARG ARG P . n 
C 2 4  VAL 4  4  4  VAL VAL P . n 
C 2 5  LEU 5  5  5  LEU LEU P . n 
C 2 6  ALA 6  6  6  ALA ALA P . n 
C 2 7  GLU 7  7  7  GLU GLU P . n 
C 2 8  ALA 8  8  8  ALA ALA P . n 
C 2 9  MET 9  9  9  MET MET P . n 
C 2 10 SER 10 10 ?  ?   ?   P . n 
# 
loop_
_pdbx_nonpoly_scheme.asym_id 
_pdbx_nonpoly_scheme.entity_id 
_pdbx_nonpoly_scheme.mon_id 
_pdbx_nonpoly_scheme.ndb_seq_num 
_pdbx_nonpoly_scheme.pdb_seq_num 
_pdbx_nonpoly_scheme.auth_seq_num 
_pdbx_nonpoly_scheme.pdb_mon_id 
_pdbx_nonpoly_scheme.auth_mon_id 
_pdbx_nonpoly_scheme.pdb_strand_id 
_pdbx_nonpoly_scheme.pdb_ins_code 
D 3 ACT 1  504 504 ACT ACE A . 
E 3 ACT 1  506 506 ACT ACE A . 
F 3 ACT 1  501 501 ACT ACE B . 
G 3 ACT 1  502 502 ACT ACE B . 
H 3 ACT 1  507 507 ACT ACE B . 
I 3 ACT 1  508 508 ACT ACE B . 
J 4 HOH 1  507 4   HOH WAT A . 
J 4 HOH 2  508 7   HOH WAT A . 
J 4 HOH 3  509 10  HOH WAT A . 
J 4 HOH 4  510 14  HOH WAT A . 
J 4 HOH 5  511 15  HOH WAT A . 
J 4 HOH 6  512 17  HOH WAT A . 
J 4 HOH 7  513 18  HOH WAT A . 
J 4 HOH 8  514 20  HOH WAT A . 
J 4 HOH 9  515 22  HOH WAT A . 
J 4 HOH 10 516 23  HOH WAT A . 
J 4 HOH 11 517 33  HOH WAT A . 
J 4 HOH 12 518 35  HOH WAT A . 
J 4 HOH 13 519 37  HOH WAT A . 
J 4 HOH 14 520 38  HOH WAT A . 
J 4 HOH 15 521 42  HOH WAT A . 
J 4 HOH 16 522 43  HOH WAT A . 
J 4 HOH 17 523 46  HOH WAT A . 
J 4 HOH 18 524 47  HOH WAT A . 
J 4 HOH 19 525 49  HOH WAT A . 
J 4 HOH 20 526 52  HOH WAT A . 
J 4 HOH 21 527 58  HOH WAT A . 
J 4 HOH 22 528 59  HOH WAT A . 
J 4 HOH 23 529 60  HOH WAT A . 
J 4 HOH 24 530 63  HOH WAT A . 
J 4 HOH 25 531 66  HOH WAT A . 
J 4 HOH 26 532 74  HOH WAT A . 
J 4 HOH 27 533 83  HOH WAT A . 
J 4 HOH 28 534 85  HOH WAT A . 
J 4 HOH 29 535 90  HOH WAT A . 
J 4 HOH 30 536 91  HOH WAT A . 
J 4 HOH 31 537 94  HOH WAT A . 
J 4 HOH 32 538 95  HOH WAT A . 
J 4 HOH 33 539 96  HOH WAT A . 
J 4 HOH 34 540 97  HOH WAT A . 
J 4 HOH 35 541 104 HOH WAT A . 
J 4 HOH 36 542 105 HOH WAT A . 
K 4 HOH 1  509 1   HOH WAT B . 
K 4 HOH 2  510 2   HOH WAT B . 
K 4 HOH 3  511 5   HOH WAT B . 
K 4 HOH 4  512 8   HOH WAT B . 
K 4 HOH 5  513 11  HOH WAT B . 
K 4 HOH 6  514 12  HOH WAT B . 
K 4 HOH 7  515 13  HOH WAT B . 
K 4 HOH 8  516 16  HOH WAT B . 
K 4 HOH 9  517 21  HOH WAT B . 
K 4 HOH 10 518 24  HOH WAT B . 
K 4 HOH 11 519 25  HOH WAT B . 
K 4 HOH 12 520 26  HOH WAT B . 
K 4 HOH 13 521 28  HOH WAT B . 
K 4 HOH 14 522 31  HOH WAT B . 
K 4 HOH 15 523 32  HOH WAT B . 
K 4 HOH 16 524 34  HOH WAT B . 
K 4 HOH 17 525 36  HOH WAT B . 
K 4 HOH 18 526 39  HOH WAT B . 
K 4 HOH 19 527 40  HOH WAT B . 
K 4 HOH 20 528 41  HOH WAT B . 
K 4 HOH 21 529 44  HOH WAT B . 
K 4 HOH 22 530 45  HOH WAT B . 
K 4 HOH 23 531 50  HOH WAT B . 
K 4 HOH 24 532 53  HOH WAT B . 
K 4 HOH 25 533 54  HOH WAT B . 
K 4 HOH 26 534 55  HOH WAT B . 
K 4 HOH 27 535 56  HOH WAT B . 
K 4 HOH 28 536 57  HOH WAT B . 
K 4 HOH 29 537 61  HOH WAT B . 
K 4 HOH 30 538 62  HOH WAT B . 
K 4 HOH 31 539 64  HOH WAT B . 
K 4 HOH 32 540 67  HOH WAT B . 
K 4 HOH 33 541 68  HOH WAT B . 
K 4 HOH 34 542 69  HOH WAT B . 
K 4 HOH 35 543 70  HOH WAT B . 
K 4 HOH 36 544 71  HOH WAT B . 
K 4 HOH 37 545 73  HOH WAT B . 
K 4 HOH 38 546 75  HOH WAT B . 
K 4 HOH 39 547 76  HOH WAT B . 
K 4 HOH 40 548 77  HOH WAT B . 
K 4 HOH 41 549 78  HOH WAT B . 
K 4 HOH 42 550 81  HOH WAT B . 
K 4 HOH 43 551 82  HOH WAT B . 
K 4 HOH 44 552 86  HOH WAT B . 
K 4 HOH 45 553 87  HOH WAT B . 
K 4 HOH 46 554 89  HOH WAT B . 
K 4 HOH 47 555 92  HOH WAT B . 
K 4 HOH 48 556 93  HOH WAT B . 
K 4 HOH 49 557 98  HOH WAT B . 
K 4 HOH 50 558 99  HOH WAT B . 
K 4 HOH 51 559 100 HOH WAT B . 
K 4 HOH 52 560 102 HOH WAT B . 
K 4 HOH 53 561 103 HOH WAT B . 
K 4 HOH 54 562 106 HOH WAT B . 
K 4 HOH 55 563 107 HOH WAT B . 
L 4 HOH 1  11  3   HOH WAT P . 
L 4 HOH 2  12  27  HOH WAT P . 
L 4 HOH 3  13  48  HOH WAT P . 
L 4 HOH 4  14  51  HOH WAT P . 
L 4 HOH 5  15  88  HOH WAT P . 
# 
_pdbx_struct_assembly.id                   1 
_pdbx_struct_assembly.details              author_and_software_defined_assembly 
_pdbx_struct_assembly.method_details       PISA 
_pdbx_struct_assembly.oligomeric_details   trimeric 
_pdbx_struct_assembly.oligomeric_count     3 
# 
_pdbx_struct_assembly_gen.assembly_id       1 
_pdbx_struct_assembly_gen.oper_expression   1 
_pdbx_struct_assembly_gen.asym_id_list      A,B,C,D,E,F,G,H,I,J,K,L 
# 
loop_
_pdbx_struct_assembly_prop.biol_id 
_pdbx_struct_assembly_prop.type 
_pdbx_struct_assembly_prop.value 
_pdbx_struct_assembly_prop.details 
1 'ABSA (A^2)' 6390 ? 
1 MORE         -37  ? 
1 'SSA (A^2)'  9170 ? 
# 
_pdbx_struct_oper_list.id                   1 
_pdbx_struct_oper_list.type                 'identity operation' 
_pdbx_struct_oper_list.name                 1_555 
_pdbx_struct_oper_list.symmetry_operation   x,y,z 
_pdbx_struct_oper_list.matrix[1][1]         1.0000000000 
_pdbx_struct_oper_list.matrix[1][2]         0.0000000000 
_pdbx_struct_oper_list.matrix[1][3]         0.0000000000 
_pdbx_struct_oper_list.vector[1]            0.0000000000 
_pdbx_struct_oper_list.matrix[2][1]         0.0000000000 
_pdbx_struct_oper_list.matrix[2][2]         1.0000000000 
_pdbx_struct_oper_list.matrix[2][3]         0.0000000000 
_pdbx_struct_oper_list.vector[2]            0.0000000000 
_pdbx_struct_oper_list.matrix[3][1]         0.0000000000 
_pdbx_struct_oper_list.matrix[3][2]         0.0000000000 
_pdbx_struct_oper_list.matrix[3][3]         1.0000000000 
_pdbx_struct_oper_list.vector[3]            0.0000000000 
# 
loop_
_pdbx_audit_revision_history.ordinal 
_pdbx_audit_revision_history.data_content_type 
_pdbx_audit_revision_history.major_revision 
_pdbx_audit_revision_history.minor_revision 
_pdbx_audit_revision_history.revision_date 
1 'Structure model' 1 0 2001-06-27 
2 'Structure model' 1 1 2008-04-27 
3 'Structure model' 1 2 2011-07-13 
4 'Structure model' 1 3 2021-11-03 
5 'Structure model' 1 4 2023-08-09 
# 
_pdbx_audit_revision_details.ordinal             1 
_pdbx_audit_revision_details.revision_ordinal    1 
_pdbx_audit_revision_details.data_content_type   'Structure model' 
_pdbx_audit_revision_details.provider            repository 
_pdbx_audit_revision_details.type                'Initial release' 
_pdbx_audit_revision_details.description         ? 
_pdbx_audit_revision_details.details             ? 
# 
loop_
_pdbx_audit_revision_group.ordinal 
_pdbx_audit_revision_group.revision_ordinal 
_pdbx_audit_revision_group.data_content_type 
_pdbx_audit_revision_group.group 
1 2 'Structure model' 'Version format compliance' 
2 3 'Structure model' 'Version format compliance' 
3 4 'Structure model' 'Database references'       
4 4 'Structure model' 'Derived calculations'      
5 5 'Structure model' 'Data collection'           
6 5 'Structure model' 'Refinement description'    
# 
loop_
_pdbx_audit_revision_category.ordinal 
_pdbx_audit_revision_category.revision_ordinal 
_pdbx_audit_revision_category.data_content_type 
_pdbx_audit_revision_category.category 
1 4 'Structure model' database_2                    
2 4 'Structure model' struct_ref_seq_dif            
3 4 'Structure model' struct_site                   
4 5 'Structure model' chem_comp_atom                
5 5 'Structure model' chem_comp_bond                
6 5 'Structure model' pdbx_initial_refinement_model 
# 
loop_
_pdbx_audit_revision_item.ordinal 
_pdbx_audit_revision_item.revision_ordinal 
_pdbx_audit_revision_item.data_content_type 
_pdbx_audit_revision_item.item 
1 4 'Structure model' '_database_2.pdbx_DOI'                
2 4 'Structure model' '_database_2.pdbx_database_accession' 
3 4 'Structure model' '_struct_ref_seq_dif.details'         
4 4 'Structure model' '_struct_site.pdbx_auth_asym_id'      
5 4 'Structure model' '_struct_site.pdbx_auth_comp_id'      
6 4 'Structure model' '_struct_site.pdbx_auth_seq_id'       
# 
loop_
_software.name 
_software.classification 
_software.version 
_software.citation_id 
_software.pdbx_ordinal 
CNS       refinement       . ? 1 
DENZO     'data reduction' . ? 2 
SCALEPACK 'data scaling'   . ? 3 
CNS       phasing          . ? 4 
# 
_pdbx_validate_torsion.id              1 
_pdbx_validate_torsion.PDB_model_num   1 
_pdbx_validate_torsion.auth_comp_id    GLU 
_pdbx_validate_torsion.auth_asym_id    B 
_pdbx_validate_torsion.auth_seq_id     35 
_pdbx_validate_torsion.PDB_ins_code    ? 
_pdbx_validate_torsion.label_alt_id    ? 
_pdbx_validate_torsion.phi             -36.59 
_pdbx_validate_torsion.psi             133.20 
# 
loop_
_pdbx_unobs_or_zero_occ_atoms.id 
_pdbx_unobs_or_zero_occ_atoms.PDB_model_num 
_pdbx_unobs_or_zero_occ_atoms.polymer_flag 
_pdbx_unobs_or_zero_occ_atoms.occupancy_flag 
_pdbx_unobs_or_zero_occ_atoms.auth_asym_id 
_pdbx_unobs_or_zero_occ_atoms.auth_comp_id 
_pdbx_unobs_or_zero_occ_atoms.auth_seq_id 
_pdbx_unobs_or_zero_occ_atoms.PDB_ins_code 
_pdbx_unobs_or_zero_occ_atoms.auth_atom_id 
_pdbx_unobs_or_zero_occ_atoms.label_alt_id 
_pdbx_unobs_or_zero_occ_atoms.label_asym_id 
_pdbx_unobs_or_zero_occ_atoms.label_comp_id 
_pdbx_unobs_or_zero_occ_atoms.label_seq_id 
_pdbx_unobs_or_zero_occ_atoms.label_atom_id 
1  1 Y 1 A LYS 7  ? CG  ? A LYS 7  CG  
2  1 Y 1 A LYS 7  ? CD  ? A LYS 7  CD  
3  1 Y 1 A LYS 7  ? CE  ? A LYS 7  CE  
4  1 Y 1 A LYS 7  ? NZ  ? A LYS 7  NZ  
5  1 Y 1 A LYS 41 ? CG  ? A LYS 41 CG  
6  1 Y 1 A LYS 41 ? CD  ? A LYS 41 CD  
7  1 Y 1 A LYS 41 ? CE  ? A LYS 41 CE  
8  1 Y 1 A LYS 41 ? NZ  ? A LYS 41 NZ  
9  1 Y 1 A LYS 43 ? CG  ? A LYS 43 CG  
10 1 Y 1 A LYS 43 ? CD  ? A LYS 43 CD  
11 1 Y 1 A LYS 43 ? CE  ? A LYS 43 CE  
12 1 Y 1 A LYS 43 ? NZ  ? A LYS 43 NZ  
13 1 Y 1 A LYS 70 ? CG  ? A LYS 70 CG  
14 1 Y 1 A LYS 70 ? CD  ? A LYS 70 CD  
15 1 Y 1 A LYS 70 ? CE  ? A LYS 70 CE  
16 1 Y 1 A LYS 70 ? NZ  ? A LYS 70 NZ  
17 1 Y 1 B LYS 7  ? CG  ? B LYS 7  CG  
18 1 Y 1 B LYS 7  ? CD  ? B LYS 7  CD  
19 1 Y 1 B LYS 7  ? CE  ? B LYS 7  CE  
20 1 Y 1 B LYS 7  ? NZ  ? B LYS 7  NZ  
21 1 Y 1 B GLU 34 ? CG  ? B GLU 34 CG  
22 1 Y 1 B GLU 34 ? CD  ? B GLU 34 CD  
23 1 Y 1 B GLU 34 ? OE1 ? B GLU 34 OE1 
24 1 Y 1 B GLU 34 ? OE2 ? B GLU 34 OE2 
25 1 Y 1 B LYS 41 ? CG  ? B LYS 41 CG  
26 1 Y 1 B LYS 41 ? CD  ? B LYS 41 CD  
27 1 Y 1 B LYS 41 ? CE  ? B LYS 41 CE  
28 1 Y 1 B LYS 41 ? NZ  ? B LYS 41 NZ  
29 1 Y 1 B LYS 55 ? CG  ? B LYS 55 CG  
30 1 Y 1 B LYS 55 ? CD  ? B LYS 55 CD  
31 1 Y 1 B LYS 55 ? CE  ? B LYS 55 CE  
32 1 Y 1 B LYS 55 ? NZ  ? B LYS 55 NZ  
33 1 Y 1 B LYS 70 ? CG  ? B LYS 70 CG  
34 1 Y 1 B LYS 70 ? CD  ? B LYS 70 CD  
35 1 Y 1 B LYS 70 ? CE  ? B LYS 70 CE  
36 1 Y 1 B LYS 70 ? NZ  ? B LYS 70 NZ  
37 1 Y 1 P LYS 1  ? CG  ? C LYS 1  CG  
38 1 Y 1 P LYS 1  ? CD  ? C LYS 1  CD  
39 1 Y 1 P LYS 1  ? CE  ? C LYS 1  CE  
40 1 Y 1 P LYS 1  ? NZ  ? C LYS 1  NZ  
# 
_pdbx_unobs_or_zero_occ_residues.id               1 
_pdbx_unobs_or_zero_occ_residues.PDB_model_num    1 
_pdbx_unobs_or_zero_occ_residues.polymer_flag     Y 
_pdbx_unobs_or_zero_occ_residues.occupancy_flag   1 
_pdbx_unobs_or_zero_occ_residues.auth_asym_id     P 
_pdbx_unobs_or_zero_occ_residues.auth_comp_id     SER 
_pdbx_unobs_or_zero_occ_residues.auth_seq_id      10 
_pdbx_unobs_or_zero_occ_residues.PDB_ins_code     ? 
_pdbx_unobs_or_zero_occ_residues.label_asym_id    C 
_pdbx_unobs_or_zero_occ_residues.label_comp_id    SER 
_pdbx_unobs_or_zero_occ_residues.label_seq_id     10 
# 
loop_
_chem_comp_atom.comp_id 
_chem_comp_atom.atom_id 
_chem_comp_atom.type_symbol 
_chem_comp_atom.pdbx_aromatic_flag 
_chem_comp_atom.pdbx_stereo_config 
_chem_comp_atom.pdbx_ordinal 
ACT C    C N N 1   
ACT O    O N N 2   
ACT OXT  O N N 3   
ACT CH3  C N N 4   
ACT H1   H N N 5   
ACT H2   H N N 6   
ACT H3   H N N 7   
ALA N    N N N 8   
ALA CA   C N S 9   
ALA C    C N N 10  
ALA O    O N N 11  
ALA CB   C N N 12  
ALA OXT  O N N 13  
ALA H    H N N 14  
ALA H2   H N N 15  
ALA HA   H N N 16  
ALA HB1  H N N 17  
ALA HB2  H N N 18  
ALA HB3  H N N 19  
ALA HXT  H N N 20  
ARG N    N N N 21  
ARG CA   C N S 22  
ARG C    C N N 23  
ARG O    O N N 24  
ARG CB   C N N 25  
ARG CG   C N N 26  
ARG CD   C N N 27  
ARG NE   N N N 28  
ARG CZ   C N N 29  
ARG NH1  N N N 30  
ARG NH2  N N N 31  
ARG OXT  O N N 32  
ARG H    H N N 33  
ARG H2   H N N 34  
ARG HA   H N N 35  
ARG HB2  H N N 36  
ARG HB3  H N N 37  
ARG HG2  H N N 38  
ARG HG3  H N N 39  
ARG HD2  H N N 40  
ARG HD3  H N N 41  
ARG HE   H N N 42  
ARG HH11 H N N 43  
ARG HH12 H N N 44  
ARG HH21 H N N 45  
ARG HH22 H N N 46  
ARG HXT  H N N 47  
ASN N    N N N 48  
ASN CA   C N S 49  
ASN C    C N N 50  
ASN O    O N N 51  
ASN CB   C N N 52  
ASN CG   C N N 53  
ASN OD1  O N N 54  
ASN ND2  N N N 55  
ASN OXT  O N N 56  
ASN H    H N N 57  
ASN H2   H N N 58  
ASN HA   H N N 59  
ASN HB2  H N N 60  
ASN HB3  H N N 61  
ASN HD21 H N N 62  
ASN HD22 H N N 63  
ASN HXT  H N N 64  
ASP N    N N N 65  
ASP CA   C N S 66  
ASP C    C N N 67  
ASP O    O N N 68  
ASP CB   C N N 69  
ASP CG   C N N 70  
ASP OD1  O N N 71  
ASP OD2  O N N 72  
ASP OXT  O N N 73  
ASP H    H N N 74  
ASP H2   H N N 75  
ASP HA   H N N 76  
ASP HB2  H N N 77  
ASP HB3  H N N 78  
ASP HD2  H N N 79  
ASP HXT  H N N 80  
CYS N    N N N 81  
CYS CA   C N R 82  
CYS C    C N N 83  
CYS O    O N N 84  
CYS CB   C N N 85  
CYS SG   S N N 86  
CYS OXT  O N N 87  
CYS H    H N N 88  
CYS H2   H N N 89  
CYS HA   H N N 90  
CYS HB2  H N N 91  
CYS HB3  H N N 92  
CYS HG   H N N 93  
CYS HXT  H N N 94  
GLN N    N N N 95  
GLN CA   C N S 96  
GLN C    C N N 97  
GLN O    O N N 98  
GLN CB   C N N 99  
GLN CG   C N N 100 
GLN CD   C N N 101 
GLN OE1  O N N 102 
GLN NE2  N N N 103 
GLN OXT  O N N 104 
GLN H    H N N 105 
GLN H2   H N N 106 
GLN HA   H N N 107 
GLN HB2  H N N 108 
GLN HB3  H N N 109 
GLN HG2  H N N 110 
GLN HG3  H N N 111 
GLN HE21 H N N 112 
GLN HE22 H N N 113 
GLN HXT  H N N 114 
GLU N    N N N 115 
GLU CA   C N S 116 
GLU C    C N N 117 
GLU O    O N N 118 
GLU CB   C N N 119 
GLU CG   C N N 120 
GLU CD   C N N 121 
GLU OE1  O N N 122 
GLU OE2  O N N 123 
GLU OXT  O N N 124 
GLU H    H N N 125 
GLU H2   H N N 126 
GLU HA   H N N 127 
GLU HB2  H N N 128 
GLU HB3  H N N 129 
GLU HG2  H N N 130 
GLU HG3  H N N 131 
GLU HE2  H N N 132 
GLU HXT  H N N 133 
GLY N    N N N 134 
GLY CA   C N N 135 
GLY C    C N N 136 
GLY O    O N N 137 
GLY OXT  O N N 138 
GLY H    H N N 139 
GLY H2   H N N 140 
GLY HA2  H N N 141 
GLY HA3  H N N 142 
GLY HXT  H N N 143 
HIS N    N N N 144 
HIS CA   C N S 145 
HIS C    C N N 146 
HIS O    O N N 147 
HIS CB   C N N 148 
HIS CG   C Y N 149 
HIS ND1  N Y N 150 
HIS CD2  C Y N 151 
HIS CE1  C Y N 152 
HIS NE2  N Y N 153 
HIS OXT  O N N 154 
HIS H    H N N 155 
HIS H2   H N N 156 
HIS HA   H N N 157 
HIS HB2  H N N 158 
HIS HB3  H N N 159 
HIS HD1  H N N 160 
HIS HD2  H N N 161 
HIS HE1  H N N 162 
HIS HE2  H N N 163 
HIS HXT  H N N 164 
HOH O    O N N 165 
HOH H1   H N N 166 
HOH H2   H N N 167 
ILE N    N N N 168 
ILE CA   C N S 169 
ILE C    C N N 170 
ILE O    O N N 171 
ILE CB   C N S 172 
ILE CG1  C N N 173 
ILE CG2  C N N 174 
ILE CD1  C N N 175 
ILE OXT  O N N 176 
ILE H    H N N 177 
ILE H2   H N N 178 
ILE HA   H N N 179 
ILE HB   H N N 180 
ILE HG12 H N N 181 
ILE HG13 H N N 182 
ILE HG21 H N N 183 
ILE HG22 H N N 184 
ILE HG23 H N N 185 
ILE HD11 H N N 186 
ILE HD12 H N N 187 
ILE HD13 H N N 188 
ILE HXT  H N N 189 
LEU N    N N N 190 
LEU CA   C N S 191 
LEU C    C N N 192 
LEU O    O N N 193 
LEU CB   C N N 194 
LEU CG   C N N 195 
LEU CD1  C N N 196 
LEU CD2  C N N 197 
LEU OXT  O N N 198 
LEU H    H N N 199 
LEU H2   H N N 200 
LEU HA   H N N 201 
LEU HB2  H N N 202 
LEU HB3  H N N 203 
LEU HG   H N N 204 
LEU HD11 H N N 205 
LEU HD12 H N N 206 
LEU HD13 H N N 207 
LEU HD21 H N N 208 
LEU HD22 H N N 209 
LEU HD23 H N N 210 
LEU HXT  H N N 211 
LYS N    N N N 212 
LYS CA   C N S 213 
LYS C    C N N 214 
LYS O    O N N 215 
LYS CB   C N N 216 
LYS CG   C N N 217 
LYS CD   C N N 218 
LYS CE   C N N 219 
LYS NZ   N N N 220 
LYS OXT  O N N 221 
LYS H    H N N 222 
LYS H2   H N N 223 
LYS HA   H N N 224 
LYS HB2  H N N 225 
LYS HB3  H N N 226 
LYS HG2  H N N 227 
LYS HG3  H N N 228 
LYS HD2  H N N 229 
LYS HD3  H N N 230 
LYS HE2  H N N 231 
LYS HE3  H N N 232 
LYS HZ1  H N N 233 
LYS HZ2  H N N 234 
LYS HZ3  H N N 235 
LYS HXT  H N N 236 
MET N    N N N 237 
MET CA   C N S 238 
MET C    C N N 239 
MET O    O N N 240 
MET CB   C N N 241 
MET CG   C N N 242 
MET SD   S N N 243 
MET CE   C N N 244 
MET OXT  O N N 245 
MET H    H N N 246 
MET H2   H N N 247 
MET HA   H N N 248 
MET HB2  H N N 249 
MET HB3  H N N 250 
MET HG2  H N N 251 
MET HG3  H N N 252 
MET HE1  H N N 253 
MET HE2  H N N 254 
MET HE3  H N N 255 
MET HXT  H N N 256 
PHE N    N N N 257 
PHE CA   C N S 258 
PHE C    C N N 259 
PHE O    O N N 260 
PHE CB   C N N 261 
PHE CG   C Y N 262 
PHE CD1  C Y N 263 
PHE CD2  C Y N 264 
PHE CE1  C Y N 265 
PHE CE2  C Y N 266 
PHE CZ   C Y N 267 
PHE OXT  O N N 268 
PHE H    H N N 269 
PHE H2   H N N 270 
PHE HA   H N N 271 
PHE HB2  H N N 272 
PHE HB3  H N N 273 
PHE HD1  H N N 274 
PHE HD2  H N N 275 
PHE HE1  H N N 276 
PHE HE2  H N N 277 
PHE HZ   H N N 278 
PHE HXT  H N N 279 
PRO N    N N N 280 
PRO CA   C N S 281 
PRO C    C N N 282 
PRO O    O N N 283 
PRO CB   C N N 284 
PRO CG   C N N 285 
PRO CD   C N N 286 
PRO OXT  O N N 287 
PRO H    H N N 288 
PRO HA   H N N 289 
PRO HB2  H N N 290 
PRO HB3  H N N 291 
PRO HG2  H N N 292 
PRO HG3  H N N 293 
PRO HD2  H N N 294 
PRO HD3  H N N 295 
PRO HXT  H N N 296 
SER N    N N N 297 
SER CA   C N S 298 
SER C    C N N 299 
SER O    O N N 300 
SER CB   C N N 301 
SER OG   O N N 302 
SER OXT  O N N 303 
SER H    H N N 304 
SER H2   H N N 305 
SER HA   H N N 306 
SER HB2  H N N 307 
SER HB3  H N N 308 
SER HG   H N N 309 
SER HXT  H N N 310 
THR N    N N N 311 
THR CA   C N S 312 
THR C    C N N 313 
THR O    O N N 314 
THR CB   C N R 315 
THR OG1  O N N 316 
THR CG2  C N N 317 
THR OXT  O N N 318 
THR H    H N N 319 
THR H2   H N N 320 
THR HA   H N N 321 
THR HB   H N N 322 
THR HG1  H N N 323 
THR HG21 H N N 324 
THR HG22 H N N 325 
THR HG23 H N N 326 
THR HXT  H N N 327 
TRP N    N N N 328 
TRP CA   C N S 329 
TRP C    C N N 330 
TRP O    O N N 331 
TRP CB   C N N 332 
TRP CG   C Y N 333 
TRP CD1  C Y N 334 
TRP CD2  C Y N 335 
TRP NE1  N Y N 336 
TRP CE2  C Y N 337 
TRP CE3  C Y N 338 
TRP CZ2  C Y N 339 
TRP CZ3  C Y N 340 
TRP CH2  C Y N 341 
TRP OXT  O N N 342 
TRP H    H N N 343 
TRP H2   H N N 344 
TRP HA   H N N 345 
TRP HB2  H N N 346 
TRP HB3  H N N 347 
TRP HD1  H N N 348 
TRP HE1  H N N 349 
TRP HE3  H N N 350 
TRP HZ2  H N N 351 
TRP HZ3  H N N 352 
TRP HH2  H N N 353 
TRP HXT  H N N 354 
TYR N    N N N 355 
TYR CA   C N S 356 
TYR C    C N N 357 
TYR O    O N N 358 
TYR CB   C N N 359 
TYR CG   C Y N 360 
TYR CD1  C Y N 361 
TYR CD2  C Y N 362 
TYR CE1  C Y N 363 
TYR CE2  C Y N 364 
TYR CZ   C Y N 365 
TYR OH   O N N 366 
TYR OXT  O N N 367 
TYR H    H N N 368 
TYR H2   H N N 369 
TYR HA   H N N 370 
TYR HB2  H N N 371 
TYR HB3  H N N 372 
TYR HD1  H N N 373 
TYR HD2  H N N 374 
TYR HE1  H N N 375 
TYR HE2  H N N 376 
TYR HH   H N N 377 
TYR HXT  H N N 378 
VAL N    N N N 379 
VAL CA   C N S 380 
VAL C    C N N 381 
VAL O    O N N 382 
VAL CB   C N N 383 
VAL CG1  C N N 384 
VAL CG2  C N N 385 
VAL OXT  O N N 386 
VAL H    H N N 387 
VAL H2   H N N 388 
VAL HA   H N N 389 
VAL HB   H N N 390 
VAL HG11 H N N 391 
VAL HG12 H N N 392 
VAL HG13 H N N 393 
VAL HG21 H N N 394 
VAL HG22 H N N 395 
VAL HG23 H N N 396 
VAL HXT  H N N 397 
# 
loop_
_chem_comp_bond.comp_id 
_chem_comp_bond.atom_id_1 
_chem_comp_bond.atom_id_2 
_chem_comp_bond.value_order 
_chem_comp_bond.pdbx_aromatic_flag 
_chem_comp_bond.pdbx_stereo_config 
_chem_comp_bond.pdbx_ordinal 
ACT C   O    doub N N 1   
ACT C   OXT  sing N N 2   
ACT C   CH3  sing N N 3   
ACT CH3 H1   sing N N 4   
ACT CH3 H2   sing N N 5   
ACT CH3 H3   sing N N 6   
ALA N   CA   sing N N 7   
ALA N   H    sing N N 8   
ALA N   H2   sing N N 9   
ALA CA  C    sing N N 10  
ALA CA  CB   sing N N 11  
ALA CA  HA   sing N N 12  
ALA C   O    doub N N 13  
ALA C   OXT  sing N N 14  
ALA CB  HB1  sing N N 15  
ALA CB  HB2  sing N N 16  
ALA CB  HB3  sing N N 17  
ALA OXT HXT  sing N N 18  
ARG N   CA   sing N N 19  
ARG N   H    sing N N 20  
ARG N   H2   sing N N 21  
ARG CA  C    sing N N 22  
ARG CA  CB   sing N N 23  
ARG CA  HA   sing N N 24  
ARG C   O    doub N N 25  
ARG C   OXT  sing N N 26  
ARG CB  CG   sing N N 27  
ARG CB  HB2  sing N N 28  
ARG CB  HB3  sing N N 29  
ARG CG  CD   sing N N 30  
ARG CG  HG2  sing N N 31  
ARG CG  HG3  sing N N 32  
ARG CD  NE   sing N N 33  
ARG CD  HD2  sing N N 34  
ARG CD  HD3  sing N N 35  
ARG NE  CZ   sing N N 36  
ARG NE  HE   sing N N 37  
ARG CZ  NH1  sing N N 38  
ARG CZ  NH2  doub N N 39  
ARG NH1 HH11 sing N N 40  
ARG NH1 HH12 sing N N 41  
ARG NH2 HH21 sing N N 42  
ARG NH2 HH22 sing N N 43  
ARG OXT HXT  sing N N 44  
ASN N   CA   sing N N 45  
ASN N   H    sing N N 46  
ASN N   H2   sing N N 47  
ASN CA  C    sing N N 48  
ASN CA  CB   sing N N 49  
ASN CA  HA   sing N N 50  
ASN C   O    doub N N 51  
ASN C   OXT  sing N N 52  
ASN CB  CG   sing N N 53  
ASN CB  HB2  sing N N 54  
ASN CB  HB3  sing N N 55  
ASN CG  OD1  doub N N 56  
ASN CG  ND2  sing N N 57  
ASN ND2 HD21 sing N N 58  
ASN ND2 HD22 sing N N 59  
ASN OXT HXT  sing N N 60  
ASP N   CA   sing N N 61  
ASP N   H    sing N N 62  
ASP N   H2   sing N N 63  
ASP CA  C    sing N N 64  
ASP CA  CB   sing N N 65  
ASP CA  HA   sing N N 66  
ASP C   O    doub N N 67  
ASP C   OXT  sing N N 68  
ASP CB  CG   sing N N 69  
ASP CB  HB2  sing N N 70  
ASP CB  HB3  sing N N 71  
ASP CG  OD1  doub N N 72  
ASP CG  OD2  sing N N 73  
ASP OD2 HD2  sing N N 74  
ASP OXT HXT  sing N N 75  
CYS N   CA   sing N N 76  
CYS N   H    sing N N 77  
CYS N   H2   sing N N 78  
CYS CA  C    sing N N 79  
CYS CA  CB   sing N N 80  
CYS CA  HA   sing N N 81  
CYS C   O    doub N N 82  
CYS C   OXT  sing N N 83  
CYS CB  SG   sing N N 84  
CYS CB  HB2  sing N N 85  
CYS CB  HB3  sing N N 86  
CYS SG  HG   sing N N 87  
CYS OXT HXT  sing N N 88  
GLN N   CA   sing N N 89  
GLN N   H    sing N N 90  
GLN N   H2   sing N N 91  
GLN CA  C    sing N N 92  
GLN CA  CB   sing N N 93  
GLN CA  HA   sing N N 94  
GLN C   O    doub N N 95  
GLN C   OXT  sing N N 96  
GLN CB  CG   sing N N 97  
GLN CB  HB2  sing N N 98  
GLN CB  HB3  sing N N 99  
GLN CG  CD   sing N N 100 
GLN CG  HG2  sing N N 101 
GLN CG  HG3  sing N N 102 
GLN CD  OE1  doub N N 103 
GLN CD  NE2  sing N N 104 
GLN NE2 HE21 sing N N 105 
GLN NE2 HE22 sing N N 106 
GLN OXT HXT  sing N N 107 
GLU N   CA   sing N N 108 
GLU N   H    sing N N 109 
GLU N   H2   sing N N 110 
GLU CA  C    sing N N 111 
GLU CA  CB   sing N N 112 
GLU CA  HA   sing N N 113 
GLU C   O    doub N N 114 
GLU C   OXT  sing N N 115 
GLU CB  CG   sing N N 116 
GLU CB  HB2  sing N N 117 
GLU CB  HB3  sing N N 118 
GLU CG  CD   sing N N 119 
GLU CG  HG2  sing N N 120 
GLU CG  HG3  sing N N 121 
GLU CD  OE1  doub N N 122 
GLU CD  OE2  sing N N 123 
GLU OE2 HE2  sing N N 124 
GLU OXT HXT  sing N N 125 
GLY N   CA   sing N N 126 
GLY N   H    sing N N 127 
GLY N   H2   sing N N 128 
GLY CA  C    sing N N 129 
GLY CA  HA2  sing N N 130 
GLY CA  HA3  sing N N 131 
GLY C   O    doub N N 132 
GLY C   OXT  sing N N 133 
GLY OXT HXT  sing N N 134 
HIS N   CA   sing N N 135 
HIS N   H    sing N N 136 
HIS N   H2   sing N N 137 
HIS CA  C    sing N N 138 
HIS CA  CB   sing N N 139 
HIS CA  HA   sing N N 140 
HIS C   O    doub N N 141 
HIS C   OXT  sing N N 142 
HIS CB  CG   sing N N 143 
HIS CB  HB2  sing N N 144 
HIS CB  HB3  sing N N 145 
HIS CG  ND1  sing Y N 146 
HIS CG  CD2  doub Y N 147 
HIS ND1 CE1  doub Y N 148 
HIS ND1 HD1  sing N N 149 
HIS CD2 NE2  sing Y N 150 
HIS CD2 HD2  sing N N 151 
HIS CE1 NE2  sing Y N 152 
HIS CE1 HE1  sing N N 153 
HIS NE2 HE2  sing N N 154 
HIS OXT HXT  sing N N 155 
HOH O   H1   sing N N 156 
HOH O   H2   sing N N 157 
ILE N   CA   sing N N 158 
ILE N   H    sing N N 159 
ILE N   H2   sing N N 160 
ILE CA  C    sing N N 161 
ILE CA  CB   sing N N 162 
ILE CA  HA   sing N N 163 
ILE C   O    doub N N 164 
ILE C   OXT  sing N N 165 
ILE CB  CG1  sing N N 166 
ILE CB  CG2  sing N N 167 
ILE CB  HB   sing N N 168 
ILE CG1 CD1  sing N N 169 
ILE CG1 HG12 sing N N 170 
ILE CG1 HG13 sing N N 171 
ILE CG2 HG21 sing N N 172 
ILE CG2 HG22 sing N N 173 
ILE CG2 HG23 sing N N 174 
ILE CD1 HD11 sing N N 175 
ILE CD1 HD12 sing N N 176 
ILE CD1 HD13 sing N N 177 
ILE OXT HXT  sing N N 178 
LEU N   CA   sing N N 179 
LEU N   H    sing N N 180 
LEU N   H2   sing N N 181 
LEU CA  C    sing N N 182 
LEU CA  CB   sing N N 183 
LEU CA  HA   sing N N 184 
LEU C   O    doub N N 185 
LEU C   OXT  sing N N 186 
LEU CB  CG   sing N N 187 
LEU CB  HB2  sing N N 188 
LEU CB  HB3  sing N N 189 
LEU CG  CD1  sing N N 190 
LEU CG  CD2  sing N N 191 
LEU CG  HG   sing N N 192 
LEU CD1 HD11 sing N N 193 
LEU CD1 HD12 sing N N 194 
LEU CD1 HD13 sing N N 195 
LEU CD2 HD21 sing N N 196 
LEU CD2 HD22 sing N N 197 
LEU CD2 HD23 sing N N 198 
LEU OXT HXT  sing N N 199 
LYS N   CA   sing N N 200 
LYS N   H    sing N N 201 
LYS N   H2   sing N N 202 
LYS CA  C    sing N N 203 
LYS CA  CB   sing N N 204 
LYS CA  HA   sing N N 205 
LYS C   O    doub N N 206 
LYS C   OXT  sing N N 207 
LYS CB  CG   sing N N 208 
LYS CB  HB2  sing N N 209 
LYS CB  HB3  sing N N 210 
LYS CG  CD   sing N N 211 
LYS CG  HG2  sing N N 212 
LYS CG  HG3  sing N N 213 
LYS CD  CE   sing N N 214 
LYS CD  HD2  sing N N 215 
LYS CD  HD3  sing N N 216 
LYS CE  NZ   sing N N 217 
LYS CE  HE2  sing N N 218 
LYS CE  HE3  sing N N 219 
LYS NZ  HZ1  sing N N 220 
LYS NZ  HZ2  sing N N 221 
LYS NZ  HZ3  sing N N 222 
LYS OXT HXT  sing N N 223 
MET N   CA   sing N N 224 
MET N   H    sing N N 225 
MET N   H2   sing N N 226 
MET CA  C    sing N N 227 
MET CA  CB   sing N N 228 
MET CA  HA   sing N N 229 
MET C   O    doub N N 230 
MET C   OXT  sing N N 231 
MET CB  CG   sing N N 232 
MET CB  HB2  sing N N 233 
MET CB  HB3  sing N N 234 
MET CG  SD   sing N N 235 
MET CG  HG2  sing N N 236 
MET CG  HG3  sing N N 237 
MET SD  CE   sing N N 238 
MET CE  HE1  sing N N 239 
MET CE  HE2  sing N N 240 
MET CE  HE3  sing N N 241 
MET OXT HXT  sing N N 242 
PHE N   CA   sing N N 243 
PHE N   H    sing N N 244 
PHE N   H2   sing N N 245 
PHE CA  C    sing N N 246 
PHE CA  CB   sing N N 247 
PHE CA  HA   sing N N 248 
PHE C   O    doub N N 249 
PHE C   OXT  sing N N 250 
PHE CB  CG   sing N N 251 
PHE CB  HB2  sing N N 252 
PHE CB  HB3  sing N N 253 
PHE CG  CD1  doub Y N 254 
PHE CG  CD2  sing Y N 255 
PHE CD1 CE1  sing Y N 256 
PHE CD1 HD1  sing N N 257 
PHE CD2 CE2  doub Y N 258 
PHE CD2 HD2  sing N N 259 
PHE CE1 CZ   doub Y N 260 
PHE CE1 HE1  sing N N 261 
PHE CE2 CZ   sing Y N 262 
PHE CE2 HE2  sing N N 263 
PHE CZ  HZ   sing N N 264 
PHE OXT HXT  sing N N 265 
PRO N   CA   sing N N 266 
PRO N   CD   sing N N 267 
PRO N   H    sing N N 268 
PRO CA  C    sing N N 269 
PRO CA  CB   sing N N 270 
PRO CA  HA   sing N N 271 
PRO C   O    doub N N 272 
PRO C   OXT  sing N N 273 
PRO CB  CG   sing N N 274 
PRO CB  HB2  sing N N 275 
PRO CB  HB3  sing N N 276 
PRO CG  CD   sing N N 277 
PRO CG  HG2  sing N N 278 
PRO CG  HG3  sing N N 279 
PRO CD  HD2  sing N N 280 
PRO CD  HD3  sing N N 281 
PRO OXT HXT  sing N N 282 
SER N   CA   sing N N 283 
SER N   H    sing N N 284 
SER N   H2   sing N N 285 
SER CA  C    sing N N 286 
SER CA  CB   sing N N 287 
SER CA  HA   sing N N 288 
SER C   O    doub N N 289 
SER C   OXT  sing N N 290 
SER CB  OG   sing N N 291 
SER CB  HB2  sing N N 292 
SER CB  HB3  sing N N 293 
SER OG  HG   sing N N 294 
SER OXT HXT  sing N N 295 
THR N   CA   sing N N 296 
THR N   H    sing N N 297 
THR N   H2   sing N N 298 
THR CA  C    sing N N 299 
THR CA  CB   sing N N 300 
THR CA  HA   sing N N 301 
THR C   O    doub N N 302 
THR C   OXT  sing N N 303 
THR CB  OG1  sing N N 304 
THR CB  CG2  sing N N 305 
THR CB  HB   sing N N 306 
THR OG1 HG1  sing N N 307 
THR CG2 HG21 sing N N 308 
THR CG2 HG22 sing N N 309 
THR CG2 HG23 sing N N 310 
THR OXT HXT  sing N N 311 
TRP N   CA   sing N N 312 
TRP N   H    sing N N 313 
TRP N   H2   sing N N 314 
TRP CA  C    sing N N 315 
TRP CA  CB   sing N N 316 
TRP CA  HA   sing N N 317 
TRP C   O    doub N N 318 
TRP C   OXT  sing N N 319 
TRP CB  CG   sing N N 320 
TRP CB  HB2  sing N N 321 
TRP CB  HB3  sing N N 322 
TRP CG  CD1  doub Y N 323 
TRP CG  CD2  sing Y N 324 
TRP CD1 NE1  sing Y N 325 
TRP CD1 HD1  sing N N 326 
TRP CD2 CE2  doub Y N 327 
TRP CD2 CE3  sing Y N 328 
TRP NE1 CE2  sing Y N 329 
TRP NE1 HE1  sing N N 330 
TRP CE2 CZ2  sing Y N 331 
TRP CE3 CZ3  doub Y N 332 
TRP CE3 HE3  sing N N 333 
TRP CZ2 CH2  doub Y N 334 
TRP CZ2 HZ2  sing N N 335 
TRP CZ3 CH2  sing Y N 336 
TRP CZ3 HZ3  sing N N 337 
TRP CH2 HH2  sing N N 338 
TRP OXT HXT  sing N N 339 
TYR N   CA   sing N N 340 
TYR N   H    sing N N 341 
TYR N   H2   sing N N 342 
TYR CA  C    sing N N 343 
TYR CA  CB   sing N N 344 
TYR CA  HA   sing N N 345 
TYR C   O    doub N N 346 
TYR C   OXT  sing N N 347 
TYR CB  CG   sing N N 348 
TYR CB  HB2  sing N N 349 
TYR CB  HB3  sing N N 350 
TYR CG  CD1  doub Y N 351 
TYR CG  CD2  sing Y N 352 
TYR CD1 CE1  sing Y N 353 
TYR CD1 HD1  sing N N 354 
TYR CD2 CE2  doub Y N 355 
TYR CD2 HD2  sing N N 356 
TYR CE1 CZ   doub Y N 357 
TYR CE1 HE1  sing N N 358 
TYR CE2 CZ   sing Y N 359 
TYR CE2 HE2  sing N N 360 
TYR CZ  OH   sing N N 361 
TYR OH  HH   sing N N 362 
TYR OXT HXT  sing N N 363 
VAL N   CA   sing N N 364 
VAL N   H    sing N N 365 
VAL N   H2   sing N N 366 
VAL CA  C    sing N N 367 
VAL CA  CB   sing N N 368 
VAL CA  HA   sing N N 369 
VAL C   O    doub N N 370 
VAL C   OXT  sing N N 371 
VAL CB  CG1  sing N N 372 
VAL CB  CG2  sing N N 373 
VAL CB  HB   sing N N 374 
VAL CG1 HG11 sing N N 375 
VAL CG1 HG12 sing N N 376 
VAL CG1 HG13 sing N N 377 
VAL CG2 HG21 sing N N 378 
VAL CG2 HG22 sing N N 379 
VAL CG2 HG23 sing N N 380 
VAL OXT HXT  sing N N 381 
# 
loop_
_pdbx_entity_nonpoly.entity_id 
_pdbx_entity_nonpoly.name 
_pdbx_entity_nonpoly.comp_id 
3 'ACETATE ION' ACT 
4 water         HOH 
# 
_pdbx_initial_refinement_model.id               1 
_pdbx_initial_refinement_model.entity_id_list   ? 
_pdbx_initial_refinement_model.type             'experimental model' 
_pdbx_initial_refinement_model.source_name      PDB 
_pdbx_initial_refinement_model.accession_code   1MTR 
_pdbx_initial_refinement_model.details          ? 
# 
